data_1EYL
# 
_entry.id   1EYL 
# 
_audit_conform.dict_name       mmcif_pdbx.dic 
_audit_conform.dict_version    5.397 
_audit_conform.dict_location   http://mmcif.pdb.org/dictionaries/ascii/mmcif_pdbx.dic 
# 
loop_
_database_2.database_id 
_database_2.database_code 
_database_2.pdbx_database_accession 
_database_2.pdbx_DOI 
PDB   1EYL         pdb_00001eyl 10.2210/pdb1eyl/pdb 
RCSB  RCSB011030   ?            ?                   
WWPDB D_1000011030 ?            ?                   
# 
loop_
_pdbx_audit_revision_history.ordinal 
_pdbx_audit_revision_history.data_content_type 
_pdbx_audit_revision_history.major_revision 
_pdbx_audit_revision_history.minor_revision 
_pdbx_audit_revision_history.revision_date 
1 'Structure model' 1 0 2000-05-24 
2 'Structure model' 1 1 2008-04-27 
3 'Structure model' 1 2 2011-07-13 
4 'Structure model' 1 3 2022-12-21 
5 'Structure model' 1 4 2024-10-16 
# 
_pdbx_audit_revision_details.ordinal             1 
_pdbx_audit_revision_details.revision_ordinal    1 
_pdbx_audit_revision_details.data_content_type   'Structure model' 
_pdbx_audit_revision_details.provider            repository 
_pdbx_audit_revision_details.type                'Initial release' 
_pdbx_audit_revision_details.description         ? 
_pdbx_audit_revision_details.details             ? 
# 
loop_
_pdbx_audit_revision_group.ordinal 
_pdbx_audit_revision_group.revision_ordinal 
_pdbx_audit_revision_group.data_content_type 
_pdbx_audit_revision_group.group 
1 2 'Structure model' 'Version format compliance' 
2 3 'Structure model' 'Derived calculations'      
3 3 'Structure model' 'Version format compliance' 
4 4 'Structure model' 'Database references'       
5 4 'Structure model' 'Derived calculations'      
6 5 'Structure model' 'Data collection'           
7 5 'Structure model' 'Structure summary'         
# 
loop_
_pdbx_audit_revision_category.ordinal 
_pdbx_audit_revision_category.revision_ordinal 
_pdbx_audit_revision_category.data_content_type 
_pdbx_audit_revision_category.category 
1 4 'Structure model' database_2                
2 4 'Structure model' struct_ref_seq_dif        
3 4 'Structure model' struct_sheet              
4 4 'Structure model' struct_site               
5 5 'Structure model' chem_comp_atom            
6 5 'Structure model' chem_comp_bond            
7 5 'Structure model' pdbx_entry_details        
8 5 'Structure model' pdbx_modification_feature 
# 
loop_
_pdbx_audit_revision_item.ordinal 
_pdbx_audit_revision_item.revision_ordinal 
_pdbx_audit_revision_item.data_content_type 
_pdbx_audit_revision_item.item 
1 4 'Structure model' '_database_2.pdbx_DOI'                
2 4 'Structure model' '_database_2.pdbx_database_accession' 
3 4 'Structure model' '_struct_ref_seq_dif.details'         
4 4 'Structure model' '_struct_sheet.number_strands'        
5 4 'Structure model' '_struct_site.pdbx_auth_asym_id'      
6 4 'Structure model' '_struct_site.pdbx_auth_comp_id'      
7 4 'Structure model' '_struct_site.pdbx_auth_seq_id'       
# 
_pdbx_database_status.status_code                     REL 
_pdbx_database_status.entry_id                        1EYL 
_pdbx_database_status.recvd_initial_deposition_date   2000-05-07 
_pdbx_database_status.deposit_site                    RCSB 
_pdbx_database_status.process_site                    RCSB 
_pdbx_database_status.status_code_sf                  REL 
_pdbx_database_status.SG_entry                        . 
_pdbx_database_status.pdb_format_compatible           Y 
_pdbx_database_status.status_code_mr                  ? 
_pdbx_database_status.status_code_cs                  ? 
_pdbx_database_status.status_code_nmr_data            ? 
_pdbx_database_status.methods_development_category    ? 
# 
_pdbx_database_related.db_name        PDB 
_pdbx_database_related.db_id          4WBC 
_pdbx_database_related.details        '4WBC contains the same protein in the native form' 
_pdbx_database_related.content_type   unspecified 
# 
loop_
_audit_author.name 
_audit_author.pdbx_ordinal 
'Dattagupta, J.K.' 1 
'Chakrabarti, C.'  2 
'Ravichandran, S.' 3 
'Ghosh, S.'        4 
# 
loop_
_citation.id 
_citation.title 
_citation.journal_abbrev 
_citation.journal_volume 
_citation.page_first 
_citation.page_last 
_citation.year 
_citation.journal_id_ASTM 
_citation.country 
_citation.journal_id_ISSN 
_citation.journal_id_CSD 
_citation.book_publisher 
_citation.pdbx_database_id_PubMed 
_citation.pdbx_database_id_DOI 
primary 
;The role of Asn14 in the stability and conformation of the reactive-site loop of winged bean chymotrypsin inhibitor: crystal structures of two point mutants Asn14-->Lys and Asn14-->Asp.
;
'Protein Eng.'             14 349  357  2001 PRENE9 UK 0269-2139 0859 ? 11438758 10.1093/protein/14.5.349 
1       
;Cryocrystallography of a Kunitz-type serine protease inhibitor: the 90 K structure of winged bean chymotrypsin inhibitor (WCI) at 2.13 A resolution
;
'Acta Crystallogr.,Sect.D' 55 1814 1821 1999 ABCRE6 DK 0907-4449 0766 ? ?        10.1107/S0907444999009877 
2       
;Refined Crystal Structure (2.3 A) of a Double-Headed Winged Bean alpha-Chymotrypsin Inhibitor and Location of Its Second Reactive Site
;
Proteins                   35 321  331  1999 PSFGEY US 0887-3585 0867 ? ?        
'10.1002/(SICI)1097-0134(19990515)35:3<321::AID-PROT6>3.3.CO;2-P' 
3       'cDNA Cloning, Expression, and Rapid Purification of a Kunitz-Type Winged Bean Chymotrypsin Inhibitor' 
'Protein Expr.Purif.'      10 100  106  1997 PEXPEJ US 1046-5928 0757 ? ?        10.1006/prep.1996.0707 
# 
loop_
_citation_author.citation_id 
_citation_author.name 
_citation_author.ordinal 
_citation_author.identifier_ORCID 
primary 'Ravichandran, S.' 1  ? 
primary 'Dasgupta, J.'     2  ? 
primary 'Chakrabarti, C.'  3  ? 
primary 'Ghosh, S.'        4  ? 
primary 'Singh, M.'        5  ? 
primary 'Dattagupta, J.K.' 6  ? 
1       'Ravichandran, S.' 7  ? 
1       'Sen, U.'          8  ? 
1       'Chakrabarti, C.'  9  ? 
1       'Dattagupta, J.K.' 10 ? 
2       'Dattagupta, J.K.' 11 ? 
2       'Podder, A.'       12 ? 
2       'Chakrabarti, C.'  13 ? 
2       'Sen, U.'          14 ? 
2       'Mukhopadhyay, D.' 15 ? 
2       'Dutta, S.K.'      16 ? 
2       'Singh, M.'        17 ? 
3       'Ghosh, S.'        18 ? 
3       'Singh, M.'        19 ? 
# 
loop_
_entity.id 
_entity.type 
_entity.src_method 
_entity.pdbx_description 
_entity.formula_weight 
_entity.pdbx_number_of_molecules 
_entity.pdbx_ec 
_entity.pdbx_mutation 
_entity.pdbx_fragment 
_entity.details 
1 polymer     man 'CHYMOTRYPSIN INHIBITOR' 20674.332 1   ? ? ? ? 
2 non-polymer syn 'SULFATE ION'            96.063    5   ? ? ? ? 
3 water       nat water                    18.015    190 ? ? ? ? 
# 
_entity_name_com.entity_id   1 
_entity_name_com.name        RWCI-3 
# 
_entity_poly.entity_id                      1 
_entity_poly.type                           'polypeptide(L)' 
_entity_poly.nstd_linkage                   no 
_entity_poly.nstd_monomer                   no 
_entity_poly.pdbx_seq_one_letter_code       
;MEFDDDLVDAEGNLVENGGTYYLLPHIWAHGGGIETAKTGNEPCPLTVVRSPNEVSKGEPIRISSQFLSLFIPRGSLVAL
GFANPPSCAASPWWTVVDSPQGPAVKLSQQKLPEKDILVFKFEKVSHSNIHVYKLLYCQHDEEDVKCDQYIGIHRDRNGN
RRLVVTEENPLELVLLKAKSETASSH
;
_entity_poly.pdbx_seq_one_letter_code_can   
;MEFDDDLVDAEGNLVENGGTYYLLPHIWAHGGGIETAKTGNEPCPLTVVRSPNEVSKGEPIRISSQFLSLFIPRGSLVAL
GFANPPSCAASPWWTVVDSPQGPAVKLSQQKLPEKDILVFKFEKVSHSNIHVYKLLYCQHDEEDVKCDQYIGIHRDRNGN
RRLVVTEENPLELVLLKAKSETASSH
;
_entity_poly.pdbx_strand_id                 A 
_entity_poly.pdbx_target_identifier         ? 
# 
loop_
_pdbx_entity_nonpoly.entity_id 
_pdbx_entity_nonpoly.name 
_pdbx_entity_nonpoly.comp_id 
2 'SULFATE ION' SO4 
3 water         HOH 
# 
loop_
_entity_poly_seq.entity_id 
_entity_poly_seq.num 
_entity_poly_seq.mon_id 
_entity_poly_seq.hetero 
1 1   MET n 
1 2   GLU n 
1 3   PHE n 
1 4   ASP n 
1 5   ASP n 
1 6   ASP n 
1 7   LEU n 
1 8   VAL n 
1 9   ASP n 
1 10  ALA n 
1 11  GLU n 
1 12  GLY n 
1 13  ASN n 
1 14  LEU n 
1 15  VAL n 
1 16  GLU n 
1 17  ASN n 
1 18  GLY n 
1 19  GLY n 
1 20  THR n 
1 21  TYR n 
1 22  TYR n 
1 23  LEU n 
1 24  LEU n 
1 25  PRO n 
1 26  HIS n 
1 27  ILE n 
1 28  TRP n 
1 29  ALA n 
1 30  HIS n 
1 31  GLY n 
1 32  GLY n 
1 33  GLY n 
1 34  ILE n 
1 35  GLU n 
1 36  THR n 
1 37  ALA n 
1 38  LYS n 
1 39  THR n 
1 40  GLY n 
1 41  ASN n 
1 42  GLU n 
1 43  PRO n 
1 44  CYS n 
1 45  PRO n 
1 46  LEU n 
1 47  THR n 
1 48  VAL n 
1 49  VAL n 
1 50  ARG n 
1 51  SER n 
1 52  PRO n 
1 53  ASN n 
1 54  GLU n 
1 55  VAL n 
1 56  SER n 
1 57  LYS n 
1 58  GLY n 
1 59  GLU n 
1 60  PRO n 
1 61  ILE n 
1 62  ARG n 
1 63  ILE n 
1 64  SER n 
1 65  SER n 
1 66  GLN n 
1 67  PHE n 
1 68  LEU n 
1 69  SER n 
1 70  LEU n 
1 71  PHE n 
1 72  ILE n 
1 73  PRO n 
1 74  ARG n 
1 75  GLY n 
1 76  SER n 
1 77  LEU n 
1 78  VAL n 
1 79  ALA n 
1 80  LEU n 
1 81  GLY n 
1 82  PHE n 
1 83  ALA n 
1 84  ASN n 
1 85  PRO n 
1 86  PRO n 
1 87  SER n 
1 88  CYS n 
1 89  ALA n 
1 90  ALA n 
1 91  SER n 
1 92  PRO n 
1 93  TRP n 
1 94  TRP n 
1 95  THR n 
1 96  VAL n 
1 97  VAL n 
1 98  ASP n 
1 99  SER n 
1 100 PRO n 
1 101 GLN n 
1 102 GLY n 
1 103 PRO n 
1 104 ALA n 
1 105 VAL n 
1 106 LYS n 
1 107 LEU n 
1 108 SER n 
1 109 GLN n 
1 110 GLN n 
1 111 LYS n 
1 112 LEU n 
1 113 PRO n 
1 114 GLU n 
1 115 LYS n 
1 116 ASP n 
1 117 ILE n 
1 118 LEU n 
1 119 VAL n 
1 120 PHE n 
1 121 LYS n 
1 122 PHE n 
1 123 GLU n 
1 124 LYS n 
1 125 VAL n 
1 126 SER n 
1 127 HIS n 
1 128 SER n 
1 129 ASN n 
1 130 ILE n 
1 131 HIS n 
1 132 VAL n 
1 133 TYR n 
1 134 LYS n 
1 135 LEU n 
1 136 LEU n 
1 137 TYR n 
1 138 CYS n 
1 139 GLN n 
1 140 HIS n 
1 141 ASP n 
1 142 GLU n 
1 143 GLU n 
1 144 ASP n 
1 145 VAL n 
1 146 LYS n 
1 147 CYS n 
1 148 ASP n 
1 149 GLN n 
1 150 TYR n 
1 151 ILE n 
1 152 GLY n 
1 153 ILE n 
1 154 HIS n 
1 155 ARG n 
1 156 ASP n 
1 157 ARG n 
1 158 ASN n 
1 159 GLY n 
1 160 ASN n 
1 161 ARG n 
1 162 ARG n 
1 163 LEU n 
1 164 VAL n 
1 165 VAL n 
1 166 THR n 
1 167 GLU n 
1 168 GLU n 
1 169 ASN n 
1 170 PRO n 
1 171 LEU n 
1 172 GLU n 
1 173 LEU n 
1 174 VAL n 
1 175 LEU n 
1 176 LEU n 
1 177 LYS n 
1 178 ALA n 
1 179 LYS n 
1 180 SER n 
1 181 GLU n 
1 182 THR n 
1 183 ALA n 
1 184 SER n 
1 185 SER n 
1 186 HIS n 
# 
_entity_src_gen.entity_id                          1 
_entity_src_gen.pdbx_src_id                        1 
_entity_src_gen.pdbx_alt_source_flag               sample 
_entity_src_gen.pdbx_seq_type                      ? 
_entity_src_gen.pdbx_beg_seq_num                   ? 
_entity_src_gen.pdbx_end_seq_num                   ? 
_entity_src_gen.gene_src_common_name               'winged bean' 
_entity_src_gen.gene_src_genus                     Psophocarpus 
_entity_src_gen.pdbx_gene_src_gene                 ? 
_entity_src_gen.gene_src_species                   ? 
_entity_src_gen.gene_src_strain                    ? 
_entity_src_gen.gene_src_tissue                    ? 
_entity_src_gen.gene_src_tissue_fraction           ? 
_entity_src_gen.gene_src_details                   ? 
_entity_src_gen.pdbx_gene_src_fragment             ? 
_entity_src_gen.pdbx_gene_src_scientific_name      'Psophocarpus tetragonolobus' 
_entity_src_gen.pdbx_gene_src_ncbi_taxonomy_id     3891 
_entity_src_gen.pdbx_gene_src_variant              ? 
_entity_src_gen.pdbx_gene_src_cell_line            ? 
_entity_src_gen.pdbx_gene_src_atcc                 ? 
_entity_src_gen.pdbx_gene_src_organ                SEED 
_entity_src_gen.pdbx_gene_src_organelle            ? 
_entity_src_gen.pdbx_gene_src_cell                 ? 
_entity_src_gen.pdbx_gene_src_cellular_location    ? 
_entity_src_gen.host_org_common_name               ? 
_entity_src_gen.pdbx_host_org_scientific_name      'Escherichia coli' 
_entity_src_gen.pdbx_host_org_ncbi_taxonomy_id     562 
_entity_src_gen.host_org_genus                     Escherichia 
_entity_src_gen.pdbx_host_org_gene                 ? 
_entity_src_gen.pdbx_host_org_organ                ? 
_entity_src_gen.host_org_species                   ? 
_entity_src_gen.pdbx_host_org_tissue               ? 
_entity_src_gen.pdbx_host_org_tissue_fraction      ? 
_entity_src_gen.pdbx_host_org_strain               ? 
_entity_src_gen.pdbx_host_org_variant              ? 
_entity_src_gen.pdbx_host_org_cell_line            ? 
_entity_src_gen.pdbx_host_org_atcc                 ? 
_entity_src_gen.pdbx_host_org_culture_collection   ? 
_entity_src_gen.pdbx_host_org_cell                 ? 
_entity_src_gen.pdbx_host_org_organelle            ? 
_entity_src_gen.pdbx_host_org_cellular_location    ? 
_entity_src_gen.pdbx_host_org_vector_type          PLASMID 
_entity_src_gen.pdbx_host_org_vector               ? 
_entity_src_gen.host_org_details                   ? 
_entity_src_gen.expression_system_id               ? 
_entity_src_gen.plasmid_name                       PTRC99A 
_entity_src_gen.plasmid_details                    ? 
_entity_src_gen.pdbx_description                   ? 
# 
loop_
_chem_comp.id 
_chem_comp.type 
_chem_comp.mon_nstd_flag 
_chem_comp.name 
_chem_comp.pdbx_synonyms 
_chem_comp.formula 
_chem_comp.formula_weight 
ALA 'L-peptide linking' y ALANINE         ? 'C3 H7 N O2'     89.093  
ARG 'L-peptide linking' y ARGININE        ? 'C6 H15 N4 O2 1' 175.209 
ASN 'L-peptide linking' y ASPARAGINE      ? 'C4 H8 N2 O3'    132.118 
ASP 'L-peptide linking' y 'ASPARTIC ACID' ? 'C4 H7 N O4'     133.103 
CYS 'L-peptide linking' y CYSTEINE        ? 'C3 H7 N O2 S'   121.158 
GLN 'L-peptide linking' y GLUTAMINE       ? 'C5 H10 N2 O3'   146.144 
GLU 'L-peptide linking' y 'GLUTAMIC ACID' ? 'C5 H9 N O4'     147.129 
GLY 'peptide linking'   y GLYCINE         ? 'C2 H5 N O2'     75.067  
HIS 'L-peptide linking' y HISTIDINE       ? 'C6 H10 N3 O2 1' 156.162 
HOH non-polymer         . WATER           ? 'H2 O'           18.015  
ILE 'L-peptide linking' y ISOLEUCINE      ? 'C6 H13 N O2'    131.173 
LEU 'L-peptide linking' y LEUCINE         ? 'C6 H13 N O2'    131.173 
LYS 'L-peptide linking' y LYSINE          ? 'C6 H15 N2 O2 1' 147.195 
MET 'L-peptide linking' y METHIONINE      ? 'C5 H11 N O2 S'  149.211 
PHE 'L-peptide linking' y PHENYLALANINE   ? 'C9 H11 N O2'    165.189 
PRO 'L-peptide linking' y PROLINE         ? 'C5 H9 N O2'     115.130 
SER 'L-peptide linking' y SERINE          ? 'C3 H7 N O3'     105.093 
SO4 non-polymer         . 'SULFATE ION'   ? 'O4 S -2'        96.063  
THR 'L-peptide linking' y THREONINE       ? 'C4 H9 N O3'     119.119 
TRP 'L-peptide linking' y TRYPTOPHAN      ? 'C11 H12 N2 O2'  204.225 
TYR 'L-peptide linking' y TYROSINE        ? 'C9 H11 N O3'    181.189 
VAL 'L-peptide linking' y VALINE          ? 'C5 H11 N O2'    117.146 
# 
loop_
_pdbx_poly_seq_scheme.asym_id 
_pdbx_poly_seq_scheme.entity_id 
_pdbx_poly_seq_scheme.seq_id 
_pdbx_poly_seq_scheme.mon_id 
_pdbx_poly_seq_scheme.ndb_seq_num 
_pdbx_poly_seq_scheme.pdb_seq_num 
_pdbx_poly_seq_scheme.auth_seq_num 
_pdbx_poly_seq_scheme.pdb_mon_id 
_pdbx_poly_seq_scheme.auth_mon_id 
_pdbx_poly_seq_scheme.pdb_strand_id 
_pdbx_poly_seq_scheme.pdb_ins_code 
_pdbx_poly_seq_scheme.hetero 
A 1 1   MET 1   1   ?   ?   ?   A . n 
A 1 2   GLU 2   2   2   GLU GLU A . n 
A 1 3   PHE 3   3   3   PHE PHE A . n 
A 1 4   ASP 4   4   4   ASP ASP A . n 
A 1 5   ASP 5   5   5   ASP ASP A . n 
A 1 6   ASP 6   6   6   ASP ASP A . n 
A 1 7   LEU 7   7   7   LEU LEU A . n 
A 1 8   VAL 8   8   8   VAL VAL A . n 
A 1 9   ASP 9   9   9   ASP ASP A . n 
A 1 10  ALA 10  10  10  ALA ALA A . n 
A 1 11  GLU 11  11  11  GLU GLU A . n 
A 1 12  GLY 12  12  12  GLY GLY A . n 
A 1 13  ASN 13  13  13  ASN ASN A . n 
A 1 14  LEU 14  14  14  LEU LEU A . n 
A 1 15  VAL 15  15  15  VAL VAL A . n 
A 1 16  GLU 16  16  16  GLU GLU A . n 
A 1 17  ASN 17  17  17  ASN ASN A . n 
A 1 18  GLY 18  18  18  GLY GLY A . n 
A 1 19  GLY 19  19  19  GLY GLY A . n 
A 1 20  THR 20  20  20  THR THR A . n 
A 1 21  TYR 21  21  21  TYR TYR A . n 
A 1 22  TYR 22  22  22  TYR TYR A . n 
A 1 23  LEU 23  23  23  LEU LEU A . n 
A 1 24  LEU 24  24  24  LEU LEU A . n 
A 1 25  PRO 25  25  25  PRO PRO A . n 
A 1 26  HIS 26  26  26  HIS HIS A . n 
A 1 27  ILE 27  27  27  ILE ILE A . n 
A 1 28  TRP 28  28  28  TRP TRP A . n 
A 1 29  ALA 29  29  29  ALA ALA A . n 
A 1 30  HIS 30  30  30  HIS HIS A . n 
A 1 31  GLY 31  31  31  GLY GLY A . n 
A 1 32  GLY 32  32  32  GLY GLY A . n 
A 1 33  GLY 33  33  33  GLY GLY A . n 
A 1 34  ILE 34  34  34  ILE ILE A . n 
A 1 35  GLU 35  35  35  GLU GLU A . n 
A 1 36  THR 36  36  36  THR THR A . n 
A 1 37  ALA 37  37  37  ALA ALA A . n 
A 1 38  LYS 38  38  38  LYS LYS A . n 
A 1 39  THR 39  39  39  THR THR A . n 
A 1 40  GLY 40  40  40  GLY GLY A . n 
A 1 41  ASN 41  41  41  ASN ASN A . n 
A 1 42  GLU 42  42  42  GLU GLU A . n 
A 1 43  PRO 43  43  43  PRO PRO A . n 
A 1 44  CYS 44  44  44  CYS CYS A . n 
A 1 45  PRO 45  45  45  PRO PRO A . n 
A 1 46  LEU 46  46  46  LEU LEU A . n 
A 1 47  THR 47  47  47  THR THR A . n 
A 1 48  VAL 48  48  48  VAL VAL A . n 
A 1 49  VAL 49  49  49  VAL VAL A . n 
A 1 50  ARG 50  50  50  ARG ARG A . n 
A 1 51  SER 51  51  51  SER SER A . n 
A 1 52  PRO 52  52  52  PRO PRO A . n 
A 1 53  ASN 53  53  53  ASN ASN A . n 
A 1 54  GLU 54  54  54  GLU GLU A . n 
A 1 55  VAL 55  55  55  VAL VAL A . n 
A 1 56  SER 56  56  56  SER SER A . n 
A 1 57  LYS 57  57  57  LYS LYS A . n 
A 1 58  GLY 58  58  58  GLY GLY A . n 
A 1 59  GLU 59  59  59  GLU GLU A . n 
A 1 60  PRO 60  60  60  PRO PRO A . n 
A 1 61  ILE 61  61  61  ILE ILE A . n 
A 1 62  ARG 62  62  62  ARG ARG A . n 
A 1 63  ILE 63  63  63  ILE ILE A . n 
A 1 64  SER 64  64  64  SER SER A . n 
A 1 65  SER 65  65  65  SER SER A . n 
A 1 66  GLN 66  66  66  GLN GLN A . n 
A 1 67  PHE 67  67  67  PHE PHE A . n 
A 1 68  LEU 68  68  68  LEU LEU A . n 
A 1 69  SER 69  69  69  SER SER A . n 
A 1 70  LEU 70  70  70  LEU LEU A . n 
A 1 71  PHE 71  71  71  PHE PHE A . n 
A 1 72  ILE 72  72  72  ILE ILE A . n 
A 1 73  PRO 73  73  73  PRO PRO A . n 
A 1 74  ARG 74  74  74  ARG ARG A . n 
A 1 75  GLY 75  75  75  GLY GLY A . n 
A 1 76  SER 76  76  76  SER SER A . n 
A 1 77  LEU 77  77  77  LEU LEU A . n 
A 1 78  VAL 78  78  78  VAL VAL A . n 
A 1 79  ALA 79  79  79  ALA ALA A . n 
A 1 80  LEU 80  80  80  LEU LEU A . n 
A 1 81  GLY 81  81  81  GLY GLY A . n 
A 1 82  PHE 82  82  82  PHE PHE A . n 
A 1 83  ALA 83  83  83  ALA ALA A . n 
A 1 84  ASN 84  84  84  ASN ASN A . n 
A 1 85  PRO 85  85  85  PRO PRO A . n 
A 1 86  PRO 86  86  86  PRO PRO A . n 
A 1 87  SER 87  87  87  SER SER A . n 
A 1 88  CYS 88  88  88  CYS CYS A . n 
A 1 89  ALA 89  89  89  ALA ALA A . n 
A 1 90  ALA 90  90  90  ALA ALA A . n 
A 1 91  SER 91  91  91  SER SER A . n 
A 1 92  PRO 92  92  92  PRO PRO A . n 
A 1 93  TRP 93  93  93  TRP TRP A . n 
A 1 94  TRP 94  94  94  TRP TRP A . n 
A 1 95  THR 95  95  95  THR THR A . n 
A 1 96  VAL 96  96  96  VAL VAL A . n 
A 1 97  VAL 97  97  97  VAL VAL A . n 
A 1 98  ASP 98  98  98  ASP ASP A . n 
A 1 99  SER 99  99  99  SER SER A . n 
A 1 100 PRO 100 100 100 PRO PRO A . n 
A 1 101 GLN 101 101 101 GLN GLN A . n 
A 1 102 GLY 102 102 102 GLY GLY A . n 
A 1 103 PRO 103 103 103 PRO PRO A . n 
A 1 104 ALA 104 104 104 ALA ALA A . n 
A 1 105 VAL 105 105 105 VAL VAL A . n 
A 1 106 LYS 106 106 106 LYS LYS A . n 
A 1 107 LEU 107 107 107 LEU LEU A . n 
A 1 108 SER 108 108 108 SER SER A . n 
A 1 109 GLN 109 109 109 GLN GLN A . n 
A 1 110 GLN 110 110 110 GLN GLN A . n 
A 1 111 LYS 111 111 111 LYS LYS A . n 
A 1 112 LEU 112 112 112 LEU LEU A . n 
A 1 113 PRO 113 113 113 PRO PRO A . n 
A 1 114 GLU 114 114 114 GLU GLU A . n 
A 1 115 LYS 115 115 115 LYS LYS A . n 
A 1 116 ASP 116 116 116 ASP ASP A . n 
A 1 117 ILE 117 117 117 ILE ILE A . n 
A 1 118 LEU 118 118 118 LEU LEU A . n 
A 1 119 VAL 119 119 119 VAL VAL A . n 
A 1 120 PHE 120 120 120 PHE PHE A . n 
A 1 121 LYS 121 121 121 LYS LYS A . n 
A 1 122 PHE 122 122 122 PHE PHE A . n 
A 1 123 GLU 123 123 123 GLU GLU A . n 
A 1 124 LYS 124 124 124 LYS LYS A . n 
A 1 125 VAL 125 125 125 VAL VAL A . n 
A 1 126 SER 126 126 126 SER SER A . n 
A 1 127 HIS 127 127 127 HIS HIS A . n 
A 1 128 SER 128 128 128 SER SER A . n 
A 1 129 ASN 129 129 129 ASN ASN A . n 
A 1 130 ILE 130 130 130 ILE ILE A . n 
A 1 131 HIS 131 131 131 HIS HIS A . n 
A 1 132 VAL 132 132 132 VAL VAL A . n 
A 1 133 TYR 133 133 133 TYR TYR A . n 
A 1 134 LYS 134 134 134 LYS LYS A . n 
A 1 135 LEU 135 135 135 LEU LEU A . n 
A 1 136 LEU 136 136 136 LEU LEU A . n 
A 1 137 TYR 137 137 137 TYR TYR A . n 
A 1 138 CYS 138 138 138 CYS CYS A . n 
A 1 139 GLN 139 139 139 GLN GLN A . n 
A 1 140 HIS 140 140 140 HIS HIS A . n 
A 1 141 ASP 141 141 141 ASP ASP A . n 
A 1 142 GLU 142 142 142 GLU GLU A . n 
A 1 143 GLU 143 143 143 GLU GLU A . n 
A 1 144 ASP 144 144 144 ASP ASP A . n 
A 1 145 VAL 145 145 145 VAL VAL A . n 
A 1 146 LYS 146 146 146 LYS LYS A . n 
A 1 147 CYS 147 147 147 CYS CYS A . n 
A 1 148 ASP 148 148 148 ASP ASP A . n 
A 1 149 GLN 149 149 149 GLN GLN A . n 
A 1 150 TYR 150 150 150 TYR TYR A . n 
A 1 151 ILE 151 151 151 ILE ILE A . n 
A 1 152 GLY 152 152 152 GLY GLY A . n 
A 1 153 ILE 153 153 153 ILE ILE A . n 
A 1 154 HIS 154 154 154 HIS HIS A . n 
A 1 155 ARG 155 155 155 ARG ARG A . n 
A 1 156 ASP 156 156 156 ASP ASP A . n 
A 1 157 ARG 157 157 157 ARG ARG A . n 
A 1 158 ASN 158 158 158 ASN ASN A . n 
A 1 159 GLY 159 159 159 GLY GLY A . n 
A 1 160 ASN 160 160 160 ASN ASN A . n 
A 1 161 ARG 161 161 161 ARG ARG A . n 
A 1 162 ARG 162 162 162 ARG ARG A . n 
A 1 163 LEU 163 163 163 LEU LEU A . n 
A 1 164 VAL 164 164 164 VAL VAL A . n 
A 1 165 VAL 165 165 165 VAL VAL A . n 
A 1 166 THR 166 166 166 THR THR A . n 
A 1 167 GLU 167 167 167 GLU GLU A . n 
A 1 168 GLU 168 168 168 GLU GLU A . n 
A 1 169 ASN 169 169 169 ASN ASN A . n 
A 1 170 PRO 170 170 170 PRO PRO A . n 
A 1 171 LEU 171 171 171 LEU LEU A . n 
A 1 172 GLU 172 172 172 GLU GLU A . n 
A 1 173 LEU 173 173 173 LEU LEU A . n 
A 1 174 VAL 174 174 174 VAL VAL A . n 
A 1 175 LEU 175 175 175 LEU LEU A . n 
A 1 176 LEU 176 176 176 LEU LEU A . n 
A 1 177 LYS 177 177 177 LYS LYS A . n 
A 1 178 ALA 178 178 178 ALA ALA A . n 
A 1 179 LYS 179 179 179 LYS LYS A . n 
A 1 180 SER 180 180 180 SER SER A . n 
A 1 181 GLU 181 181 ?   ?   ?   A . n 
A 1 182 THR 182 182 ?   ?   ?   A . n 
A 1 183 ALA 183 183 ?   ?   ?   A . n 
A 1 184 SER 184 184 ?   ?   ?   A . n 
A 1 185 SER 185 185 ?   ?   ?   A . n 
A 1 186 HIS 186 186 ?   ?   ?   A . n 
# 
loop_
_pdbx_nonpoly_scheme.asym_id 
_pdbx_nonpoly_scheme.entity_id 
_pdbx_nonpoly_scheme.mon_id 
_pdbx_nonpoly_scheme.ndb_seq_num 
_pdbx_nonpoly_scheme.pdb_seq_num 
_pdbx_nonpoly_scheme.auth_seq_num 
_pdbx_nonpoly_scheme.pdb_mon_id 
_pdbx_nonpoly_scheme.auth_mon_id 
_pdbx_nonpoly_scheme.pdb_strand_id 
_pdbx_nonpoly_scheme.pdb_ins_code 
B 2 SO4 1   900 900 SO4 SO4 A . 
C 2 SO4 1   901 901 SO4 SO4 A . 
D 2 SO4 1   902 902 SO4 SO4 A . 
E 2 SO4 1   903 903 SO4 SO4 A . 
F 2 SO4 1   904 904 SO4 SO4 A . 
G 3 HOH 1   201 201 HOH HOH A . 
G 3 HOH 2   202 202 HOH HOH A . 
G 3 HOH 3   203 203 HOH HOH A . 
G 3 HOH 4   204 204 HOH HOH A . 
G 3 HOH 5   205 205 HOH HOH A . 
G 3 HOH 6   206 206 HOH HOH A . 
G 3 HOH 7   207 207 HOH HOH A . 
G 3 HOH 8   208 208 HOH HOH A . 
G 3 HOH 9   209 209 HOH HOH A . 
G 3 HOH 10  210 210 HOH HOH A . 
G 3 HOH 11  211 211 HOH HOH A . 
G 3 HOH 12  212 212 HOH HOH A . 
G 3 HOH 13  213 213 HOH HOH A . 
G 3 HOH 14  214 214 HOH HOH A . 
G 3 HOH 15  215 215 HOH HOH A . 
G 3 HOH 16  216 216 HOH HOH A . 
G 3 HOH 17  217 217 HOH HOH A . 
G 3 HOH 18  218 218 HOH HOH A . 
G 3 HOH 19  219 219 HOH HOH A . 
G 3 HOH 20  220 220 HOH HOH A . 
G 3 HOH 21  221 221 HOH HOH A . 
G 3 HOH 22  222 222 HOH HOH A . 
G 3 HOH 23  223 223 HOH HOH A . 
G 3 HOH 24  224 224 HOH HOH A . 
G 3 HOH 25  225 225 HOH HOH A . 
G 3 HOH 26  226 226 HOH HOH A . 
G 3 HOH 27  227 227 HOH HOH A . 
G 3 HOH 28  228 228 HOH HOH A . 
G 3 HOH 29  229 229 HOH HOH A . 
G 3 HOH 30  230 230 HOH HOH A . 
G 3 HOH 31  231 231 HOH HOH A . 
G 3 HOH 32  232 232 HOH HOH A . 
G 3 HOH 33  233 233 HOH HOH A . 
G 3 HOH 34  234 234 HOH HOH A . 
G 3 HOH 35  235 235 HOH HOH A . 
G 3 HOH 36  236 236 HOH HOH A . 
G 3 HOH 37  237 237 HOH HOH A . 
G 3 HOH 38  238 238 HOH HOH A . 
G 3 HOH 39  239 239 HOH HOH A . 
G 3 HOH 40  240 240 HOH HOH A . 
G 3 HOH 41  241 241 HOH HOH A . 
G 3 HOH 42  242 242 HOH HOH A . 
G 3 HOH 43  243 243 HOH HOH A . 
G 3 HOH 44  244 244 HOH HOH A . 
G 3 HOH 45  245 245 HOH HOH A . 
G 3 HOH 46  246 246 HOH HOH A . 
G 3 HOH 47  247 247 HOH HOH A . 
G 3 HOH 48  248 248 HOH HOH A . 
G 3 HOH 49  249 249 HOH HOH A . 
G 3 HOH 50  250 250 HOH HOH A . 
G 3 HOH 51  251 251 HOH HOH A . 
G 3 HOH 52  252 252 HOH HOH A . 
G 3 HOH 53  253 253 HOH HOH A . 
G 3 HOH 54  254 254 HOH HOH A . 
G 3 HOH 55  255 255 HOH HOH A . 
G 3 HOH 56  256 256 HOH HOH A . 
G 3 HOH 57  257 257 HOH HOH A . 
G 3 HOH 58  258 258 HOH HOH A . 
G 3 HOH 59  259 259 HOH HOH A . 
G 3 HOH 60  260 260 HOH HOH A . 
G 3 HOH 61  261 261 HOH HOH A . 
G 3 HOH 62  262 262 HOH HOH A . 
G 3 HOH 63  263 263 HOH HOH A . 
G 3 HOH 64  264 264 HOH HOH A . 
G 3 HOH 65  265 265 HOH HOH A . 
G 3 HOH 66  266 266 HOH HOH A . 
G 3 HOH 67  267 267 HOH HOH A . 
G 3 HOH 68  268 268 HOH HOH A . 
G 3 HOH 69  269 269 HOH HOH A . 
G 3 HOH 70  270 270 HOH HOH A . 
G 3 HOH 71  271 271 HOH HOH A . 
G 3 HOH 72  272 272 HOH HOH A . 
G 3 HOH 73  273 273 HOH HOH A . 
G 3 HOH 74  274 274 HOH HOH A . 
G 3 HOH 75  275 275 HOH HOH A . 
G 3 HOH 76  276 276 HOH HOH A . 
G 3 HOH 77  277 277 HOH HOH A . 
G 3 HOH 78  278 278 HOH HOH A . 
G 3 HOH 79  279 279 HOH HOH A . 
G 3 HOH 80  280 280 HOH HOH A . 
G 3 HOH 81  281 281 HOH HOH A . 
G 3 HOH 82  282 282 HOH HOH A . 
G 3 HOH 83  283 283 HOH HOH A . 
G 3 HOH 84  284 284 HOH HOH A . 
G 3 HOH 85  285 285 HOH HOH A . 
G 3 HOH 86  286 286 HOH HOH A . 
G 3 HOH 87  287 287 HOH HOH A . 
G 3 HOH 88  288 288 HOH HOH A . 
G 3 HOH 89  289 289 HOH HOH A . 
G 3 HOH 90  290 290 HOH HOH A . 
G 3 HOH 91  291 291 HOH HOH A . 
G 3 HOH 92  292 292 HOH HOH A . 
G 3 HOH 93  293 293 HOH HOH A . 
G 3 HOH 94  294 294 HOH HOH A . 
G 3 HOH 95  295 295 HOH HOH A . 
G 3 HOH 96  296 296 HOH HOH A . 
G 3 HOH 97  297 297 HOH HOH A . 
G 3 HOH 98  298 298 HOH HOH A . 
G 3 HOH 99  299 299 HOH HOH A . 
G 3 HOH 100 300 300 HOH HOH A . 
G 3 HOH 101 301 301 HOH HOH A . 
G 3 HOH 102 302 302 HOH HOH A . 
G 3 HOH 103 303 303 HOH HOH A . 
G 3 HOH 104 304 304 HOH HOH A . 
G 3 HOH 105 305 305 HOH HOH A . 
G 3 HOH 106 306 306 HOH HOH A . 
G 3 HOH 107 307 307 HOH HOH A . 
G 3 HOH 108 308 308 HOH HOH A . 
G 3 HOH 109 309 309 HOH HOH A . 
G 3 HOH 110 310 310 HOH HOH A . 
G 3 HOH 111 311 311 HOH HOH A . 
G 3 HOH 112 312 312 HOH HOH A . 
G 3 HOH 113 313 313 HOH HOH A . 
G 3 HOH 114 314 314 HOH HOH A . 
G 3 HOH 115 315 315 HOH HOH A . 
G 3 HOH 116 316 316 HOH HOH A . 
G 3 HOH 117 317 317 HOH HOH A . 
G 3 HOH 118 318 318 HOH HOH A . 
G 3 HOH 119 319 319 HOH HOH A . 
G 3 HOH 120 320 320 HOH HOH A . 
G 3 HOH 121 321 321 HOH HOH A . 
G 3 HOH 122 322 322 HOH HOH A . 
G 3 HOH 123 323 323 HOH HOH A . 
G 3 HOH 124 324 324 HOH HOH A . 
G 3 HOH 125 325 325 HOH HOH A . 
G 3 HOH 126 326 326 HOH HOH A . 
G 3 HOH 127 327 327 HOH HOH A . 
G 3 HOH 128 328 328 HOH HOH A . 
G 3 HOH 129 329 329 HOH HOH A . 
G 3 HOH 130 330 330 HOH HOH A . 
G 3 HOH 131 331 331 HOH HOH A . 
G 3 HOH 132 332 332 HOH HOH A . 
G 3 HOH 133 333 333 HOH HOH A . 
G 3 HOH 134 334 334 HOH HOH A . 
G 3 HOH 135 335 335 HOH HOH A . 
G 3 HOH 136 336 336 HOH HOH A . 
G 3 HOH 137 337 337 HOH HOH A . 
G 3 HOH 138 338 338 HOH HOH A . 
G 3 HOH 139 339 339 HOH HOH A . 
G 3 HOH 140 340 340 HOH HOH A . 
G 3 HOH 141 341 341 HOH HOH A . 
G 3 HOH 142 342 342 HOH HOH A . 
G 3 HOH 143 343 343 HOH HOH A . 
G 3 HOH 144 344 344 HOH HOH A . 
G 3 HOH 145 345 345 HOH HOH A . 
G 3 HOH 146 346 346 HOH HOH A . 
G 3 HOH 147 347 347 HOH HOH A . 
G 3 HOH 148 348 348 HOH HOH A . 
G 3 HOH 149 349 349 HOH HOH A . 
G 3 HOH 150 350 350 HOH HOH A . 
G 3 HOH 151 351 351 HOH HOH A . 
G 3 HOH 152 352 352 HOH HOH A . 
G 3 HOH 153 353 353 HOH HOH A . 
G 3 HOH 154 354 354 HOH HOH A . 
G 3 HOH 155 355 355 HOH HOH A . 
G 3 HOH 156 356 356 HOH HOH A . 
G 3 HOH 157 357 357 HOH HOH A . 
G 3 HOH 158 358 358 HOH HOH A . 
G 3 HOH 159 359 359 HOH HOH A . 
G 3 HOH 160 360 360 HOH HOH A . 
G 3 HOH 161 361 361 HOH HOH A . 
G 3 HOH 162 362 362 HOH HOH A . 
G 3 HOH 163 363 363 HOH HOH A . 
G 3 HOH 164 364 364 HOH HOH A . 
G 3 HOH 165 365 365 HOH HOH A . 
G 3 HOH 166 366 366 HOH HOH A . 
G 3 HOH 167 367 367 HOH HOH A . 
G 3 HOH 168 368 368 HOH HOH A . 
G 3 HOH 169 369 369 HOH HOH A . 
G 3 HOH 170 370 370 HOH HOH A . 
G 3 HOH 171 371 371 HOH HOH A . 
G 3 HOH 172 372 372 HOH HOH A . 
G 3 HOH 173 373 373 HOH HOH A . 
G 3 HOH 174 374 374 HOH HOH A . 
G 3 HOH 175 375 375 HOH HOH A . 
G 3 HOH 176 376 376 HOH HOH A . 
G 3 HOH 177 377 377 HOH HOH A . 
G 3 HOH 178 378 378 HOH HOH A . 
G 3 HOH 179 379 379 HOH HOH A . 
G 3 HOH 180 380 380 HOH HOH A . 
G 3 HOH 181 381 381 HOH HOH A . 
G 3 HOH 182 382 382 HOH HOH A . 
G 3 HOH 183 383 383 HOH HOH A . 
G 3 HOH 184 384 384 HOH HOH A . 
G 3 HOH 185 385 385 HOH HOH A . 
G 3 HOH 186 386 386 HOH HOH A . 
G 3 HOH 187 387 387 HOH HOH A . 
G 3 HOH 188 388 388 HOH HOH A . 
G 3 HOH 189 389 389 HOH HOH A . 
G 3 HOH 190 501 501 HOH HOH A . 
# 
loop_
_pdbx_unobs_or_zero_occ_atoms.id 
_pdbx_unobs_or_zero_occ_atoms.PDB_model_num 
_pdbx_unobs_or_zero_occ_atoms.polymer_flag 
_pdbx_unobs_or_zero_occ_atoms.occupancy_flag 
_pdbx_unobs_or_zero_occ_atoms.auth_asym_id 
_pdbx_unobs_or_zero_occ_atoms.auth_comp_id 
_pdbx_unobs_or_zero_occ_atoms.auth_seq_id 
_pdbx_unobs_or_zero_occ_atoms.PDB_ins_code 
_pdbx_unobs_or_zero_occ_atoms.auth_atom_id 
_pdbx_unobs_or_zero_occ_atoms.label_alt_id 
_pdbx_unobs_or_zero_occ_atoms.label_asym_id 
_pdbx_unobs_or_zero_occ_atoms.label_comp_id 
_pdbx_unobs_or_zero_occ_atoms.label_seq_id 
_pdbx_unobs_or_zero_occ_atoms.label_atom_id 
1 1 Y 1 A GLU 2 ? CG  ? A GLU 2 CG  
2 1 Y 1 A GLU 2 ? CD  ? A GLU 2 CD  
3 1 Y 1 A GLU 2 ? OE1 ? A GLU 2 OE1 
4 1 Y 1 A GLU 2 ? OE2 ? A GLU 2 OE2 
# 
loop_
_software.name 
_software.classification 
_software.version 
_software.citation_id 
_software.pdbx_ordinal 
MOSFLM 'data reduction' .         ? 1 
SCALA  'data scaling'   .         ? 2 
CNS    refinement       .         ? 3 
REFMAC refinement       .         ? 4 
CCP4   'data scaling'   '(SCALA)' ? 5 
CNS    phasing          .         ? 6 
# 
_cell.entry_id           1EYL 
_cell.length_a           60.760 
_cell.length_b           60.760 
_cell.length_c           208.440 
_cell.angle_alpha        90.00 
_cell.angle_beta         90.00 
_cell.angle_gamma        120.00 
_cell.Z_PDB              12 
_cell.pdbx_unique_axis   ? 
# 
_symmetry.entry_id                         1EYL 
_symmetry.space_group_name_H-M             'P 61 2 2' 
_symmetry.pdbx_full_space_group_name_H-M   ? 
_symmetry.cell_setting                     ? 
_symmetry.Int_Tables_number                178 
# 
_exptl.entry_id          1EYL 
_exptl.method            'X-RAY DIFFRACTION' 
_exptl.crystals_number   1 
# 
_exptl_crystal.id                    1 
_exptl_crystal.density_meas          ? 
_exptl_crystal.density_percent_sol   54.18 
_exptl_crystal.density_Matthews      2.68 
_exptl_crystal.description           ? 
# 
_exptl_crystal_grow.crystal_id      1 
_exptl_crystal_grow.method          'VAPOR DIFFUSION' 
_exptl_crystal_grow.pH              5.4 
_exptl_crystal_grow.temp            277.0 
_exptl_crystal_grow.temp_details    ? 
_exptl_crystal_grow.pdbx_details    'ammonium sulfate, sodium acetate, pH 5.4, VAPOR DIFFUSION, temperature 277.0K' 
_exptl_crystal_grow.pdbx_pH_range   ? 
# 
_diffrn.id                     1 
_diffrn.ambient_temp           100.0 
_diffrn.ambient_temp_details   ? 
_diffrn.crystal_id             1 
# 
_diffrn_detector.diffrn_id              1 
_diffrn_detector.detector               CCD 
_diffrn_detector.type                   MARRESEARCH 
_diffrn_detector.pdbx_collection_date   1998-07-17 
_diffrn_detector.details                ? 
# 
_diffrn_radiation.diffrn_id                        1 
_diffrn_radiation.wavelength_id                    1 
_diffrn_radiation.monochromator                    ? 
_diffrn_radiation.pdbx_monochromatic_or_laue_m_l   M 
_diffrn_radiation.pdbx_diffrn_protocol             'SINGLE WAVELENGTH' 
_diffrn_radiation.pdbx_scattering_type             x-ray 
# 
_diffrn_radiation_wavelength.id           1 
_diffrn_radiation_wavelength.wavelength   0.934 
_diffrn_radiation_wavelength.wt           1.0 
# 
_diffrn_source.diffrn_id                   1 
_diffrn_source.source                      SYNCHROTRON 
_diffrn_source.type                        'ESRF BEAMLINE ID14-4' 
_diffrn_source.pdbx_wavelength             0.934 
_diffrn_source.pdbx_synchrotron_site       ESRF 
_diffrn_source.pdbx_synchrotron_beamline   ID14-4 
_diffrn_source.pdbx_wavelength_list        ? 
# 
_reflns.entry_id                     1EYL 
_reflns.observed_criterion_sigma_I   1.5 
_reflns.observed_criterion_sigma_F   1.5 
_reflns.d_resolution_low             25.0 
_reflns.d_resolution_high            1.9 
_reflns.number_obs                   18807 
_reflns.number_all                   124633 
_reflns.percent_possible_obs         99.7 
_reflns.pdbx_Rmerge_I_obs            0.056 
_reflns.pdbx_Rsym_value              ? 
_reflns.pdbx_netI_over_sigmaI        6.7 
_reflns.B_iso_Wilson_estimate        26.8 
_reflns.pdbx_redundancy              6.6 
_reflns.R_free_details               ? 
_reflns.limit_h_max                  ? 
_reflns.limit_h_min                  ? 
_reflns.limit_k_max                  ? 
_reflns.limit_k_min                  ? 
_reflns.limit_l_max                  ? 
_reflns.limit_l_min                  ? 
_reflns.observed_criterion_F_max     ? 
_reflns.observed_criterion_F_min     ? 
_reflns.pdbx_ordinal                 1 
_reflns.pdbx_diffrn_id               1 
# 
_reflns_shell.d_res_high             1.90 
_reflns_shell.d_res_low              2.00 
_reflns_shell.percent_possible_obs   ? 
_reflns_shell.percent_possible_all   99.5 
_reflns_shell.Rmerge_I_obs           0.202 
_reflns_shell.meanI_over_sigI_obs    ? 
_reflns_shell.pdbx_Rsym_value        ? 
_reflns_shell.pdbx_redundancy        6.0 
_reflns_shell.number_unique_all      2649 
_reflns_shell.pdbx_ordinal           1 
_reflns_shell.pdbx_diffrn_id         1 
# 
_refine.entry_id                                 1EYL 
_refine.ls_number_reflns_obs                     18701 
_refine.ls_number_reflns_all                     18725 
_refine.pdbx_ls_sigma_I                          0.0 
_refine.pdbx_ls_sigma_F                          0.0 
_refine.pdbx_data_cutoff_high_absF               ? 
_refine.pdbx_data_cutoff_low_absF                ? 
_refine.ls_d_res_low                             10.0 
_refine.ls_d_res_high                            1.90 
_refine.ls_percent_reflns_obs                    99.4 
_refine.ls_R_factor_obs                          0.233 
_refine.ls_R_factor_all                          0.233 
_refine.ls_R_factor_R_work                       0.195 
_refine.ls_R_factor_R_free                       0.246 
_refine.ls_R_factor_R_free_error                 ? 
_refine.ls_R_factor_R_free_error_details         ? 
_refine.ls_percent_reflns_R_free                 ? 
_refine.ls_number_reflns_R_free                  1876 
_refine.ls_number_parameters                     ? 
_refine.ls_number_restraints                     ? 
_refine.occupancy_min                            ? 
_refine.occupancy_max                            ? 
_refine.B_iso_mean                               ? 
_refine.aniso_B[1][1]                            ? 
_refine.aniso_B[2][2]                            ? 
_refine.aniso_B[3][3]                            ? 
_refine.aniso_B[1][2]                            ? 
_refine.aniso_B[1][3]                            ? 
_refine.aniso_B[2][3]                            ? 
_refine.solvent_model_details                    ? 
_refine.solvent_model_param_ksol                 ? 
_refine.solvent_model_param_bsol                 ? 
_refine.pdbx_ls_cross_valid_method               ? 
_refine.details                                  'Used maximum likelihood (MLK) target function.' 
_refine.pdbx_starting_model                      ? 
_refine.pdbx_method_to_determine_struct          ? 
_refine.pdbx_isotropic_thermal_model             ? 
_refine.pdbx_stereochemistry_target_values       'Engh & Huber' 
_refine.pdbx_stereochem_target_val_spec_case     ? 
_refine.pdbx_R_Free_selection_details            RANDOM 
_refine.pdbx_overall_ESU_R_Free                  ? 
_refine.overall_SU_B                             ? 
_refine.ls_redundancy_reflns_obs                 ? 
_refine.B_iso_min                                ? 
_refine.B_iso_max                                ? 
_refine.overall_SU_ML                            ? 
_refine.pdbx_overall_ESU_R                       ? 
_refine.pdbx_data_cutoff_high_rms_absF           ? 
_refine.correlation_coeff_Fo_to_Fc               ? 
_refine.correlation_coeff_Fo_to_Fc_free          ? 
_refine.overall_SU_R_Cruickshank_DPI             ? 
_refine.overall_SU_R_free                        ? 
_refine.pdbx_refine_id                           'X-RAY DIFFRACTION' 
_refine.pdbx_diffrn_id                           1 
_refine.pdbx_TLS_residual_ADP_flag               ? 
_refine.pdbx_solvent_vdw_probe_radii             ? 
_refine.pdbx_solvent_ion_probe_radii             ? 
_refine.pdbx_solvent_shrinkage_radii             ? 
_refine.pdbx_overall_phase_error                 ? 
_refine.pdbx_overall_SU_R_free_Cruickshank_DPI   ? 
_refine.pdbx_overall_SU_R_Blow_DPI               ? 
_refine.pdbx_overall_SU_R_free_Blow_DPI          ? 
# 
_refine_hist.pdbx_refine_id                   'X-RAY DIFFRACTION' 
_refine_hist.cycle_id                         LAST 
_refine_hist.pdbx_number_atoms_protein        1400 
_refine_hist.pdbx_number_atoms_nucleic_acid   0 
_refine_hist.pdbx_number_atoms_ligand         25 
_refine_hist.number_atoms_solvent             190 
_refine_hist.number_atoms_total               1615 
_refine_hist.d_res_high                       1.90 
_refine_hist.d_res_low                        10.0 
# 
loop_
_refine_ls_restr.type 
_refine_ls_restr.dev_ideal 
_refine_ls_restr.dev_ideal_target 
_refine_ls_restr.weight 
_refine_ls_restr.number 
_refine_ls_restr.pdbx_refine_id 
_refine_ls_restr.pdbx_restraint_function 
o_bond_d    0.010 ? ? ? 'X-RAY DIFFRACTION' ? 
o_angle_deg 0.023 ? ? ? 'X-RAY DIFFRACTION' ? 
# 
_struct.entry_id                  1EYL 
_struct.title                     'STRUCTURE OF A RECOMBINANT WINGED BEAN CHYMOTRYPSIN INHIBITOR' 
_struct.pdbx_model_details        ? 
_struct.pdbx_CASP_flag            ? 
_struct.pdbx_model_type_details   ? 
# 
_struct_keywords.entry_id        1EYL 
_struct_keywords.pdbx_keywords   'HYDROLASE INHIBITOR' 
_struct_keywords.text            'BETA TREFOIL, HYDROLASE INHIBITOR' 
# 
loop_
_struct_asym.id 
_struct_asym.pdbx_blank_PDB_chainid_flag 
_struct_asym.pdbx_modified 
_struct_asym.entity_id 
_struct_asym.details 
A N N 1 ? 
B N N 2 ? 
C N N 2 ? 
D N N 2 ? 
E N N 2 ? 
F N N 2 ? 
G N N 3 ? 
# 
_struct_ref.id                         1 
_struct_ref.db_code                    ICW3_PSOTE 
_struct_ref.db_name                    UNP 
_struct_ref.entity_id                  1 
_struct_ref.pdbx_db_accession          P10822 
_struct_ref.pdbx_align_begin           25 
_struct_ref.pdbx_seq_one_letter_code   
;DDDLVDAEGNLVENGGTYYLLPHIWAHGGGIETAKTGNEPCPLTVVRSPNEVSKGEPIRISSQFLSLFIPRGSLVALGFA
NPPSCAASPWWTVVDSPQGPAVKLSQQKLPEKDILVFKFEKVSHSNIHVYKLLYCQHDEEDVKCDQYIGIHRDRNGNRRL
VVTEENPLELVLLKAKSETASSH
;
_struct_ref.pdbx_db_isoform            ? 
# 
_struct_ref_seq.align_id                      1 
_struct_ref_seq.ref_id                        1 
_struct_ref_seq.pdbx_PDB_id_code              1EYL 
_struct_ref_seq.pdbx_strand_id                A 
_struct_ref_seq.seq_align_beg                 4 
_struct_ref_seq.pdbx_seq_align_beg_ins_code   ? 
_struct_ref_seq.seq_align_end                 186 
_struct_ref_seq.pdbx_seq_align_end_ins_code   ? 
_struct_ref_seq.pdbx_db_accession             P10822 
_struct_ref_seq.db_align_beg                  25 
_struct_ref_seq.pdbx_db_align_beg_ins_code    ? 
_struct_ref_seq.db_align_end                  207 
_struct_ref_seq.pdbx_db_align_end_ins_code    ? 
_struct_ref_seq.pdbx_auth_seq_align_beg       4 
_struct_ref_seq.pdbx_auth_seq_align_end       186 
# 
loop_
_struct_ref_seq_dif.align_id 
_struct_ref_seq_dif.pdbx_pdb_id_code 
_struct_ref_seq_dif.mon_id 
_struct_ref_seq_dif.pdbx_pdb_strand_id 
_struct_ref_seq_dif.seq_num 
_struct_ref_seq_dif.pdbx_pdb_ins_code 
_struct_ref_seq_dif.pdbx_seq_db_name 
_struct_ref_seq_dif.pdbx_seq_db_accession_code 
_struct_ref_seq_dif.db_mon_id 
_struct_ref_seq_dif.pdbx_seq_db_seq_num 
_struct_ref_seq_dif.details 
_struct_ref_seq_dif.pdbx_auth_seq_num 
_struct_ref_seq_dif.pdbx_ordinal 
1 1EYL MET A 1 ? UNP P10822 ? ? 'cloning artifact' 1 1 
1 1EYL GLU A 2 ? UNP P10822 ? ? 'cloning artifact' 2 2 
1 1EYL PHE A 3 ? UNP P10822 ? ? 'cloning artifact' 3 3 
# 
loop_
_pdbx_struct_assembly.id 
_pdbx_struct_assembly.details 
_pdbx_struct_assembly.method_details 
_pdbx_struct_assembly.oligomeric_details 
_pdbx_struct_assembly.oligomeric_count 
1 author_and_software_defined_assembly PQS  monomeric 1 
2 software_defined_assembly            PISA dimeric   2 
3 software_defined_assembly            PISA dimeric   2 
# 
loop_
_pdbx_struct_assembly_prop.biol_id 
_pdbx_struct_assembly_prop.type 
_pdbx_struct_assembly_prop.value 
_pdbx_struct_assembly_prop.details 
2 'ABSA (A^2)' 3080  ? 
2 MORE         -167  ? 
2 'SSA (A^2)'  18470 ? 
3 'ABSA (A^2)' 2960  ? 
3 MORE         -155  ? 
3 'SSA (A^2)'  18580 ? 
# 
loop_
_pdbx_struct_assembly_gen.assembly_id 
_pdbx_struct_assembly_gen.oper_expression 
_pdbx_struct_assembly_gen.asym_id_list 
1 1   A,B,C,D,E,F,G 
2 1,2 A,B,C,D,E,F,G 
3 1,3 A,B,C,D,E,F,G 
# 
loop_
_pdbx_struct_oper_list.id 
_pdbx_struct_oper_list.type 
_pdbx_struct_oper_list.name 
_pdbx_struct_oper_list.symmetry_operation 
_pdbx_struct_oper_list.matrix[1][1] 
_pdbx_struct_oper_list.matrix[1][2] 
_pdbx_struct_oper_list.matrix[1][3] 
_pdbx_struct_oper_list.vector[1] 
_pdbx_struct_oper_list.matrix[2][1] 
_pdbx_struct_oper_list.matrix[2][2] 
_pdbx_struct_oper_list.matrix[2][3] 
_pdbx_struct_oper_list.vector[2] 
_pdbx_struct_oper_list.matrix[3][1] 
_pdbx_struct_oper_list.matrix[3][2] 
_pdbx_struct_oper_list.matrix[3][3] 
_pdbx_struct_oper_list.vector[3] 
1 'identity operation'         1_555  x,y,z          1.0000000000  0.0000000000 0.0000000000  0.0000000000   0.0000000000 1.0000000000 0.0000000000  0.0000000000   0.0000000000  0.0000000000  1.0000000000  0.0000000000   
2 'crystal symmetry operation' 12_545 x,x-y-1,-z+1/6 -0.8124138798 0.5830646651 -0.0043913794 38.6666036995  0.5830646651 0.8123110779 -0.0136495075 -12.4381116449 -0.0043913794 -0.0136495075 -0.9998971981 0.2492993680   
3 'crystal symmetry operation' 8_435  x-y-1,-y-2,-z  -0.9995785292 0.0261836030 -0.0125372626 -19.8429942588 0.0261836030 0.6266394274 -0.7788693388 -11.3303381871 -0.0125372626 -0.7788693388 -0.6270608982 -24.3300576374  
# 
_struct_biol.id                    1 
_struct_biol.details               'The biological assembly is a monomer constructed from chain A' 
_struct_biol.pdbx_parent_biol_id   ? 
# 
loop_
_struct_conf.conf_type_id 
_struct_conf.id 
_struct_conf.pdbx_PDB_helix_id 
_struct_conf.beg_label_comp_id 
_struct_conf.beg_label_asym_id 
_struct_conf.beg_label_seq_id 
_struct_conf.pdbx_beg_PDB_ins_code 
_struct_conf.end_label_comp_id 
_struct_conf.end_label_asym_id 
_struct_conf.end_label_seq_id 
_struct_conf.pdbx_end_PDB_ins_code 
_struct_conf.beg_auth_comp_id 
_struct_conf.beg_auth_asym_id 
_struct_conf.beg_auth_seq_id 
_struct_conf.end_auth_comp_id 
_struct_conf.end_auth_asym_id 
_struct_conf.end_auth_seq_id 
_struct_conf.pdbx_PDB_helix_class 
_struct_conf.details 
_struct_conf.pdbx_PDB_helix_length 
HELX_P HELX_P1 1 ILE A 27  ? GLY A 31  ? ILE A 27  GLY A 31  5 ? 5 
HELX_P HELX_P2 2 PRO A 113 ? ILE A 117 ? PRO A 113 ILE A 117 5 ? 5 
# 
_struct_conf_type.id          HELX_P 
_struct_conf_type.criteria    ? 
_struct_conf_type.reference   ? 
# 
loop_
_struct_conn.id 
_struct_conn.conn_type_id 
_struct_conn.pdbx_leaving_atom_flag 
_struct_conn.pdbx_PDB_id 
_struct_conn.ptnr1_label_asym_id 
_struct_conn.ptnr1_label_comp_id 
_struct_conn.ptnr1_label_seq_id 
_struct_conn.ptnr1_label_atom_id 
_struct_conn.pdbx_ptnr1_label_alt_id 
_struct_conn.pdbx_ptnr1_PDB_ins_code 
_struct_conn.pdbx_ptnr1_standard_comp_id 
_struct_conn.ptnr1_symmetry 
_struct_conn.ptnr2_label_asym_id 
_struct_conn.ptnr2_label_comp_id 
_struct_conn.ptnr2_label_seq_id 
_struct_conn.ptnr2_label_atom_id 
_struct_conn.pdbx_ptnr2_label_alt_id 
_struct_conn.pdbx_ptnr2_PDB_ins_code 
_struct_conn.ptnr1_auth_asym_id 
_struct_conn.ptnr1_auth_comp_id 
_struct_conn.ptnr1_auth_seq_id 
_struct_conn.ptnr2_auth_asym_id 
_struct_conn.ptnr2_auth_comp_id 
_struct_conn.ptnr2_auth_seq_id 
_struct_conn.ptnr2_symmetry 
_struct_conn.pdbx_ptnr3_label_atom_id 
_struct_conn.pdbx_ptnr3_label_seq_id 
_struct_conn.pdbx_ptnr3_label_comp_id 
_struct_conn.pdbx_ptnr3_label_asym_id 
_struct_conn.pdbx_ptnr3_label_alt_id 
_struct_conn.pdbx_ptnr3_PDB_ins_code 
_struct_conn.details 
_struct_conn.pdbx_dist_value 
_struct_conn.pdbx_value_order 
_struct_conn.pdbx_role 
disulf1 disulf ? ? A CYS 44  SG ? ? ? 1_555 A CYS 88  SG ? ? A CYS 44  A CYS 88  1_555 ? ? ? ? ? ? ? 2.007 ? ? 
disulf2 disulf ? ? A CYS 138 SG ? ? ? 1_555 A CYS 147 SG ? ? A CYS 138 A CYS 147 1_555 ? ? ? ? ? ? ? 2.041 ? ? 
# 
_struct_conn_type.id          disulf 
_struct_conn_type.criteria    ? 
_struct_conn_type.reference   ? 
# 
loop_
_pdbx_modification_feature.ordinal 
_pdbx_modification_feature.label_comp_id 
_pdbx_modification_feature.label_asym_id 
_pdbx_modification_feature.label_seq_id 
_pdbx_modification_feature.label_alt_id 
_pdbx_modification_feature.modified_residue_label_comp_id 
_pdbx_modification_feature.modified_residue_label_asym_id 
_pdbx_modification_feature.modified_residue_label_seq_id 
_pdbx_modification_feature.modified_residue_label_alt_id 
_pdbx_modification_feature.auth_comp_id 
_pdbx_modification_feature.auth_asym_id 
_pdbx_modification_feature.auth_seq_id 
_pdbx_modification_feature.PDB_ins_code 
_pdbx_modification_feature.symmetry 
_pdbx_modification_feature.modified_residue_auth_comp_id 
_pdbx_modification_feature.modified_residue_auth_asym_id 
_pdbx_modification_feature.modified_residue_auth_seq_id 
_pdbx_modification_feature.modified_residue_PDB_ins_code 
_pdbx_modification_feature.modified_residue_symmetry 
_pdbx_modification_feature.comp_id_linking_atom 
_pdbx_modification_feature.modified_residue_id_linking_atom 
_pdbx_modification_feature.modified_residue_id 
_pdbx_modification_feature.ref_pcm_id 
_pdbx_modification_feature.ref_comp_id 
_pdbx_modification_feature.type 
_pdbx_modification_feature.category 
1 CYS A 44  ? CYS A 88  ? CYS A 44  ? 1_555 CYS A 88  ? 1_555 SG SG . . . None 'Disulfide bridge' 
2 CYS A 138 ? CYS A 147 ? CYS A 138 ? 1_555 CYS A 147 ? 1_555 SG SG . . . None 'Disulfide bridge' 
# 
_struct_sheet.id               A 
_struct_sheet.type             ? 
_struct_sheet.number_strands   12 
_struct_sheet.details          ? 
# 
loop_
_struct_sheet_order.sheet_id 
_struct_sheet_order.range_id_1 
_struct_sheet_order.range_id_2 
_struct_sheet_order.offset 
_struct_sheet_order.sense 
A 1  2  ? anti-parallel 
A 3  4  ? anti-parallel 
A 4  5  ? anti-parallel 
A 5  6  ? anti-parallel 
A 6  7  ? anti-parallel 
A 7  8  ? anti-parallel 
A 8  9  ? anti-parallel 
A 10 11 ? anti-parallel 
A 11 12 ? anti-parallel 
# 
loop_
_struct_sheet_range.sheet_id 
_struct_sheet_range.id 
_struct_sheet_range.beg_label_comp_id 
_struct_sheet_range.beg_label_asym_id 
_struct_sheet_range.beg_label_seq_id 
_struct_sheet_range.pdbx_beg_PDB_ins_code 
_struct_sheet_range.end_label_comp_id 
_struct_sheet_range.end_label_asym_id 
_struct_sheet_range.end_label_seq_id 
_struct_sheet_range.pdbx_end_PDB_ins_code 
_struct_sheet_range.beg_auth_comp_id 
_struct_sheet_range.beg_auth_asym_id 
_struct_sheet_range.beg_auth_seq_id 
_struct_sheet_range.end_auth_comp_id 
_struct_sheet_range.end_auth_asym_id 
_struct_sheet_range.end_auth_seq_id 
A 1  TYR A 133 ? HIS A 140 ? TYR A 133 HIS A 140 
A 2  VAL A 145 ? ARG A 155 ? VAL A 145 ARG A 155 
A 3  THR A 20  ? PRO A 25  ? THR A 20  PRO A 25  
A 4  GLU A 172 ? LYS A 177 ? GLU A 172 LYS A 177 
A 5  TYR A 133 ? HIS A 140 ? TYR A 133 HIS A 140 
A 6  PHE A 120 ? LYS A 124 ? PHE A 120 LYS A 124 
A 7  VAL A 78  ? PHE A 82  ? VAL A 78  PHE A 82  
A 8  ILE A 61  ? SER A 65  ? ILE A 61  SER A 65  
A 9  THR A 20  ? PRO A 25  ? THR A 20  PRO A 25  
A 10 ILE A 34  ? ALA A 37  ? ILE A 34  ALA A 37  
A 11 THR A 47  ? ARG A 50  ? THR A 47  ARG A 50  
A 12 ARG A 161 ? THR A 166 ? ARG A 161 THR A 166 
# 
loop_
_pdbx_struct_sheet_hbond.sheet_id 
_pdbx_struct_sheet_hbond.range_id_1 
_pdbx_struct_sheet_hbond.range_id_2 
_pdbx_struct_sheet_hbond.range_1_label_atom_id 
_pdbx_struct_sheet_hbond.range_1_label_comp_id 
_pdbx_struct_sheet_hbond.range_1_label_asym_id 
_pdbx_struct_sheet_hbond.range_1_label_seq_id 
_pdbx_struct_sheet_hbond.range_1_PDB_ins_code 
_pdbx_struct_sheet_hbond.range_1_auth_atom_id 
_pdbx_struct_sheet_hbond.range_1_auth_comp_id 
_pdbx_struct_sheet_hbond.range_1_auth_asym_id 
_pdbx_struct_sheet_hbond.range_1_auth_seq_id 
_pdbx_struct_sheet_hbond.range_2_label_atom_id 
_pdbx_struct_sheet_hbond.range_2_label_comp_id 
_pdbx_struct_sheet_hbond.range_2_label_asym_id 
_pdbx_struct_sheet_hbond.range_2_label_seq_id 
_pdbx_struct_sheet_hbond.range_2_PDB_ins_code 
_pdbx_struct_sheet_hbond.range_2_auth_atom_id 
_pdbx_struct_sheet_hbond.range_2_auth_comp_id 
_pdbx_struct_sheet_hbond.range_2_auth_asym_id 
_pdbx_struct_sheet_hbond.range_2_auth_seq_id 
A 1  2  O GLN A 139 ? O GLN A 139 N LYS A 146 ? N LYS A 146 
A 3  4  O LEU A 24  ? O LEU A 24  N VAL A 174 ? N VAL A 174 
A 4  5  N LEU A 173 ? N LEU A 173 O TYR A 133 ? O TYR A 133 
A 5  6  N LEU A 136 ? N LEU A 136 O LYS A 121 ? O LYS A 121 
A 6  7  O PHE A 120 ? O PHE A 120 N VAL A 78  ? N VAL A 78  
A 7  8  O GLY A 81  ? O GLY A 81  N ARG A 62  ? N ARG A 62  
A 8  9  N ILE A 61  ? N ILE A 61  O TYR A 21  ? O TYR A 21  
A 10 11 O ALA A 37  ? O ALA A 37  N THR A 47  ? N THR A 47  
A 11 12 N ARG A 50  ? N ARG A 50  O ARG A 161 ? O ARG A 161 
# 
loop_
_struct_site.id 
_struct_site.pdbx_evidence_code 
_struct_site.pdbx_auth_asym_id 
_struct_site.pdbx_auth_comp_id 
_struct_site.pdbx_auth_seq_id 
_struct_site.pdbx_auth_ins_code 
_struct_site.pdbx_num_residues 
_struct_site.details 
AC1 Software A SO4 900 ? 6 'BINDING SITE FOR RESIDUE SO4 A 900' 
AC2 Software A SO4 901 ? 9 'BINDING SITE FOR RESIDUE SO4 A 901' 
AC3 Software A SO4 902 ? 9 'BINDING SITE FOR RESIDUE SO4 A 902' 
AC4 Software A SO4 903 ? 3 'BINDING SITE FOR RESIDUE SO4 A 903' 
AC5 Software A SO4 904 ? 3 'BINDING SITE FOR RESIDUE SO4 A 904' 
# 
loop_
_struct_site_gen.id 
_struct_site_gen.site_id 
_struct_site_gen.pdbx_num_res 
_struct_site_gen.label_comp_id 
_struct_site_gen.label_asym_id 
_struct_site_gen.label_seq_id 
_struct_site_gen.pdbx_auth_ins_code 
_struct_site_gen.auth_comp_id 
_struct_site_gen.auth_asym_id 
_struct_site_gen.auth_seq_id 
_struct_site_gen.label_atom_id 
_struct_site_gen.label_alt_id 
_struct_site_gen.symmetry 
_struct_site_gen.details 
1  AC1 6 HIS A 26  ? HIS A 26  . ? 12_545 ? 
2  AC1 6 HIS A 26  ? HIS A 26  . ? 1_555  ? 
3  AC1 6 SER A 128 ? SER A 128 . ? 12_545 ? 
4  AC1 6 SER A 128 ? SER A 128 . ? 1_555  ? 
5  AC1 6 HOH G .   ? HOH A 380 . ? 12_545 ? 
6  AC1 6 HOH G .   ? HOH A 380 . ? 1_555  ? 
7  AC2 9 SER A 69  ? SER A 69  . ? 1_555  ? 
8  AC2 9 LEU A 70  ? LEU A 70  . ? 1_555  ? 
9  AC2 9 SER A 91  ? SER A 91  . ? 8_435  ? 
10 AC2 9 TRP A 93  ? TRP A 93  . ? 8_435  ? 
11 AC2 9 LYS A 111 ? LYS A 111 . ? 8_435  ? 
12 AC2 9 HOH G .   ? HOH A 231 . ? 1_555  ? 
13 AC2 9 HOH G .   ? HOH A 321 . ? 1_555  ? 
14 AC2 9 HOH G .   ? HOH A 323 . ? 1_555  ? 
15 AC2 9 HOH G .   ? HOH A 373 . ? 1_555  ? 
16 AC3 9 PRO A 25  ? PRO A 25  . ? 1_555  ? 
17 AC3 9 HIS A 26  ? HIS A 26  . ? 1_555  ? 
18 AC3 9 ILE A 27  ? ILE A 27  . ? 1_555  ? 
19 AC3 9 HIS A 30  ? HIS A 30  . ? 1_555  ? 
20 AC3 9 ARG A 50  ? ARG A 50  . ? 1_555  ? 
21 AC3 9 HIS A 127 ? HIS A 127 . ? 12_545 ? 
22 AC3 9 LEU A 171 ? LEU A 171 . ? 1_555  ? 
23 AC3 9 GLU A 172 ? GLU A 172 . ? 1_555  ? 
24 AC3 9 HOH G .   ? HOH A 377 . ? 1_555  ? 
25 AC4 3 ASP A 156 ? ASP A 156 . ? 1_555  ? 
26 AC4 3 ARG A 157 ? ARG A 157 . ? 1_555  ? 
27 AC4 3 HOH G .   ? HOH A 354 . ? 1_555  ? 
28 AC5 3 HIS A 30  ? HIS A 30  . ? 1_555  ? 
29 AC5 3 SER A 126 ? SER A 126 . ? 12_545 ? 
30 AC5 3 HIS A 127 ? HIS A 127 . ? 12_545 ? 
# 
_pdbx_entry_details.entry_id                   1EYL 
_pdbx_entry_details.compound_details           ? 
_pdbx_entry_details.source_details             ? 
_pdbx_entry_details.nonpolymer_details         ? 
_pdbx_entry_details.sequence_details           ? 
_pdbx_entry_details.has_ligand_of_interest     ? 
_pdbx_entry_details.has_protein_modification   Y 
# 
_pdbx_validate_rmsd_angle.id                         1 
_pdbx_validate_rmsd_angle.PDB_model_num              1 
_pdbx_validate_rmsd_angle.auth_atom_id_1             CB 
_pdbx_validate_rmsd_angle.auth_asym_id_1             A 
_pdbx_validate_rmsd_angle.auth_comp_id_1             ASP 
_pdbx_validate_rmsd_angle.auth_seq_id_1              9 
_pdbx_validate_rmsd_angle.PDB_ins_code_1             ? 
_pdbx_validate_rmsd_angle.label_alt_id_1             ? 
_pdbx_validate_rmsd_angle.auth_atom_id_2             CG 
_pdbx_validate_rmsd_angle.auth_asym_id_2             A 
_pdbx_validate_rmsd_angle.auth_comp_id_2             ASP 
_pdbx_validate_rmsd_angle.auth_seq_id_2              9 
_pdbx_validate_rmsd_angle.PDB_ins_code_2             ? 
_pdbx_validate_rmsd_angle.label_alt_id_2             ? 
_pdbx_validate_rmsd_angle.auth_atom_id_3             OD2 
_pdbx_validate_rmsd_angle.auth_asym_id_3             A 
_pdbx_validate_rmsd_angle.auth_comp_id_3             ASP 
_pdbx_validate_rmsd_angle.auth_seq_id_3              9 
_pdbx_validate_rmsd_angle.PDB_ins_code_3             ? 
_pdbx_validate_rmsd_angle.label_alt_id_3             ? 
_pdbx_validate_rmsd_angle.angle_value                124.71 
_pdbx_validate_rmsd_angle.angle_target_value         118.30 
_pdbx_validate_rmsd_angle.angle_deviation            6.41 
_pdbx_validate_rmsd_angle.angle_standard_deviation   0.90 
_pdbx_validate_rmsd_angle.linker_flag                N 
# 
loop_
_pdbx_validate_torsion.id 
_pdbx_validate_torsion.PDB_model_num 
_pdbx_validate_torsion.auth_comp_id 
_pdbx_validate_torsion.auth_asym_id 
_pdbx_validate_torsion.auth_seq_id 
_pdbx_validate_torsion.PDB_ins_code 
_pdbx_validate_torsion.label_alt_id 
_pdbx_validate_torsion.phi 
_pdbx_validate_torsion.psi 
1 1 GLU A 142 ? ? 175.17  -86.98  
2 1 ASP A 144 ? ? -158.15 -152.17 
# 
loop_
_pdbx_struct_special_symmetry.id 
_pdbx_struct_special_symmetry.PDB_model_num 
_pdbx_struct_special_symmetry.auth_asym_id 
_pdbx_struct_special_symmetry.auth_comp_id 
_pdbx_struct_special_symmetry.auth_seq_id 
_pdbx_struct_special_symmetry.PDB_ins_code 
_pdbx_struct_special_symmetry.label_asym_id 
_pdbx_struct_special_symmetry.label_comp_id 
_pdbx_struct_special_symmetry.label_seq_id 
1 1 A SO4 900 ? B SO4 . 
2 1 A HOH 501 ? G HOH . 
# 
loop_
_pdbx_unobs_or_zero_occ_residues.id 
_pdbx_unobs_or_zero_occ_residues.PDB_model_num 
_pdbx_unobs_or_zero_occ_residues.polymer_flag 
_pdbx_unobs_or_zero_occ_residues.occupancy_flag 
_pdbx_unobs_or_zero_occ_residues.auth_asym_id 
_pdbx_unobs_or_zero_occ_residues.auth_comp_id 
_pdbx_unobs_or_zero_occ_residues.auth_seq_id 
_pdbx_unobs_or_zero_occ_residues.PDB_ins_code 
_pdbx_unobs_or_zero_occ_residues.label_asym_id 
_pdbx_unobs_or_zero_occ_residues.label_comp_id 
_pdbx_unobs_or_zero_occ_residues.label_seq_id 
1 1 Y 1 A MET 1   ? A MET 1   
2 1 Y 1 A GLU 181 ? A GLU 181 
3 1 Y 1 A THR 182 ? A THR 182 
4 1 Y 1 A ALA 183 ? A ALA 183 
5 1 Y 1 A SER 184 ? A SER 184 
6 1 Y 1 A SER 185 ? A SER 185 
7 1 Y 1 A HIS 186 ? A HIS 186 
# 
loop_
_chem_comp_atom.comp_id 
_chem_comp_atom.atom_id 
_chem_comp_atom.type_symbol 
_chem_comp_atom.pdbx_aromatic_flag 
_chem_comp_atom.pdbx_stereo_config 
_chem_comp_atom.pdbx_ordinal 
ALA N    N N N 1   
ALA CA   C N S 2   
ALA C    C N N 3   
ALA O    O N N 4   
ALA CB   C N N 5   
ALA OXT  O N N 6   
ALA H    H N N 7   
ALA H2   H N N 8   
ALA HA   H N N 9   
ALA HB1  H N N 10  
ALA HB2  H N N 11  
ALA HB3  H N N 12  
ALA HXT  H N N 13  
ARG N    N N N 14  
ARG CA   C N S 15  
ARG C    C N N 16  
ARG O    O N N 17  
ARG CB   C N N 18  
ARG CG   C N N 19  
ARG CD   C N N 20  
ARG NE   N N N 21  
ARG CZ   C N N 22  
ARG NH1  N N N 23  
ARG NH2  N N N 24  
ARG OXT  O N N 25  
ARG H    H N N 26  
ARG H2   H N N 27  
ARG HA   H N N 28  
ARG HB2  H N N 29  
ARG HB3  H N N 30  
ARG HG2  H N N 31  
ARG HG3  H N N 32  
ARG HD2  H N N 33  
ARG HD3  H N N 34  
ARG HE   H N N 35  
ARG HH11 H N N 36  
ARG HH12 H N N 37  
ARG HH21 H N N 38  
ARG HH22 H N N 39  
ARG HXT  H N N 40  
ASN N    N N N 41  
ASN CA   C N S 42  
ASN C    C N N 43  
ASN O    O N N 44  
ASN CB   C N N 45  
ASN CG   C N N 46  
ASN OD1  O N N 47  
ASN ND2  N N N 48  
ASN OXT  O N N 49  
ASN H    H N N 50  
ASN H2   H N N 51  
ASN HA   H N N 52  
ASN HB2  H N N 53  
ASN HB3  H N N 54  
ASN HD21 H N N 55  
ASN HD22 H N N 56  
ASN HXT  H N N 57  
ASP N    N N N 58  
ASP CA   C N S 59  
ASP C    C N N 60  
ASP O    O N N 61  
ASP CB   C N N 62  
ASP CG   C N N 63  
ASP OD1  O N N 64  
ASP OD2  O N N 65  
ASP OXT  O N N 66  
ASP H    H N N 67  
ASP H2   H N N 68  
ASP HA   H N N 69  
ASP HB2  H N N 70  
ASP HB3  H N N 71  
ASP HD2  H N N 72  
ASP HXT  H N N 73  
CYS N    N N N 74  
CYS CA   C N R 75  
CYS C    C N N 76  
CYS O    O N N 77  
CYS CB   C N N 78  
CYS SG   S N N 79  
CYS OXT  O N N 80  
CYS H    H N N 81  
CYS H2   H N N 82  
CYS HA   H N N 83  
CYS HB2  H N N 84  
CYS HB3  H N N 85  
CYS HG   H N N 86  
CYS HXT  H N N 87  
GLN N    N N N 88  
GLN CA   C N S 89  
GLN C    C N N 90  
GLN O    O N N 91  
GLN CB   C N N 92  
GLN CG   C N N 93  
GLN CD   C N N 94  
GLN OE1  O N N 95  
GLN NE2  N N N 96  
GLN OXT  O N N 97  
GLN H    H N N 98  
GLN H2   H N N 99  
GLN HA   H N N 100 
GLN HB2  H N N 101 
GLN HB3  H N N 102 
GLN HG2  H N N 103 
GLN HG3  H N N 104 
GLN HE21 H N N 105 
GLN HE22 H N N 106 
GLN HXT  H N N 107 
GLU N    N N N 108 
GLU CA   C N S 109 
GLU C    C N N 110 
GLU O    O N N 111 
GLU CB   C N N 112 
GLU CG   C N N 113 
GLU CD   C N N 114 
GLU OE1  O N N 115 
GLU OE2  O N N 116 
GLU OXT  O N N 117 
GLU H    H N N 118 
GLU H2   H N N 119 
GLU HA   H N N 120 
GLU HB2  H N N 121 
GLU HB3  H N N 122 
GLU HG2  H N N 123 
GLU HG3  H N N 124 
GLU HE2  H N N 125 
GLU HXT  H N N 126 
GLY N    N N N 127 
GLY CA   C N N 128 
GLY C    C N N 129 
GLY O    O N N 130 
GLY OXT  O N N 131 
GLY H    H N N 132 
GLY H2   H N N 133 
GLY HA2  H N N 134 
GLY HA3  H N N 135 
GLY HXT  H N N 136 
HIS N    N N N 137 
HIS CA   C N S 138 
HIS C    C N N 139 
HIS O    O N N 140 
HIS CB   C N N 141 
HIS CG   C Y N 142 
HIS ND1  N Y N 143 
HIS CD2  C Y N 144 
HIS CE1  C Y N 145 
HIS NE2  N Y N 146 
HIS OXT  O N N 147 
HIS H    H N N 148 
HIS H2   H N N 149 
HIS HA   H N N 150 
HIS HB2  H N N 151 
HIS HB3  H N N 152 
HIS HD1  H N N 153 
HIS HD2  H N N 154 
HIS HE1  H N N 155 
HIS HE2  H N N 156 
HIS HXT  H N N 157 
HOH O    O N N 158 
HOH H1   H N N 159 
HOH H2   H N N 160 
ILE N    N N N 161 
ILE CA   C N S 162 
ILE C    C N N 163 
ILE O    O N N 164 
ILE CB   C N S 165 
ILE CG1  C N N 166 
ILE CG2  C N N 167 
ILE CD1  C N N 168 
ILE OXT  O N N 169 
ILE H    H N N 170 
ILE H2   H N N 171 
ILE HA   H N N 172 
ILE HB   H N N 173 
ILE HG12 H N N 174 
ILE HG13 H N N 175 
ILE HG21 H N N 176 
ILE HG22 H N N 177 
ILE HG23 H N N 178 
ILE HD11 H N N 179 
ILE HD12 H N N 180 
ILE HD13 H N N 181 
ILE HXT  H N N 182 
LEU N    N N N 183 
LEU CA   C N S 184 
LEU C    C N N 185 
LEU O    O N N 186 
LEU CB   C N N 187 
LEU CG   C N N 188 
LEU CD1  C N N 189 
LEU CD2  C N N 190 
LEU OXT  O N N 191 
LEU H    H N N 192 
LEU H2   H N N 193 
LEU HA   H N N 194 
LEU HB2  H N N 195 
LEU HB3  H N N 196 
LEU HG   H N N 197 
LEU HD11 H N N 198 
LEU HD12 H N N 199 
LEU HD13 H N N 200 
LEU HD21 H N N 201 
LEU HD22 H N N 202 
LEU HD23 H N N 203 
LEU HXT  H N N 204 
LYS N    N N N 205 
LYS CA   C N S 206 
LYS C    C N N 207 
LYS O    O N N 208 
LYS CB   C N N 209 
LYS CG   C N N 210 
LYS CD   C N N 211 
LYS CE   C N N 212 
LYS NZ   N N N 213 
LYS OXT  O N N 214 
LYS H    H N N 215 
LYS H2   H N N 216 
LYS HA   H N N 217 
LYS HB2  H N N 218 
LYS HB3  H N N 219 
LYS HG2  H N N 220 
LYS HG3  H N N 221 
LYS HD2  H N N 222 
LYS HD3  H N N 223 
LYS HE2  H N N 224 
LYS HE3  H N N 225 
LYS HZ1  H N N 226 
LYS HZ2  H N N 227 
LYS HZ3  H N N 228 
LYS HXT  H N N 229 
MET N    N N N 230 
MET CA   C N S 231 
MET C    C N N 232 
MET O    O N N 233 
MET CB   C N N 234 
MET CG   C N N 235 
MET SD   S N N 236 
MET CE   C N N 237 
MET OXT  O N N 238 
MET H    H N N 239 
MET H2   H N N 240 
MET HA   H N N 241 
MET HB2  H N N 242 
MET HB3  H N N 243 
MET HG2  H N N 244 
MET HG3  H N N 245 
MET HE1  H N N 246 
MET HE2  H N N 247 
MET HE3  H N N 248 
MET HXT  H N N 249 
PHE N    N N N 250 
PHE CA   C N S 251 
PHE C    C N N 252 
PHE O    O N N 253 
PHE CB   C N N 254 
PHE CG   C Y N 255 
PHE CD1  C Y N 256 
PHE CD2  C Y N 257 
PHE CE1  C Y N 258 
PHE CE2  C Y N 259 
PHE CZ   C Y N 260 
PHE OXT  O N N 261 
PHE H    H N N 262 
PHE H2   H N N 263 
PHE HA   H N N 264 
PHE HB2  H N N 265 
PHE HB3  H N N 266 
PHE HD1  H N N 267 
PHE HD2  H N N 268 
PHE HE1  H N N 269 
PHE HE2  H N N 270 
PHE HZ   H N N 271 
PHE HXT  H N N 272 
PRO N    N N N 273 
PRO CA   C N S 274 
PRO C    C N N 275 
PRO O    O N N 276 
PRO CB   C N N 277 
PRO CG   C N N 278 
PRO CD   C N N 279 
PRO OXT  O N N 280 
PRO H    H N N 281 
PRO HA   H N N 282 
PRO HB2  H N N 283 
PRO HB3  H N N 284 
PRO HG2  H N N 285 
PRO HG3  H N N 286 
PRO HD2  H N N 287 
PRO HD3  H N N 288 
PRO HXT  H N N 289 
SER N    N N N 290 
SER CA   C N S 291 
SER C    C N N 292 
SER O    O N N 293 
SER CB   C N N 294 
SER OG   O N N 295 
SER OXT  O N N 296 
SER H    H N N 297 
SER H2   H N N 298 
SER HA   H N N 299 
SER HB2  H N N 300 
SER HB3  H N N 301 
SER HG   H N N 302 
SER HXT  H N N 303 
SO4 S    S N N 304 
SO4 O1   O N N 305 
SO4 O2   O N N 306 
SO4 O3   O N N 307 
SO4 O4   O N N 308 
THR N    N N N 309 
THR CA   C N S 310 
THR C    C N N 311 
THR O    O N N 312 
THR CB   C N R 313 
THR OG1  O N N 314 
THR CG2  C N N 315 
THR OXT  O N N 316 
THR H    H N N 317 
THR H2   H N N 318 
THR HA   H N N 319 
THR HB   H N N 320 
THR HG1  H N N 321 
THR HG21 H N N 322 
THR HG22 H N N 323 
THR HG23 H N N 324 
THR HXT  H N N 325 
TRP N    N N N 326 
TRP CA   C N S 327 
TRP C    C N N 328 
TRP O    O N N 329 
TRP CB   C N N 330 
TRP CG   C Y N 331 
TRP CD1  C Y N 332 
TRP CD2  C Y N 333 
TRP NE1  N Y N 334 
TRP CE2  C Y N 335 
TRP CE3  C Y N 336 
TRP CZ2  C Y N 337 
TRP CZ3  C Y N 338 
TRP CH2  C Y N 339 
TRP OXT  O N N 340 
TRP H    H N N 341 
TRP H2   H N N 342 
TRP HA   H N N 343 
TRP HB2  H N N 344 
TRP HB3  H N N 345 
TRP HD1  H N N 346 
TRP HE1  H N N 347 
TRP HE3  H N N 348 
TRP HZ2  H N N 349 
TRP HZ3  H N N 350 
TRP HH2  H N N 351 
TRP HXT  H N N 352 
TYR N    N N N 353 
TYR CA   C N S 354 
TYR C    C N N 355 
TYR O    O N N 356 
TYR CB   C N N 357 
TYR CG   C Y N 358 
TYR CD1  C Y N 359 
TYR CD2  C Y N 360 
TYR CE1  C Y N 361 
TYR CE2  C Y N 362 
TYR CZ   C Y N 363 
TYR OH   O N N 364 
TYR OXT  O N N 365 
TYR H    H N N 366 
TYR H2   H N N 367 
TYR HA   H N N 368 
TYR HB2  H N N 369 
TYR HB3  H N N 370 
TYR HD1  H N N 371 
TYR HD2  H N N 372 
TYR HE1  H N N 373 
TYR HE2  H N N 374 
TYR HH   H N N 375 
TYR HXT  H N N 376 
VAL N    N N N 377 
VAL CA   C N S 378 
VAL C    C N N 379 
VAL O    O N N 380 
VAL CB   C N N 381 
VAL CG1  C N N 382 
VAL CG2  C N N 383 
VAL OXT  O N N 384 
VAL H    H N N 385 
VAL H2   H N N 386 
VAL HA   H N N 387 
VAL HB   H N N 388 
VAL HG11 H N N 389 
VAL HG12 H N N 390 
VAL HG13 H N N 391 
VAL HG21 H N N 392 
VAL HG22 H N N 393 
VAL HG23 H N N 394 
VAL HXT  H N N 395 
# 
loop_
_chem_comp_bond.comp_id 
_chem_comp_bond.atom_id_1 
_chem_comp_bond.atom_id_2 
_chem_comp_bond.value_order 
_chem_comp_bond.pdbx_aromatic_flag 
_chem_comp_bond.pdbx_stereo_config 
_chem_comp_bond.pdbx_ordinal 
ALA N   CA   sing N N 1   
ALA N   H    sing N N 2   
ALA N   H2   sing N N 3   
ALA CA  C    sing N N 4   
ALA CA  CB   sing N N 5   
ALA CA  HA   sing N N 6   
ALA C   O    doub N N 7   
ALA C   OXT  sing N N 8   
ALA CB  HB1  sing N N 9   
ALA CB  HB2  sing N N 10  
ALA CB  HB3  sing N N 11  
ALA OXT HXT  sing N N 12  
ARG N   CA   sing N N 13  
ARG N   H    sing N N 14  
ARG N   H2   sing N N 15  
ARG CA  C    sing N N 16  
ARG CA  CB   sing N N 17  
ARG CA  HA   sing N N 18  
ARG C   O    doub N N 19  
ARG C   OXT  sing N N 20  
ARG CB  CG   sing N N 21  
ARG CB  HB2  sing N N 22  
ARG CB  HB3  sing N N 23  
ARG CG  CD   sing N N 24  
ARG CG  HG2  sing N N 25  
ARG CG  HG3  sing N N 26  
ARG CD  NE   sing N N 27  
ARG CD  HD2  sing N N 28  
ARG CD  HD3  sing N N 29  
ARG NE  CZ   sing N N 30  
ARG NE  HE   sing N N 31  
ARG CZ  NH1  sing N N 32  
ARG CZ  NH2  doub N N 33  
ARG NH1 HH11 sing N N 34  
ARG NH1 HH12 sing N N 35  
ARG NH2 HH21 sing N N 36  
ARG NH2 HH22 sing N N 37  
ARG OXT HXT  sing N N 38  
ASN N   CA   sing N N 39  
ASN N   H    sing N N 40  
ASN N   H2   sing N N 41  
ASN CA  C    sing N N 42  
ASN CA  CB   sing N N 43  
ASN CA  HA   sing N N 44  
ASN C   O    doub N N 45  
ASN C   OXT  sing N N 46  
ASN CB  CG   sing N N 47  
ASN CB  HB2  sing N N 48  
ASN CB  HB3  sing N N 49  
ASN CG  OD1  doub N N 50  
ASN CG  ND2  sing N N 51  
ASN ND2 HD21 sing N N 52  
ASN ND2 HD22 sing N N 53  
ASN OXT HXT  sing N N 54  
ASP N   CA   sing N N 55  
ASP N   H    sing N N 56  
ASP N   H2   sing N N 57  
ASP CA  C    sing N N 58  
ASP CA  CB   sing N N 59  
ASP CA  HA   sing N N 60  
ASP C   O    doub N N 61  
ASP C   OXT  sing N N 62  
ASP CB  CG   sing N N 63  
ASP CB  HB2  sing N N 64  
ASP CB  HB3  sing N N 65  
ASP CG  OD1  doub N N 66  
ASP CG  OD2  sing N N 67  
ASP OD2 HD2  sing N N 68  
ASP OXT HXT  sing N N 69  
CYS N   CA   sing N N 70  
CYS N   H    sing N N 71  
CYS N   H2   sing N N 72  
CYS CA  C    sing N N 73  
CYS CA  CB   sing N N 74  
CYS CA  HA   sing N N 75  
CYS C   O    doub N N 76  
CYS C   OXT  sing N N 77  
CYS CB  SG   sing N N 78  
CYS CB  HB2  sing N N 79  
CYS CB  HB3  sing N N 80  
CYS SG  HG   sing N N 81  
CYS OXT HXT  sing N N 82  
GLN N   CA   sing N N 83  
GLN N   H    sing N N 84  
GLN N   H2   sing N N 85  
GLN CA  C    sing N N 86  
GLN CA  CB   sing N N 87  
GLN CA  HA   sing N N 88  
GLN C   O    doub N N 89  
GLN C   OXT  sing N N 90  
GLN CB  CG   sing N N 91  
GLN CB  HB2  sing N N 92  
GLN CB  HB3  sing N N 93  
GLN CG  CD   sing N N 94  
GLN CG  HG2  sing N N 95  
GLN CG  HG3  sing N N 96  
GLN CD  OE1  doub N N 97  
GLN CD  NE2  sing N N 98  
GLN NE2 HE21 sing N N 99  
GLN NE2 HE22 sing N N 100 
GLN OXT HXT  sing N N 101 
GLU N   CA   sing N N 102 
GLU N   H    sing N N 103 
GLU N   H2   sing N N 104 
GLU CA  C    sing N N 105 
GLU CA  CB   sing N N 106 
GLU CA  HA   sing N N 107 
GLU C   O    doub N N 108 
GLU C   OXT  sing N N 109 
GLU CB  CG   sing N N 110 
GLU CB  HB2  sing N N 111 
GLU CB  HB3  sing N N 112 
GLU CG  CD   sing N N 113 
GLU CG  HG2  sing N N 114 
GLU CG  HG3  sing N N 115 
GLU CD  OE1  doub N N 116 
GLU CD  OE2  sing N N 117 
GLU OE2 HE2  sing N N 118 
GLU OXT HXT  sing N N 119 
GLY N   CA   sing N N 120 
GLY N   H    sing N N 121 
GLY N   H2   sing N N 122 
GLY CA  C    sing N N 123 
GLY CA  HA2  sing N N 124 
GLY CA  HA3  sing N N 125 
GLY C   O    doub N N 126 
GLY C   OXT  sing N N 127 
GLY OXT HXT  sing N N 128 
HIS N   CA   sing N N 129 
HIS N   H    sing N N 130 
HIS N   H2   sing N N 131 
HIS CA  C    sing N N 132 
HIS CA  CB   sing N N 133 
HIS CA  HA   sing N N 134 
HIS C   O    doub N N 135 
HIS C   OXT  sing N N 136 
HIS CB  CG   sing N N 137 
HIS CB  HB2  sing N N 138 
HIS CB  HB3  sing N N 139 
HIS CG  ND1  sing Y N 140 
HIS CG  CD2  doub Y N 141 
HIS ND1 CE1  doub Y N 142 
HIS ND1 HD1  sing N N 143 
HIS CD2 NE2  sing Y N 144 
HIS CD2 HD2  sing N N 145 
HIS CE1 NE2  sing Y N 146 
HIS CE1 HE1  sing N N 147 
HIS NE2 HE2  sing N N 148 
HIS OXT HXT  sing N N 149 
HOH O   H1   sing N N 150 
HOH O   H2   sing N N 151 
ILE N   CA   sing N N 152 
ILE N   H    sing N N 153 
ILE N   H2   sing N N 154 
ILE CA  C    sing N N 155 
ILE CA  CB   sing N N 156 
ILE CA  HA   sing N N 157 
ILE C   O    doub N N 158 
ILE C   OXT  sing N N 159 
ILE CB  CG1  sing N N 160 
ILE CB  CG2  sing N N 161 
ILE CB  HB   sing N N 162 
ILE CG1 CD1  sing N N 163 
ILE CG1 HG12 sing N N 164 
ILE CG1 HG13 sing N N 165 
ILE CG2 HG21 sing N N 166 
ILE CG2 HG22 sing N N 167 
ILE CG2 HG23 sing N N 168 
ILE CD1 HD11 sing N N 169 
ILE CD1 HD12 sing N N 170 
ILE CD1 HD13 sing N N 171 
ILE OXT HXT  sing N N 172 
LEU N   CA   sing N N 173 
LEU N   H    sing N N 174 
LEU N   H2   sing N N 175 
LEU CA  C    sing N N 176 
LEU CA  CB   sing N N 177 
LEU CA  HA   sing N N 178 
LEU C   O    doub N N 179 
LEU C   OXT  sing N N 180 
LEU CB  CG   sing N N 181 
LEU CB  HB2  sing N N 182 
LEU CB  HB3  sing N N 183 
LEU CG  CD1  sing N N 184 
LEU CG  CD2  sing N N 185 
LEU CG  HG   sing N N 186 
LEU CD1 HD11 sing N N 187 
LEU CD1 HD12 sing N N 188 
LEU CD1 HD13 sing N N 189 
LEU CD2 HD21 sing N N 190 
LEU CD2 HD22 sing N N 191 
LEU CD2 HD23 sing N N 192 
LEU OXT HXT  sing N N 193 
LYS N   CA   sing N N 194 
LYS N   H    sing N N 195 
LYS N   H2   sing N N 196 
LYS CA  C    sing N N 197 
LYS CA  CB   sing N N 198 
LYS CA  HA   sing N N 199 
LYS C   O    doub N N 200 
LYS C   OXT  sing N N 201 
LYS CB  CG   sing N N 202 
LYS CB  HB2  sing N N 203 
LYS CB  HB3  sing N N 204 
LYS CG  CD   sing N N 205 
LYS CG  HG2  sing N N 206 
LYS CG  HG3  sing N N 207 
LYS CD  CE   sing N N 208 
LYS CD  HD2  sing N N 209 
LYS CD  HD3  sing N N 210 
LYS CE  NZ   sing N N 211 
LYS CE  HE2  sing N N 212 
LYS CE  HE3  sing N N 213 
LYS NZ  HZ1  sing N N 214 
LYS NZ  HZ2  sing N N 215 
LYS NZ  HZ3  sing N N 216 
LYS OXT HXT  sing N N 217 
MET N   CA   sing N N 218 
MET N   H    sing N N 219 
MET N   H2   sing N N 220 
MET CA  C    sing N N 221 
MET CA  CB   sing N N 222 
MET CA  HA   sing N N 223 
MET C   O    doub N N 224 
MET C   OXT  sing N N 225 
MET CB  CG   sing N N 226 
MET CB  HB2  sing N N 227 
MET CB  HB3  sing N N 228 
MET CG  SD   sing N N 229 
MET CG  HG2  sing N N 230 
MET CG  HG3  sing N N 231 
MET SD  CE   sing N N 232 
MET CE  HE1  sing N N 233 
MET CE  HE2  sing N N 234 
MET CE  HE3  sing N N 235 
MET OXT HXT  sing N N 236 
PHE N   CA   sing N N 237 
PHE N   H    sing N N 238 
PHE N   H2   sing N N 239 
PHE CA  C    sing N N 240 
PHE CA  CB   sing N N 241 
PHE CA  HA   sing N N 242 
PHE C   O    doub N N 243 
PHE C   OXT  sing N N 244 
PHE CB  CG   sing N N 245 
PHE CB  HB2  sing N N 246 
PHE CB  HB3  sing N N 247 
PHE CG  CD1  doub Y N 248 
PHE CG  CD2  sing Y N 249 
PHE CD1 CE1  sing Y N 250 
PHE CD1 HD1  sing N N 251 
PHE CD2 CE2  doub Y N 252 
PHE CD2 HD2  sing N N 253 
PHE CE1 CZ   doub Y N 254 
PHE CE1 HE1  sing N N 255 
PHE CE2 CZ   sing Y N 256 
PHE CE2 HE2  sing N N 257 
PHE CZ  HZ   sing N N 258 
PHE OXT HXT  sing N N 259 
PRO N   CA   sing N N 260 
PRO N   CD   sing N N 261 
PRO N   H    sing N N 262 
PRO CA  C    sing N N 263 
PRO CA  CB   sing N N 264 
PRO CA  HA   sing N N 265 
PRO C   O    doub N N 266 
PRO C   OXT  sing N N 267 
PRO CB  CG   sing N N 268 
PRO CB  HB2  sing N N 269 
PRO CB  HB3  sing N N 270 
PRO CG  CD   sing N N 271 
PRO CG  HG2  sing N N 272 
PRO CG  HG3  sing N N 273 
PRO CD  HD2  sing N N 274 
PRO CD  HD3  sing N N 275 
PRO OXT HXT  sing N N 276 
SER N   CA   sing N N 277 
SER N   H    sing N N 278 
SER N   H2   sing N N 279 
SER CA  C    sing N N 280 
SER CA  CB   sing N N 281 
SER CA  HA   sing N N 282 
SER C   O    doub N N 283 
SER C   OXT  sing N N 284 
SER CB  OG   sing N N 285 
SER CB  HB2  sing N N 286 
SER CB  HB3  sing N N 287 
SER OG  HG   sing N N 288 
SER OXT HXT  sing N N 289 
SO4 S   O1   doub N N 290 
SO4 S   O2   doub N N 291 
SO4 S   O3   sing N N 292 
SO4 S   O4   sing N N 293 
THR N   CA   sing N N 294 
THR N   H    sing N N 295 
THR N   H2   sing N N 296 
THR CA  C    sing N N 297 
THR CA  CB   sing N N 298 
THR CA  HA   sing N N 299 
THR C   O    doub N N 300 
THR C   OXT  sing N N 301 
THR CB  OG1  sing N N 302 
THR CB  CG2  sing N N 303 
THR CB  HB   sing N N 304 
THR OG1 HG1  sing N N 305 
THR CG2 HG21 sing N N 306 
THR CG2 HG22 sing N N 307 
THR CG2 HG23 sing N N 308 
THR OXT HXT  sing N N 309 
TRP N   CA   sing N N 310 
TRP N   H    sing N N 311 
TRP N   H2   sing N N 312 
TRP CA  C    sing N N 313 
TRP CA  CB   sing N N 314 
TRP CA  HA   sing N N 315 
TRP C   O    doub N N 316 
TRP C   OXT  sing N N 317 
TRP CB  CG   sing N N 318 
TRP CB  HB2  sing N N 319 
TRP CB  HB3  sing N N 320 
TRP CG  CD1  doub Y N 321 
TRP CG  CD2  sing Y N 322 
TRP CD1 NE1  sing Y N 323 
TRP CD1 HD1  sing N N 324 
TRP CD2 CE2  doub Y N 325 
TRP CD2 CE3  sing Y N 326 
TRP NE1 CE2  sing Y N 327 
TRP NE1 HE1  sing N N 328 
TRP CE2 CZ2  sing Y N 329 
TRP CE3 CZ3  doub Y N 330 
TRP CE3 HE3  sing N N 331 
TRP CZ2 CH2  doub Y N 332 
TRP CZ2 HZ2  sing N N 333 
TRP CZ3 CH2  sing Y N 334 
TRP CZ3 HZ3  sing N N 335 
TRP CH2 HH2  sing N N 336 
TRP OXT HXT  sing N N 337 
TYR N   CA   sing N N 338 
TYR N   H    sing N N 339 
TYR N   H2   sing N N 340 
TYR CA  C    sing N N 341 
TYR CA  CB   sing N N 342 
TYR CA  HA   sing N N 343 
TYR C   O    doub N N 344 
TYR C   OXT  sing N N 345 
TYR CB  CG   sing N N 346 
TYR CB  HB2  sing N N 347 
TYR CB  HB3  sing N N 348 
TYR CG  CD1  doub Y N 349 
TYR CG  CD2  sing Y N 350 
TYR CD1 CE1  sing Y N 351 
TYR CD1 HD1  sing N N 352 
TYR CD2 CE2  doub Y N 353 
TYR CD2 HD2  sing N N 354 
TYR CE1 CZ   doub Y N 355 
TYR CE1 HE1  sing N N 356 
TYR CE2 CZ   sing Y N 357 
TYR CE2 HE2  sing N N 358 
TYR CZ  OH   sing N N 359 
TYR OH  HH   sing N N 360 
TYR OXT HXT  sing N N 361 
VAL N   CA   sing N N 362 
VAL N   H    sing N N 363 
VAL N   H2   sing N N 364 
VAL CA  C    sing N N 365 
VAL CA  CB   sing N N 366 
VAL CA  HA   sing N N 367 
VAL C   O    doub N N 368 
VAL C   OXT  sing N N 369 
VAL CB  CG1  sing N N 370 
VAL CB  CG2  sing N N 371 
VAL CB  HB   sing N N 372 
VAL CG1 HG11 sing N N 373 
VAL CG1 HG12 sing N N 374 
VAL CG1 HG13 sing N N 375 
VAL CG2 HG21 sing N N 376 
VAL CG2 HG22 sing N N 377 
VAL CG2 HG23 sing N N 378 
VAL OXT HXT  sing N N 379 
# 
_atom_sites.entry_id                    1EYL 
_atom_sites.fract_transf_matrix[1][1]   0.00581895 
_atom_sites.fract_transf_matrix[1][2]   0.01809149 
_atom_sites.fract_transf_matrix[1][3]   -0.00013860 
_atom_sites.fract_transf_matrix[2][1]   0.01116002 
_atom_sites.fract_transf_matrix[2][2]   0.00649434 
_atom_sites.fract_transf_matrix[2][3]   0.01393835 
_atom_sites.fract_transf_matrix[3][1]   0.00388411 
_atom_sites.fract_transf_matrix[3][2]   -0.00126858 
_atom_sites.fract_transf_matrix[3][3]   -0.00251881 
_atom_sites.fract_transf_vector[1]      -0.011294 
_atom_sites.fract_transf_vector[2]      -0.682698 
_atom_sites.fract_transf_vector[3]      0.000708 
# 
loop_
_atom_type.symbol 
C 
N 
O 
S 
# 
loop_
_atom_site.group_PDB 
_atom_site.id 
_atom_site.type_symbol 
_atom_site.label_atom_id 
_atom_site.label_alt_id 
_atom_site.label_comp_id 
_atom_site.label_asym_id 
_atom_site.label_entity_id 
_atom_site.label_seq_id 
_atom_site.pdbx_PDB_ins_code 
_atom_site.Cartn_x 
_atom_site.Cartn_y 
_atom_site.Cartn_z 
_atom_site.occupancy 
_atom_site.B_iso_or_equiv 
_atom_site.pdbx_formal_charge 
_atom_site.auth_seq_id 
_atom_site.auth_comp_id 
_atom_site.auth_asym_id 
_atom_site.auth_atom_id 
_atom_site.pdbx_PDB_model_num 
ATOM   1    N N   . GLU A 1 2   ? 6.828   0.038   -25.638 1.00 76.11  ? 2   GLU A N   1 
ATOM   2    C CA  . GLU A 1 2   ? 7.752   -0.096  -24.474 1.00 75.55  ? 2   GLU A CA  1 
ATOM   3    C C   . GLU A 1 2   ? 7.847   -1.551  -24.028 1.00 73.54  ? 2   GLU A C   1 
ATOM   4    O O   . GLU A 1 2   ? 7.558   -2.480  -24.781 1.00 76.08  ? 2   GLU A O   1 
ATOM   5    C CB  . GLU A 1 2   ? 7.278   0.793   -23.333 1.00 74.96  ? 2   GLU A CB  1 
ATOM   6    N N   . PHE A 1 3   ? 8.271   -1.750  -22.792 1.00 67.98  ? 3   PHE A N   1 
ATOM   7    C CA  . PHE A 1 3   ? 8.365   -3.072  -22.166 1.00 59.61  ? 3   PHE A CA  1 
ATOM   8    C C   . PHE A 1 3   ? 7.646   -2.952  -20.822 1.00 53.55  ? 3   PHE A C   1 
ATOM   9    O O   . PHE A 1 3   ? 8.039   -2.113  -20.008 1.00 52.06  ? 3   PHE A O   1 
ATOM   10   C CB  . PHE A 1 3   ? 9.811   -3.528  -22.066 1.00 56.70  ? 3   PHE A CB  1 
ATOM   11   C CG  . PHE A 1 3   ? 10.179  -4.464  -20.953 1.00 52.31  ? 3   PHE A CG  1 
ATOM   12   C CD1 . PHE A 1 3   ? 9.470   -5.635  -20.760 1.00 50.17  ? 3   PHE A CD1 1 
ATOM   13   C CD2 . PHE A 1 3   ? 11.232  -4.195  -20.086 1.00 49.69  ? 3   PHE A CD2 1 
ATOM   14   C CE1 . PHE A 1 3   ? 9.765   -6.511  -19.736 1.00 45.90  ? 3   PHE A CE1 1 
ATOM   15   C CE2 . PHE A 1 3   ? 11.543  -5.074  -19.062 1.00 48.52  ? 3   PHE A CE2 1 
ATOM   16   C CZ  . PHE A 1 3   ? 10.816  -6.233  -18.879 1.00 45.45  ? 3   PHE A CZ  1 
ATOM   17   N N   . ASP A 1 4   ? 6.590   -3.745  -20.639 1.00 48.47  ? 4   ASP A N   1 
ATOM   18   C CA  . ASP A 1 4   ? 5.729   -3.599  -19.472 1.00 43.80  ? 4   ASP A CA  1 
ATOM   19   C C   . ASP A 1 4   ? 6.485   -3.752  -18.160 1.00 40.20  ? 4   ASP A C   1 
ATOM   20   O O   . ASP A 1 4   ? 6.169   -3.039  -17.210 1.00 35.56  ? 4   ASP A O   1 
ATOM   21   C CB  . ASP A 1 4   ? 4.552   -4.567  -19.520 1.00 45.94  ? 4   ASP A CB  1 
ATOM   22   C CG  . ASP A 1 4   ? 3.401   -4.072  -20.379 1.00 48.07  ? 4   ASP A CG  1 
ATOM   23   O OD1 . ASP A 1 4   ? 3.525   -3.036  -21.055 1.00 48.97  ? 4   ASP A OD1 1 
ATOM   24   O OD2 . ASP A 1 4   ? 2.336   -4.725  -20.387 1.00 48.91  ? 4   ASP A OD2 1 
ATOM   25   N N   . ASP A 1 5   ? 7.421   -4.692  -18.131 1.00 32.34  ? 5   ASP A N   1 
ATOM   26   C CA  . ASP A 1 5   ? 8.211   -4.945  -16.928 1.00 31.46  ? 5   ASP A CA  1 
ATOM   27   C C   . ASP A 1 5   ? 7.262   -5.080  -15.721 1.00 25.68  ? 5   ASP A C   1 
ATOM   28   O O   . ASP A 1 5   ? 7.351   -4.295  -14.782 1.00 21.89  ? 5   ASP A O   1 
ATOM   29   C CB  . ASP A 1 5   ? 9.214   -3.822  -16.701 1.00 32.95  ? 5   ASP A CB  1 
ATOM   30   C CG  . ASP A 1 5   ? 10.334  -4.245  -15.771 1.00 35.21  ? 5   ASP A CG  1 
ATOM   31   O OD1 . ASP A 1 5   ? 10.303  -5.335  -15.181 1.00 36.64  ? 5   ASP A OD1 1 
ATOM   32   O OD2 . ASP A 1 5   ? 11.297  -3.460  -15.658 1.00 41.37  ? 5   ASP A OD2 1 
ATOM   33   N N   . ASP A 1 6   ? 6.424   -6.103  -15.781 1.00 20.12  ? 6   ASP A N   1 
ATOM   34   C CA  . ASP A 1 6   ? 5.369   -6.299  -14.797 1.00 19.80  ? 6   ASP A CA  1 
ATOM   35   C C   . ASP A 1 6   ? 5.852   -6.578  -13.385 1.00 22.60  ? 6   ASP A C   1 
ATOM   36   O O   . ASP A 1 6   ? 6.943   -7.106  -13.136 1.00 19.69  ? 6   ASP A O   1 
ATOM   37   C CB  . ASP A 1 6   ? 4.487   -7.484  -15.258 1.00 19.95  ? 6   ASP A CB  1 
ATOM   38   C CG  . ASP A 1 6   ? 3.763   -7.203  -16.558 1.00 22.30  ? 6   ASP A CG  1 
ATOM   39   O OD1 . ASP A 1 6   ? 3.477   -6.014  -16.834 1.00 25.43  ? 6   ASP A OD1 1 
ATOM   40   O OD2 . ASP A 1 6   ? 3.422   -8.169  -17.282 1.00 19.15  ? 6   ASP A OD2 1 
ATOM   41   N N   . LEU A 1 7   ? 4.975   -6.203  -12.416 1.00 16.79  ? 7   LEU A N   1 
ATOM   42   C CA  . LEU A 1 7   ? 5.269   -6.484  -11.015 1.00 17.27  ? 7   LEU A CA  1 
ATOM   43   C C   . LEU A 1 7   ? 5.357   -7.977  -10.797 1.00 16.89  ? 7   LEU A C   1 
ATOM   44   O O   . LEU A 1 7   ? 4.586   -8.754  -11.369 1.00 19.61  ? 7   LEU A O   1 
ATOM   45   C CB  . LEU A 1 7   ? 4.088   -5.950  -10.148 1.00 18.08  ? 7   LEU A CB  1 
ATOM   46   C CG  . LEU A 1 7   ? 3.977   -4.418  -10.114 1.00 23.22  ? 7   LEU A CG  1 
ATOM   47   C CD1 . LEU A 1 7   ? 2.821   -4.020  -9.196  1.00 22.68  ? 7   LEU A CD1 1 
ATOM   48   C CD2 . LEU A 1 7   ? 5.289   -3.766  -9.695  1.00 26.14  ? 7   LEU A CD2 1 
ATOM   49   N N   . VAL A 1 8   ? 6.302   -8.407  -9.956  1.00 16.37  ? 8   VAL A N   1 
ATOM   50   C CA  . VAL A 1 8   ? 6.508   -9.815  -9.692  1.00 16.74  ? 8   VAL A CA  1 
ATOM   51   C C   . VAL A 1 8   ? 6.310   -10.129 -8.195  1.00 16.88  ? 8   VAL A C   1 
ATOM   52   O O   . VAL A 1 8   ? 6.775   -9.355  -7.350  1.00 19.65  ? 8   VAL A O   1 
ATOM   53   C CB  . VAL A 1 8   ? 7.963   -10.235 -10.040 1.00 20.78  ? 8   VAL A CB  1 
ATOM   54   C CG1 . VAL A 1 8   ? 8.077   -11.754 -9.890  1.00 18.68  ? 8   VAL A CG1 1 
ATOM   55   C CG2 . VAL A 1 8   ? 8.308   -9.802  -11.465 1.00 22.31  ? 8   VAL A CG2 1 
ATOM   56   N N   . ASP A 1 9   ? 5.655   -11.234 -7.930  1.00 16.85  ? 9   ASP A N   1 
ATOM   57   C CA  . ASP A 1 9   ? 5.349   -11.545 -6.505  1.00 20.51  ? 9   ASP A CA  1 
ATOM   58   C C   . ASP A 1 9   ? 6.521   -12.214 -5.814  1.00 26.67  ? 9   ASP A C   1 
ATOM   59   O O   . ASP A 1 9   ? 7.558   -12.459 -6.439  1.00 21.36  ? 9   ASP A O   1 
ATOM   60   C CB  . ASP A 1 9   ? 4.070   -12.344 -6.395  1.00 19.56  ? 9   ASP A CB  1 
ATOM   61   C CG  . ASP A 1 9   ? 4.116   -13.796 -6.776  1.00 25.73  ? 9   ASP A CG  1 
ATOM   62   O OD1 . ASP A 1 9   ? 3.010   -14.343 -6.920  1.00 20.86  ? 9   ASP A OD1 1 
ATOM   63   O OD2 . ASP A 1 9   ? 5.173   -14.471 -6.902  1.00 25.46  ? 9   ASP A OD2 1 
ATOM   64   N N   . ALA A 1 10  ? 6.374   -12.508 -4.523  1.00 23.44  ? 10  ALA A N   1 
ATOM   65   C CA  . ALA A 1 10  ? 7.426   -13.075 -3.709  1.00 24.43  ? 10  ALA A CA  1 
ATOM   66   C C   . ALA A 1 10  ? 7.921   -14.434 -4.178  1.00 25.34  ? 10  ALA A C   1 
ATOM   67   O O   . ALA A 1 10  ? 9.019   -14.860 -3.777  1.00 28.37  ? 10  ALA A O   1 
ATOM   68   C CB  . ALA A 1 10  ? 6.944   -13.239 -2.250  1.00 25.27  ? 10  ALA A CB  1 
ATOM   69   N N   . GLU A 1 11  ? 7.106   -15.184 -4.875  1.00 20.87  ? 11  GLU A N   1 
ATOM   70   C CA  . GLU A 1 11  ? 7.434   -16.486 -5.384  1.00 27.67  ? 11  GLU A CA  1 
ATOM   71   C C   . GLU A 1 11  ? 7.886   -16.520 -6.827  1.00 30.99  ? 11  GLU A C   1 
ATOM   72   O O   . GLU A 1 11  ? 8.023   -17.626 -7.373  1.00 29.40  ? 11  GLU A O   1 
ATOM   73   C CB  . GLU A 1 11  ? 6.204   -17.424 -5.219  1.00 29.06  ? 11  GLU A CB  1 
ATOM   74   C CG  . GLU A 1 11  ? 6.081   -17.693 -3.713  1.00 33.69  ? 11  GLU A CG  1 
ATOM   75   C CD  . GLU A 1 11  ? 4.785   -18.364 -3.341  1.00 39.25  ? 11  GLU A CD  1 
ATOM   76   O OE1 . GLU A 1 11  ? 4.855   -19.229 -2.433  1.00 45.16  ? 11  GLU A OE1 1 
ATOM   77   O OE2 . GLU A 1 11  ? 3.735   -18.047 -3.920  1.00 39.85  ? 11  GLU A OE2 1 
ATOM   78   N N   . GLY A 1 12  ? 8.100   -15.371 -7.432  1.00 27.95  ? 12  GLY A N   1 
ATOM   79   C CA  . GLY A 1 12  ? 8.625   -15.274 -8.792  1.00 26.82  ? 12  GLY A CA  1 
ATOM   80   C C   . GLY A 1 12  ? 7.569   -15.241 -9.866  1.00 27.88  ? 12  GLY A C   1 
ATOM   81   O O   . GLY A 1 12  ? 7.884   -15.232 -11.061 1.00 24.28  ? 12  GLY A O   1 
ATOM   82   N N   . ASN A 1 13  ? 6.280   -15.152 -9.498  1.00 24.71  ? 13  ASN A N   1 
ATOM   83   C CA  . ASN A 1 13  ? 5.213   -15.165 -10.482 1.00 19.43  ? 13  ASN A CA  1 
ATOM   84   C C   . ASN A 1 13  ? 4.649   -13.761 -10.717 1.00 22.62  ? 13  ASN A C   1 
ATOM   85   O O   . ASN A 1 13  ? 4.618   -12.995 -9.761  1.00 19.66  ? 13  ASN A O   1 
ATOM   86   C CB  . ASN A 1 13  ? 4.087   -16.094 -10.040 1.00 23.85  ? 13  ASN A CB  1 
ATOM   87   C CG  . ASN A 1 13  ? 4.559   -17.532 -9.899  1.00 33.11  ? 13  ASN A CG  1 
ATOM   88   O OD1 . ASN A 1 13  ? 5.342   -18.008 -10.739 1.00 27.29  ? 13  ASN A OD1 1 
ATOM   89   N ND2 . ASN A 1 13  ? 4.073   -18.207 -8.865  1.00 26.16  ? 13  ASN A ND2 1 
ATOM   90   N N   . LEU A 1 14  ? 4.242   -13.419 -11.949 1.00 21.51  ? 14  LEU A N   1 
ATOM   91   C CA  . LEU A 1 14  ? 3.725   -12.055 -12.118 1.00 20.69  ? 14  LEU A CA  1 
ATOM   92   C C   . LEU A 1 14  ? 2.527   -11.813 -11.187 1.00 18.06  ? 14  LEU A C   1 
ATOM   93   O O   . LEU A 1 14  ? 1.680   -12.679 -10.993 1.00 19.14  ? 14  LEU A O   1 
ATOM   94   C CB  . LEU A 1 14  ? 3.324   -11.801 -13.565 1.00 21.66  ? 14  LEU A CB  1 
ATOM   95   C CG  . LEU A 1 14  ? 4.448   -11.955 -14.606 1.00 19.86  ? 14  LEU A CG  1 
ATOM   96   C CD1 . LEU A 1 14  ? 3.976   -11.482 -15.977 1.00 18.31  ? 14  LEU A CD1 1 
ATOM   97   C CD2 . LEU A 1 14  ? 5.702   -11.203 -14.175 1.00 21.61  ? 14  LEU A CD2 1 
ATOM   98   N N   . VAL A 1 15  ? 2.500   -10.605 -10.631 1.00 18.09  ? 15  VAL A N   1 
ATOM   99   C CA  . VAL A 1 15  ? 1.328   -10.179 -9.859  1.00 17.80  ? 15  VAL A CA  1 
ATOM   100  C C   . VAL A 1 15  ? 0.094   -10.086 -10.724 1.00 17.92  ? 15  VAL A C   1 
ATOM   101  O O   . VAL A 1 15  ? 0.087   -9.418  -11.770 1.00 17.27  ? 15  VAL A O   1 
ATOM   102  C CB  . VAL A 1 15  ? 1.590   -8.814  -9.191  1.00 19.10  ? 15  VAL A CB  1 
ATOM   103  C CG1 . VAL A 1 15  ? 0.319   -8.242  -8.539  1.00 19.84  ? 15  VAL A CG1 1 
ATOM   104  C CG2 . VAL A 1 15  ? 2.662   -8.987  -8.127  1.00 18.11  ? 15  VAL A CG2 1 
ATOM   105  N N   . GLU A 1 16  ? -0.997  -10.684 -10.271 1.00 18.07  ? 16  GLU A N   1 
ATOM   106  C CA  . GLU A 1 16  ? -2.247  -10.611 -11.017 1.00 20.47  ? 16  GLU A CA  1 
ATOM   107  C C   . GLU A 1 16  ? -2.999  -9.312  -10.713 1.00 20.08  ? 16  GLU A C   1 
ATOM   108  O O   . GLU A 1 16  ? -3.249  -8.980  -9.555  1.00 19.94  ? 16  GLU A O   1 
ATOM   109  C CB  . GLU A 1 16  ? -3.168  -11.790 -10.653 1.00 22.69  ? 16  GLU A CB  1 
ATOM   110  C CG  . GLU A 1 16  ? -2.440  -13.120 -10.947 1.00 31.07  ? 16  GLU A CG  1 
ATOM   111  C CD  . GLU A 1 16  ? -3.311  -14.325 -10.634 1.00 37.84  ? 16  GLU A CD  1 
ATOM   112  O OE1 . GLU A 1 16  ? -4.306  -14.217 -9.877  1.00 37.72  ? 16  GLU A OE1 1 
ATOM   113  O OE2 . GLU A 1 16  ? -3.003  -15.412 -11.164 1.00 43.02  ? 16  GLU A OE2 1 
ATOM   114  N N   . ASN A 1 17  ? -3.408  -8.628  -11.759 1.00 21.53  ? 17  ASN A N   1 
ATOM   115  C CA  . ASN A 1 17  ? -4.184  -7.383  -11.622 1.00 21.02  ? 17  ASN A CA  1 
ATOM   116  C C   . ASN A 1 17  ? -5.538  -7.654  -10.996 1.00 22.97  ? 17  ASN A C   1 
ATOM   117  O O   . ASN A 1 17  ? -6.286  -8.540  -11.414 1.00 21.64  ? 17  ASN A O   1 
ATOM   118  C CB  . ASN A 1 17  ? -4.368  -6.733  -12.998 1.00 19.53  ? 17  ASN A CB  1 
ATOM   119  C CG  . ASN A 1 17  ? -5.014  -5.364  -12.930 1.00 22.72  ? 17  ASN A CG  1 
ATOM   120  O OD1 . ASN A 1 17  ? -5.154  -4.769  -11.846 1.00 23.31  ? 17  ASN A OD1 1 
ATOM   121  N ND2 . ASN A 1 17  ? -5.400  -4.828  -14.077 1.00 22.57  ? 17  ASN A ND2 1 
ATOM   122  N N   . GLY A 1 18  ? -5.797  -7.006  -9.853  1.00 17.46  ? 18  GLY A N   1 
ATOM   123  C CA  . GLY A 1 18  ? -7.029  -7.258  -9.099  1.00 21.12  ? 18  GLY A CA  1 
ATOM   124  C C   . GLY A 1 18  ? -6.859  -8.434  -8.142  1.00 22.67  ? 18  GLY A C   1 
ATOM   125  O O   . GLY A 1 18  ? -7.798  -8.756  -7.414  1.00 25.43  ? 18  GLY A O   1 
ATOM   126  N N   . GLY A 1 19  ? -5.677  -9.064  -8.110  1.00 20.20  ? 19  GLY A N   1 
ATOM   127  C CA  . GLY A 1 19  ? -5.467  -10.194 -7.210  1.00 20.01  ? 19  GLY A CA  1 
ATOM   128  C C   . GLY A 1 19  ? -5.206  -9.727  -5.783  1.00 19.75  ? 19  GLY A C   1 
ATOM   129  O O   . GLY A 1 19  ? -4.879  -8.551  -5.564  1.00 21.90  ? 19  GLY A O   1 
ATOM   130  N N   . THR A 1 20  ? -5.243  -10.656 -4.829  1.00 19.96  ? 20  THR A N   1 
ATOM   131  C CA  . THR A 1 20  ? -4.989  -10.349 -3.424  1.00 20.75  ? 20  THR A CA  1 
ATOM   132  C C   . THR A 1 20  ? -3.676  -10.878 -2.891  1.00 21.79  ? 20  THR A C   1 
ATOM   133  O O   . THR A 1 20  ? -3.214  -11.982 -3.194  1.00 20.59  ? 20  THR A O   1 
ATOM   134  C CB  . THR A 1 20  ? -6.093  -10.911 -2.488  1.00 25.51  ? 20  THR A CB  1 
ATOM   135  O OG1 . THR A 1 20  ? -6.249  -12.312 -2.734  1.00 24.32  ? 20  THR A OG1 1 
ATOM   136  C CG2 . THR A 1 20  ? -7.417  -10.234 -2.865  1.00 25.53  ? 20  THR A CG2 1 
ATOM   137  N N   . TYR A 1 21  ? -2.903  -9.978  -2.291  1.00 16.42  ? 21  TYR A N   1 
ATOM   138  C CA  . TYR A 1 21  ? -1.540  -10.263 -1.853  1.00 20.64  ? 21  TYR A CA  1 
ATOM   139  C C   . TYR A 1 21  ? -1.366  -9.781  -0.416  1.00 20.00  ? 21  TYR A C   1 
ATOM   140  O O   . TYR A 1 21  ? -2.025  -8.844  0.015   1.00 19.19  ? 21  TYR A O   1 
ATOM   141  C CB  . TYR A 1 21  ? -0.500  -9.461  -2.733  1.00 16.12  ? 21  TYR A CB  1 
ATOM   142  C CG  . TYR A 1 21  ? -0.526  -10.056 -4.127  1.00 14.94  ? 21  TYR A CG  1 
ATOM   143  C CD1 . TYR A 1 21  ? -1.520  -9.698  -5.020  1.00 16.84  ? 21  TYR A CD1 1 
ATOM   144  C CD2 . TYR A 1 21  ? 0.370   -11.037 -4.521  1.00 16.35  ? 21  TYR A CD2 1 
ATOM   145  C CE1 . TYR A 1 21  ? -1.677  -10.306 -6.261  1.00 18.55  ? 21  TYR A CE1 1 
ATOM   146  C CE2 . TYR A 1 21  ? 0.251   -11.647 -5.754  1.00 19.38  ? 21  TYR A CE2 1 
ATOM   147  C CZ  . TYR A 1 21  ? -0.746  -11.279 -6.623  1.00 22.64  ? 21  TYR A CZ  1 
ATOM   148  O OH  . TYR A 1 21  ? -0.871  -11.881 -7.849  1.00 20.74  ? 21  TYR A OH  1 
ATOM   149  N N   . TYR A 1 22  ? -0.443  -10.391 0.305   1.00 19.49  ? 22  TYR A N   1 
ATOM   150  C CA  . TYR A 1 22  ? -0.008  -9.855  1.594   1.00 17.43  ? 22  TYR A CA  1 
ATOM   151  C C   . TYR A 1 22  ? 1.183   -8.946  1.308   1.00 19.25  ? 22  TYR A C   1 
ATOM   152  O O   . TYR A 1 22  ? 2.047   -9.317  0.485   1.00 18.48  ? 22  TYR A O   1 
ATOM   153  C CB  . TYR A 1 22  ? 0.424   -11.015 2.502   1.00 19.51  ? 22  TYR A CB  1 
ATOM   154  C CG  . TYR A 1 22  ? -0.654  -12.038 2.766   1.00 19.22  ? 22  TYR A CG  1 
ATOM   155  C CD1 . TYR A 1 22  ? -0.545  -13.342 2.287   1.00 21.55  ? 22  TYR A CD1 1 
ATOM   156  C CD2 . TYR A 1 22  ? -1.782  -11.706 3.508   1.00 20.15  ? 22  TYR A CD2 1 
ATOM   157  C CE1 . TYR A 1 22  ? -1.495  -14.305 2.600   1.00 24.54  ? 22  TYR A CE1 1 
ATOM   158  C CE2 . TYR A 1 22  ? -2.748  -12.650 3.810   1.00 25.01  ? 22  TYR A CE2 1 
ATOM   159  C CZ  . TYR A 1 22  ? -2.605  -13.946 3.349   1.00 31.00  ? 22  TYR A CZ  1 
ATOM   160  O OH  . TYR A 1 22  ? -3.572  -14.885 3.611   1.00 31.22  ? 22  TYR A OH  1 
ATOM   161  N N   . LEU A 1 23  ? 1.200   -7.764  1.893   1.00 15.73  ? 23  LEU A N   1 
ATOM   162  C CA  . LEU A 1 23  ? 2.261   -6.799  1.703   1.00 19.56  ? 23  LEU A CA  1 
ATOM   163  C C   . LEU A 1 23  ? 3.239   -6.902  2.879   1.00 19.99  ? 23  LEU A C   1 
ATOM   164  O O   . LEU A 1 23  ? 3.032   -6.361  3.952   1.00 18.59  ? 23  LEU A O   1 
ATOM   165  C CB  . LEU A 1 23  ? 1.705   -5.367  1.581   1.00 16.71  ? 23  LEU A CB  1 
ATOM   166  C CG  . LEU A 1 23  ? 1.304   -4.951  0.168   1.00 19.87  ? 23  LEU A CG  1 
ATOM   167  C CD1 . LEU A 1 23  ? 0.397   -5.936  -0.552  1.00 22.86  ? 23  LEU A CD1 1 
ATOM   168  C CD2 . LEU A 1 23  ? 0.616   -3.583  0.149   1.00 21.05  ? 23  LEU A CD2 1 
ATOM   169  N N   . LEU A 1 24  ? 4.279   -7.722  2.663   1.00 18.83  ? 24  LEU A N   1 
ATOM   170  C CA  . LEU A 1 24  ? 5.228   -8.029  3.734   1.00 20.71  ? 24  LEU A CA  1 
ATOM   171  C C   . LEU A 1 24  ? 6.527   -7.269  3.594   1.00 19.37  ? 24  LEU A C   1 
ATOM   172  O O   . LEU A 1 24  ? 6.934   -6.879  2.507   1.00 18.00  ? 24  LEU A O   1 
ATOM   173  C CB  . LEU A 1 24  ? 5.548   -9.528  3.650   1.00 16.48  ? 24  LEU A CB  1 
ATOM   174  C CG  . LEU A 1 24  ? 4.337   -10.444 3.603   1.00 22.99  ? 24  LEU A CG  1 
ATOM   175  C CD1 . LEU A 1 24  ? 4.777   -11.901 3.531   1.00 25.24  ? 24  LEU A CD1 1 
ATOM   176  C CD2 . LEU A 1 24  ? 3.453   -10.205 4.837   1.00 25.14  ? 24  LEU A CD2 1 
ATOM   177  N N   . PRO A 1 25  ? 7.185   -6.921  4.705   1.00 22.46  ? 25  PRO A N   1 
ATOM   178  C CA  . PRO A 1 25  ? 8.469   -6.283  4.635   1.00 21.11  ? 25  PRO A CA  1 
ATOM   179  C C   . PRO A 1 25  ? 9.528   -7.182  3.963   1.00 19.63  ? 25  PRO A C   1 
ATOM   180  O O   . PRO A 1 25  ? 9.495   -8.408  4.083   1.00 20.51  ? 25  PRO A O   1 
ATOM   181  C CB  . PRO A 1 25  ? 8.882   -6.035  6.082   1.00 24.57  ? 25  PRO A CB  1 
ATOM   182  C CG  . PRO A 1 25  ? 7.879   -6.721  6.920   1.00 28.06  ? 25  PRO A CG  1 
ATOM   183  C CD  . PRO A 1 25  ? 6.778   -7.308  6.082   1.00 21.38  ? 25  PRO A CD  1 
ATOM   184  N N   . HIS A 1 26  ? 10.418  -6.552  3.218   1.00 20.57  ? 26  HIS A N   1 
ATOM   185  C CA  . HIS A 1 26  ? 11.570  -7.319  2.679   1.00 22.13  ? 26  HIS A CA  1 
ATOM   186  C C   . HIS A 1 26  ? 12.364  -7.956  3.836   1.00 22.37  ? 26  HIS A C   1 
ATOM   187  O O   . HIS A 1 26  ? 12.618  -9.147  3.894   1.00 22.05  ? 26  HIS A O   1 
ATOM   188  C CB  . HIS A 1 26  ? 12.461  -6.347  1.913   1.00 21.58  ? 26  HIS A CB  1 
ATOM   189  C CG  . HIS A 1 26  ? 13.693  -7.040  1.385   1.00 28.12  ? 26  HIS A CG  1 
ATOM   190  N ND1 . HIS A 1 26  ? 14.889  -6.390  1.294   1.00 32.37  ? 26  HIS A ND1 1 
ATOM   191  C CD2 . HIS A 1 26  ? 13.938  -8.332  1.071   1.00 30.75  ? 26  HIS A CD2 1 
ATOM   192  C CE1 . HIS A 1 26  ? 15.826  -7.233  0.885   1.00 34.79  ? 26  HIS A CE1 1 
ATOM   193  N NE2 . HIS A 1 26  ? 15.275  -8.422  0.750   1.00 36.83  ? 26  HIS A NE2 1 
ATOM   194  N N   . ILE A 1 27  ? 12.685  -7.133  4.832   1.00 20.92  ? 27  ILE A N   1 
ATOM   195  C CA  . ILE A 1 27  ? 13.434  -7.617  5.998   1.00 22.93  ? 27  ILE A CA  1 
ATOM   196  C C   . ILE A 1 27  ? 12.504  -8.288  6.992   1.00 23.79  ? 27  ILE A C   1 
ATOM   197  O O   . ILE A 1 27  ? 11.622  -7.651  7.551   1.00 23.06  ? 27  ILE A O   1 
ATOM   198  C CB  . ILE A 1 27  ? 14.186  -6.443  6.652   1.00 26.30  ? 27  ILE A CB  1 
ATOM   199  C CG1 . ILE A 1 27  ? 15.078  -5.811  5.582   1.00 24.09  ? 27  ILE A CG1 1 
ATOM   200  C CG2 . ILE A 1 27  ? 14.992  -6.916  7.868   1.00 25.78  ? 27  ILE A CG2 1 
ATOM   201  C CD1 . ILE A 1 27  ? 16.121  -6.768  5.015   1.00 28.13  ? 27  ILE A CD1 1 
ATOM   202  N N   . TRP A 1 28  ? 12.739  -9.553  7.285   1.00 21.30  ? 28  TRP A N   1 
ATOM   203  C CA  . TRP A 1 28  ? 11.871  -10.352 8.127   1.00 25.94  ? 28  TRP A CA  1 
ATOM   204  C C   . TRP A 1 28  ? 11.659  -9.724  9.492   1.00 27.20  ? 28  TRP A C   1 
ATOM   205  O O   . TRP A 1 28  ? 10.529  -9.723  10.001  1.00 28.16  ? 28  TRP A O   1 
ATOM   206  C CB  . TRP A 1 28  ? 12.383  -11.774 8.293   1.00 27.43  ? 28  TRP A CB  1 
ATOM   207  C CG  . TRP A 1 28  ? 12.717  -12.498 7.025   1.00 27.17  ? 28  TRP A CG  1 
ATOM   208  C CD1 . TRP A 1 28  ? 12.041  -12.459 5.833   1.00 26.70  ? 28  TRP A CD1 1 
ATOM   209  C CD2 . TRP A 1 28  ? 13.785  -13.435 6.854   1.00 26.48  ? 28  TRP A CD2 1 
ATOM   210  N NE1 . TRP A 1 28  ? 12.655  -13.288 4.924   1.00 26.68  ? 28  TRP A NE1 1 
ATOM   211  C CE2 . TRP A 1 28  ? 13.717  -13.898 5.527   1.00 28.36  ? 28  TRP A CE2 1 
ATOM   212  C CE3 . TRP A 1 28  ? 14.810  -13.902 7.695   1.00 29.51  ? 28  TRP A CE3 1 
ATOM   213  C CZ2 . TRP A 1 28  ? 14.637  -14.813 5.002   1.00 28.74  ? 28  TRP A CZ2 1 
ATOM   214  C CZ3 . TRP A 1 28  ? 15.722  -14.808 7.169   1.00 30.49  ? 28  TRP A CZ3 1 
ATOM   215  C CH2 . TRP A 1 28  ? 15.621  -15.250 5.836   1.00 27.52  ? 28  TRP A CH2 1 
ATOM   216  N N   . ALA A 1 29  ? 12.699  -9.122  10.050  1.00 25.61  ? 29  ALA A N   1 
ATOM   217  C CA  . ALA A 1 29  ? 12.630  -8.563  11.397  1.00 29.22  ? 29  ALA A CA  1 
ATOM   218  C C   . ALA A 1 29  ? 11.833  -7.284  11.507  1.00 32.71  ? 29  ALA A C   1 
ATOM   219  O O   . ALA A 1 29  ? 11.623  -6.791  12.626  1.00 26.75  ? 29  ALA A O   1 
ATOM   220  C CB  . ALA A 1 29  ? 14.070  -8.204  11.819  1.00 31.84  ? 29  ALA A CB  1 
ATOM   221  N N   . HIS A 1 30  ? 11.438  -6.683  10.373  1.00 27.17  ? 30  HIS A N   1 
ATOM   222  C CA  . HIS A 1 30  ? 10.772  -5.388  10.469  1.00 31.54  ? 30  HIS A CA  1 
ATOM   223  C C   . HIS A 1 30  ? 9.267   -5.404  10.656  1.00 29.58  ? 30  HIS A C   1 
ATOM   224  O O   . HIS A 1 30  ? 8.635   -4.342  10.572  1.00 41.11  ? 30  HIS A O   1 
ATOM   225  C CB  . HIS A 1 30  ? 11.189  -4.471  9.323   1.00 29.36  ? 30  HIS A CB  1 
ATOM   226  C CG  . HIS A 1 30  ? 12.636  -4.091  9.321   1.00 33.85  ? 30  HIS A CG  1 
ATOM   227  N ND1 . HIS A 1 30  ? 13.185  -3.323  8.328   1.00 35.74  ? 30  HIS A ND1 1 
ATOM   228  C CD2 . HIS A 1 30  ? 13.652  -4.366  10.183  1.00 37.08  ? 30  HIS A CD2 1 
ATOM   229  C CE1 . HIS A 1 30  ? 14.480  -3.131  8.562   1.00 39.81  ? 30  HIS A CE1 1 
ATOM   230  N NE2 . HIS A 1 30  ? 14.780  -3.765  9.682   1.00 40.18  ? 30  HIS A NE2 1 
ATOM   231  N N   . GLY A 1 31  ? 8.674   -6.501  11.022  1.00 29.94  ? 31  GLY A N   1 
ATOM   232  C CA  . GLY A 1 31  ? 7.254   -6.540  11.373  1.00 32.00  ? 31  GLY A CA  1 
ATOM   233  C C   . GLY A 1 31  ? 6.518   -7.476  10.426  1.00 28.22  ? 31  GLY A C   1 
ATOM   234  O O   . GLY A 1 31  ? 7.157   -8.336  9.808   1.00 27.11  ? 31  GLY A O   1 
ATOM   235  N N   . GLY A 1 32  ? 5.191   -7.297  10.383  1.00 21.51  ? 32  GLY A N   1 
ATOM   236  C CA  . GLY A 1 32  ? 4.422   -8.252  9.560   1.00 20.00  ? 32  GLY A CA  1 
ATOM   237  C C   . GLY A 1 32  ? 3.696   -7.474  8.445   1.00 15.05  ? 32  GLY A C   1 
ATOM   238  O O   . GLY A 1 32  ? 4.171   -6.439  7.975   1.00 18.51  ? 32  GLY A O   1 
ATOM   239  N N   . GLY A 1 33  ? 2.566   -8.050  8.058   1.00 17.45  ? 33  GLY A N   1 
ATOM   240  C CA  . GLY A 1 33  ? 1.766   -7.480  6.994   1.00 18.87  ? 33  GLY A CA  1 
ATOM   241  C C   . GLY A 1 33  ? 0.957   -6.276  7.439   1.00 23.76  ? 33  GLY A C   1 
ATOM   242  O O   . GLY A 1 33  ? 1.186   -5.700  8.501   1.00 24.92  ? 33  GLY A O   1 
ATOM   243  N N   . ILE A 1 34  ? 0.105   -5.811  6.521   1.00 19.10  ? 34  ILE A N   1 
ATOM   244  C CA  . ILE A 1 34  ? -0.646  -4.570  6.705   1.00 21.41  ? 34  ILE A CA  1 
ATOM   245  C C   . ILE A 1 34  ? -1.991  -4.846  7.363   1.00 22.57  ? 34  ILE A C   1 
ATOM   246  O O   . ILE A 1 34  ? -2.680  -5.837  7.105   1.00 26.27  ? 34  ILE A O   1 
ATOM   247  C CB  . ILE A 1 34  ? -0.871  -3.853  5.356   1.00 26.10  ? 34  ILE A CB  1 
ATOM   248  C CG1 . ILE A 1 34  ? 0.437   -3.656  4.609   1.00 20.22  ? 34  ILE A CG1 1 
ATOM   249  C CG2 . ILE A 1 34  ? -1.548  -2.483  5.530   1.00 26.13  ? 34  ILE A CG2 1 
ATOM   250  C CD1 . ILE A 1 34  ? 1.469   -2.817  5.350   1.00 24.45  ? 34  ILE A CD1 1 
ATOM   251  N N   . GLU A 1 35  ? -2.365  -3.912  8.240   1.00 23.56  ? 35  GLU A N   1 
ATOM   252  C CA  . GLU A 1 35  ? -3.583  -4.062  9.032   1.00 24.94  ? 35  GLU A CA  1 
ATOM   253  C C   . GLU A 1 35  ? -4.220  -2.676  9.151   1.00 18.25  ? 35  GLU A C   1 
ATOM   254  O O   . GLU A 1 35  ? -3.756  -1.698  8.555   1.00 18.50  ? 35  GLU A O   1 
ATOM   255  C CB  . GLU A 1 35  ? -3.215  -4.486  10.478  1.00 27.71  ? 35  GLU A CB  1 
ATOM   256  C CG  . GLU A 1 35  ? -3.033  -5.970  10.660  1.00 39.30  ? 35  GLU A CG  1 
ATOM   257  C CD  . GLU A 1 35  ? -2.548  -6.399  12.023  1.00 36.87  ? 35  GLU A CD  1 
ATOM   258  O OE1 . GLU A 1 35  ? -2.563  -7.618  12.270  1.00 46.71  ? 35  GLU A OE1 1 
ATOM   259  O OE2 . GLU A 1 35  ? -2.150  -5.556  12.861  1.00 41.04  ? 35  GLU A OE2 1 
ATOM   260  N N   . THR A 1 36  ? -5.198  -2.586  10.037  1.00 22.43  ? 36  THR A N   1 
ATOM   261  C CA  . THR A 1 36  ? -5.792  -1.283  10.338  1.00 23.52  ? 36  THR A CA  1 
ATOM   262  C C   . THR A 1 36  ? -5.788  -1.041  11.862  1.00 29.20  ? 36  THR A C   1 
ATOM   263  O O   . THR A 1 36  ? -5.698  -1.989  12.622  1.00 27.62  ? 36  THR A O   1 
ATOM   264  C CB  . THR A 1 36  ? -7.257  -1.182  9.883   1.00 25.04  ? 36  THR A CB  1 
ATOM   265  O OG1 . THR A 1 36  ? -8.050  -2.191  10.542  1.00 25.52  ? 36  THR A OG1 1 
ATOM   266  C CG2 . THR A 1 36  ? -7.388  -1.329  8.386   1.00 26.29  ? 36  THR A CG2 1 
ATOM   267  N N   . ALA A 1 37  ? -5.858  0.220   12.256  1.00 26.20  ? 37  ALA A N   1 
ATOM   268  C CA  . ALA A 1 37  ? -5.984  0.554   13.682  1.00 29.92  ? 37  ALA A CA  1 
ATOM   269  C C   . ALA A 1 37  ? -6.868  1.800   13.820  1.00 27.42  ? 37  ALA A C   1 
ATOM   270  O O   . ALA A 1 37  ? -6.954  2.606   12.890  1.00 22.62  ? 37  ALA A O   1 
ATOM   271  C CB  . ALA A 1 37  ? -4.634  0.885   14.291  1.00 25.11  ? 37  ALA A CB  1 
ATOM   272  N N   . LYS A 1 38  ? -7.477  1.978   14.973  1.00 30.85  ? 38  LYS A N   1 
ATOM   273  C CA  . LYS A 1 38  ? -8.287  3.170   15.246  1.00 27.69  ? 38  LYS A CA  1 
ATOM   274  C C   . LYS A 1 38  ? -7.390  4.198   15.924  1.00 31.07  ? 38  LYS A C   1 
ATOM   275  O O   . LYS A 1 38  ? -6.871  3.892   17.004  1.00 32.72  ? 38  LYS A O   1 
ATOM   276  C CB  . LYS A 1 38  ? -9.446  2.808   16.165  1.00 31.30  ? 38  LYS A CB  1 
ATOM   277  C CG  . LYS A 1 38  ? -10.349 4.012   16.467  1.00 35.43  ? 38  LYS A CG  1 
ATOM   278  C CD  . LYS A 1 38  ? -11.096 3.870   17.778  1.00 38.64  ? 38  LYS A CD  1 
ATOM   279  C CE  . LYS A 1 38  ? -11.880 2.581   17.886  1.00 43.38  ? 38  LYS A CE  1 
ATOM   280  N NZ  . LYS A 1 38  ? -12.339 2.332   19.292  1.00 46.28  ? 38  LYS A NZ  1 
ATOM   281  N N   . THR A 1 39  ? -7.074  5.330   15.308  1.00 26.25  ? 39  THR A N   1 
ATOM   282  C CA  . THR A 1 39  ? -6.198  6.314   15.910  1.00 30.95  ? 39  THR A CA  1 
ATOM   283  C C   . THR A 1 39  ? -6.861  7.686   16.032  1.00 34.80  ? 39  THR A C   1 
ATOM   284  O O   . THR A 1 39  ? -7.917  7.927   15.434  1.00 31.79  ? 39  THR A O   1 
ATOM   285  C CB  . THR A 1 39  ? -4.852  6.475   15.172  1.00 29.94  ? 39  THR A CB  1 
ATOM   286  O OG1 . THR A 1 39  ? -5.018  7.092   13.882  1.00 27.15  ? 39  THR A OG1 1 
ATOM   287  C CG2 . THR A 1 39  ? -4.175  5.113   15.021  1.00 27.54  ? 39  THR A CG2 1 
ATOM   288  N N   . GLY A 1 40  ? -6.197  8.617   16.718  1.00 34.96  ? 40  GLY A N   1 
ATOM   289  C CA  . GLY A 1 40  ? -6.747  9.955   16.914  1.00 37.42  ? 40  GLY A CA  1 
ATOM   290  C C   . GLY A 1 40  ? -8.222  9.931   17.295  1.00 33.85  ? 40  GLY A C   1 
ATOM   291  O O   . GLY A 1 40  ? -8.669  9.156   18.135  1.00 33.66  ? 40  GLY A O   1 
ATOM   292  N N   . ASN A 1 41  ? -9.022  10.766  16.632  1.00 38.12  ? 41  ASN A N   1 
ATOM   293  C CA  . ASN A 1 41  ? -10.453 10.862  16.873  1.00 38.65  ? 41  ASN A CA  1 
ATOM   294  C C   . ASN A 1 41  ? -11.283 9.983   15.948  1.00 37.41  ? 41  ASN A C   1 
ATOM   295  O O   . ASN A 1 41  ? -12.502 10.192  15.850  1.00 32.37  ? 41  ASN A O   1 
ATOM   296  C CB  . ASN A 1 41  ? -10.916 12.324  16.669  1.00 37.46  ? 41  ASN A CB  1 
ATOM   297  C CG  . ASN A 1 41  ? -10.290 13.248  17.704  1.00 39.58  ? 41  ASN A CG  1 
ATOM   298  O OD1 . ASN A 1 41  ? -9.658  14.236  17.341  1.00 42.51  ? 41  ASN A OD1 1 
ATOM   299  N ND2 . ASN A 1 41  ? -10.478 12.887  18.967  1.00 36.39  ? 41  ASN A ND2 1 
ATOM   300  N N   . GLU A 1 42  ? -10.631 9.061   15.237  1.00 31.20  ? 42  GLU A N   1 
ATOM   301  C CA  . GLU A 1 42  ? -11.396 8.190   14.340  1.00 30.66  ? 42  GLU A CA  1 
ATOM   302  C C   . GLU A 1 42  ? -12.440 7.407   15.086  1.00 32.33  ? 42  GLU A C   1 
ATOM   303  O O   . GLU A 1 42  ? -12.189 6.877   16.178  1.00 33.04  ? 42  GLU A O   1 
ATOM   304  C CB  . GLU A 1 42  ? -10.452 7.202   13.592  1.00 25.58  ? 42  GLU A CB  1 
ATOM   305  C CG  . GLU A 1 42  ? -9.514  8.001   12.700  1.00 26.39  ? 42  GLU A CG  1 
ATOM   306  C CD  . GLU A 1 42  ? -8.480  7.067   12.047  1.00 29.21  ? 42  GLU A CD  1 
ATOM   307  O OE1 . GLU A 1 42  ? -8.241  5.995   12.625  1.00 28.59  ? 42  GLU A OE1 1 
ATOM   308  O OE2 . GLU A 1 42  ? -7.965  7.483   10.993  1.00 30.91  ? 42  GLU A OE2 1 
ATOM   309  N N   . PRO A 1 43  ? -13.613 7.227   14.473  1.00 31.60  ? 43  PRO A N   1 
ATOM   310  C CA  . PRO A 1 43  ? -14.708 6.517   15.093  1.00 33.34  ? 43  PRO A CA  1 
ATOM   311  C C   . PRO A 1 43  ? -14.513 5.019   15.029  1.00 34.71  ? 43  PRO A C   1 
ATOM   312  O O   . PRO A 1 43  ? -15.227 4.269   15.666  1.00 31.99  ? 43  PRO A O   1 
ATOM   313  C CB  . PRO A 1 43  ? -15.932 6.911   14.257  1.00 36.89  ? 43  PRO A CB  1 
ATOM   314  C CG  . PRO A 1 43  ? -15.356 7.185   12.904  1.00 35.19  ? 43  PRO A CG  1 
ATOM   315  C CD  . PRO A 1 43  ? -14.010 7.824   13.174  1.00 32.25  ? 43  PRO A CD  1 
ATOM   316  N N   . CYS A 1 44  ? -13.607 4.574   14.157  1.00 32.81  ? 44  CYS A N   1 
ATOM   317  C CA  . CYS A 1 44  ? -13.380 3.149   13.938  1.00 34.46  ? 44  CYS A CA  1 
ATOM   318  C C   . CYS A 1 44  ? -12.036 3.008   13.231  1.00 30.32  ? 44  CYS A C   1 
ATOM   319  O O   . CYS A 1 44  ? -11.357 4.016   12.997  1.00 29.70  ? 44  CYS A O   1 
ATOM   320  C CB  . CYS A 1 44  ? -14.558 2.671   13.087  1.00 39.61  ? 44  CYS A CB  1 
ATOM   321  S SG  . CYS A 1 44  ? -14.546 3.462   11.404  1.00 38.51  ? 44  CYS A SG  1 
ATOM   322  N N   . PRO A 1 45  ? -11.552 1.796   13.083  1.00 29.43  ? 45  PRO A N   1 
ATOM   323  C CA  . PRO A 1 45  ? -10.246 1.561   12.508  1.00 27.27  ? 45  PRO A CA  1 
ATOM   324  C C   . PRO A 1 45  ? -10.145 2.097   11.094  1.00 25.12  ? 45  PRO A C   1 
ATOM   325  O O   . PRO A 1 45  ? -10.490 1.402   10.139  1.00 29.99  ? 45  PRO A O   1 
ATOM   326  C CB  . PRO A 1 45  ? -10.029 0.051   12.611  1.00 27.43  ? 45  PRO A CB  1 
ATOM   327  C CG  . PRO A 1 45  ? -11.096 -0.451  13.535  1.00 32.12  ? 45  PRO A CG  1 
ATOM   328  C CD  . PRO A 1 45  ? -12.245 0.525   13.424  1.00 29.64  ? 45  PRO A CD  1 
ATOM   329  N N   . LEU A 1 46  ? -9.531  3.271   10.940  1.00 23.87  ? 46  LEU A N   1 
ATOM   330  C CA  . LEU A 1 46  ? -9.424  3.849   9.590   1.00 23.80  ? 46  LEU A CA  1 
ATOM   331  C C   . LEU A 1 46  ? -7.975  4.142   9.262   1.00 27.54  ? 46  LEU A C   1 
ATOM   332  O O   . LEU A 1 46  ? -7.678  4.780   8.254   1.00 28.43  ? 46  LEU A O   1 
ATOM   333  C CB  . LEU A 1 46  ? -10.291 5.113   9.491   1.00 22.18  ? 46  LEU A CB  1 
ATOM   334  C CG  . LEU A 1 46  ? -11.818 4.863   9.644   1.00 24.24  ? 46  LEU A CG  1 
ATOM   335  C CD1 . LEU A 1 46  ? -12.520 6.222   9.753   1.00 21.84  ? 46  LEU A CD1 1 
ATOM   336  C CD2 . LEU A 1 46  ? -12.345 4.079   8.445   1.00 26.54  ? 46  LEU A CD2 1 
ATOM   337  N N   . THR A 1 47  ? -7.053  3.766   10.162  1.00 23.09  ? 47  THR A N   1 
ATOM   338  C CA  . THR A 1 47  ? -5.644  4.075   9.930   1.00 21.24  ? 47  THR A CA  1 
ATOM   339  C C   . THR A 1 47  ? -4.958  2.819   9.371   1.00 22.98  ? 47  THR A C   1 
ATOM   340  O O   . THR A 1 47  ? -5.187  1.753   9.931   1.00 21.20  ? 47  THR A O   1 
ATOM   341  C CB  . THR A 1 47  ? -4.965  4.490   11.253  1.00 27.09  ? 47  THR A CB  1 
ATOM   342  O OG1 . THR A 1 47  ? -5.559  5.719   11.750  1.00 24.17  ? 47  THR A OG1 1 
ATOM   343  C CG2 . THR A 1 47  ? -3.485  4.753   11.047  1.00 25.44  ? 47  THR A CG2 1 
ATOM   344  N N   . VAL A 1 48  ? -4.208  2.976   8.300   1.00 22.68  ? 48  VAL A N   1 
ATOM   345  C CA  . VAL A 1 48  ? -3.509  1.798   7.732   1.00 21.61  ? 48  VAL A CA  1 
ATOM   346  C C   . VAL A 1 48  ? -2.151  1.655   8.411   1.00 17.91  ? 48  VAL A C   1 
ATOM   347  O O   . VAL A 1 48  ? -1.423  2.652   8.466   1.00 20.93  ? 48  VAL A O   1 
ATOM   348  C CB  . VAL A 1 48  ? -3.310  1.923   6.224   1.00 20.24  ? 48  VAL A CB  1 
ATOM   349  C CG1 . VAL A 1 48  ? -2.575  0.710   5.648   1.00 17.22  ? 48  VAL A CG1 1 
ATOM   350  C CG2 . VAL A 1 48  ? -4.709  2.052   5.582   1.00 19.32  ? 48  VAL A CG2 1 
ATOM   351  N N   . VAL A 1 49  ? -1.881  0.448   8.913   1.00 19.99  ? 49  VAL A N   1 
ATOM   352  C CA  . VAL A 1 49  ? -0.619  0.282   9.663   1.00 23.97  ? 49  VAL A CA  1 
ATOM   353  C C   . VAL A 1 49  ? 0.037   -1.056  9.324   1.00 23.79  ? 49  VAL A C   1 
ATOM   354  O O   . VAL A 1 49  ? -0.527  -1.929  8.665   1.00 22.52  ? 49  VAL A O   1 
ATOM   355  C CB  . VAL A 1 49  ? -0.875  0.294   11.189  1.00 25.73  ? 49  VAL A CB  1 
ATOM   356  C CG1 . VAL A 1 49  ? -1.641  1.490   11.730  1.00 23.95  ? 49  VAL A CG1 1 
ATOM   357  C CG2 . VAL A 1 49  ? -1.656  -0.960  11.593  1.00 23.91  ? 49  VAL A CG2 1 
ATOM   358  N N   . ARG A 1 50  ? 1.304   -1.171  9.745   1.00 24.97  ? 50  ARG A N   1 
ATOM   359  C CA  . ARG A 1 50  ? 2.005   -2.451  9.653   1.00 24.37  ? 50  ARG A CA  1 
ATOM   360  C C   . ARG A 1 50  ? 1.897   -3.233  10.958  1.00 27.15  ? 50  ARG A C   1 
ATOM   361  O O   . ARG A 1 50  ? 2.043   -2.638  12.034  1.00 27.98  ? 50  ARG A O   1 
ATOM   362  C CB  . ARG A 1 50  ? 3.481   -2.159  9.316   1.00 26.37  ? 50  ARG A CB  1 
ATOM   363  C CG  . ARG A 1 50  ? 4.341   -3.415  9.394   1.00 25.22  ? 50  ARG A CG  1 
ATOM   364  C CD  . ARG A 1 50  ? 5.756   -3.125  8.935   1.00 28.37  ? 50  ARG A CD  1 
ATOM   365  N NE  . ARG A 1 50  ? 5.945   -3.199  7.492   1.00 29.71  ? 50  ARG A NE  1 
ATOM   366  C CZ  . ARG A 1 50  ? 7.017   -2.755  6.855   1.00 29.97  ? 50  ARG A CZ  1 
ATOM   367  N NH1 . ARG A 1 50  ? 7.989   -2.141  7.526   1.00 32.70  ? 50  ARG A NH1 1 
ATOM   368  N NH2 . ARG A 1 50  ? 7.163   -2.915  5.544   1.00 27.48  ? 50  ARG A NH2 1 
ATOM   369  N N   . SER A 1 51  ? 1.545   -4.508  10.917  1.00 25.21  ? 51  SER A N   1 
ATOM   370  C CA  . SER A 1 51  ? 1.486   -5.383  12.079  1.00 31.14  ? 51  SER A CA  1 
ATOM   371  C C   . SER A 1 51  ? 2.857   -5.499  12.718  1.00 31.24  ? 51  SER A C   1 
ATOM   372  O O   . SER A 1 51  ? 3.867   -5.582  12.002  1.00 31.37  ? 51  SER A O   1 
ATOM   373  C CB  . SER A 1 51  ? 1.080   -6.811  11.669  1.00 32.00  ? 51  SER A CB  1 
ATOM   374  O OG  . SER A 1 51  ? 1.179   -7.727  12.761  1.00 29.84  ? 51  SER A OG  1 
ATOM   375  N N   . PRO A 1 52  ? 2.916   -5.509  14.039  1.00 35.02  ? 52  PRO A N   1 
ATOM   376  C CA  . PRO A 1 52  ? 4.172   -5.702  14.754  1.00 35.66  ? 52  PRO A CA  1 
ATOM   377  C C   . PRO A 1 52  ? 4.524   -7.166  14.887  1.00 31.23  ? 52  PRO A C   1 
ATOM   378  O O   . PRO A 1 52  ? 5.634   -7.499  15.335  1.00 39.12  ? 52  PRO A O   1 
ATOM   379  C CB  . PRO A 1 52  ? 3.848   -5.112  16.144  1.00 38.03  ? 52  PRO A CB  1 
ATOM   380  C CG  . PRO A 1 52  ? 2.412   -5.462  16.331  1.00 39.08  ? 52  PRO A CG  1 
ATOM   381  C CD  . PRO A 1 52  ? 1.769   -5.361  14.964  1.00 35.69  ? 52  PRO A CD  1 
ATOM   382  N N   . ASN A 1 53  ? 3.609   -8.087  14.622  1.00 32.89  ? 53  ASN A N   1 
ATOM   383  C CA  . ASN A 1 53  ? 3.866   -9.526  14.727  1.00 31.37  ? 53  ASN A CA  1 
ATOM   384  C C   . ASN A 1 53  ? 4.626   -9.971  13.473  1.00 36.51  ? 53  ASN A C   1 
ATOM   385  O O   . ASN A 1 53  ? 4.093   -9.919  12.361  1.00 32.86  ? 53  ASN A O   1 
ATOM   386  C CB  . ASN A 1 53  ? 2.573   -10.305 14.944  1.00 36.35  ? 53  ASN A CB  1 
ATOM   387  C CG  . ASN A 1 53  ? 2.732   -11.793 15.210  1.00 38.56  ? 53  ASN A CG  1 
ATOM   388  O OD1 . ASN A 1 53  ? 3.286   -12.526 14.381  1.00 33.18  ? 53  ASN A OD1 1 
ATOM   389  N ND2 . ASN A 1 53  ? 2.248   -12.312 16.346  1.00 32.08  ? 53  ASN A ND2 1 
ATOM   390  N N   . GLU A 1 54  ? 5.889   -10.368 13.623  1.00 32.67  ? 54  GLU A N   1 
ATOM   391  C CA  . GLU A 1 54  ? 6.728   -10.793 12.507  1.00 29.96  ? 54  GLU A CA  1 
ATOM   392  C C   . GLU A 1 54  ? 6.201   -12.014 11.813  1.00 27.49  ? 54  GLU A C   1 
ATOM   393  O O   . GLU A 1 54  ? 6.560   -12.247 10.637  1.00 28.90  ? 54  GLU A O   1 
ATOM   394  C CB  . GLU A 1 54  ? 8.135   -11.093 13.058  1.00 30.95  ? 54  GLU A CB  1 
ATOM   395  C CG  . GLU A 1 54  ? 8.951   -9.778  13.174  1.00 37.66  ? 54  GLU A CG  1 
ATOM   396  C CD  . GLU A 1 54  ? 8.867   -9.273  14.584  1.00 43.02  ? 54  GLU A CD  1 
ATOM   397  O OE1 . GLU A 1 54  ? 8.547   -8.064  14.635  1.00 40.25  ? 54  GLU A OE1 1 
ATOM   398  O OE2 . GLU A 1 54  ? 9.065   -10.012 15.567  1.00 43.38  ? 54  GLU A OE2 1 
ATOM   399  N N   . VAL A 1 55  ? 5.377   -12.848 12.473  1.00 25.52  ? 55  VAL A N   1 
ATOM   400  C CA  . VAL A 1 55  ? 4.824   -14.013 11.820  1.00 27.29  ? 55  VAL A CA  1 
ATOM   401  C C   . VAL A 1 55  ? 3.499   -13.708 11.106  1.00 28.86  ? 55  VAL A C   1 
ATOM   402  O O   . VAL A 1 55  ? 3.035   -14.526 10.304  1.00 29.99  ? 55  VAL A O   1 
ATOM   403  C CB  . VAL A 1 55  ? 4.633   -15.255 12.720  1.00 33.82  ? 55  VAL A CB  1 
ATOM   404  C CG1 . VAL A 1 55  ? 3.360   -15.275 13.537  1.00 37.19  ? 55  VAL A CG1 1 
ATOM   405  C CG2 . VAL A 1 55  ? 4.624   -16.508 11.819  1.00 38.56  ? 55  VAL A CG2 1 
ATOM   406  N N   . SER A 1 56  ? 2.949   -12.533 11.369  1.00 30.62  ? 56  SER A N   1 
ATOM   407  C CA  . SER A 1 56  ? 1.638   -12.221 10.785  1.00 26.80  ? 56  SER A CA  1 
ATOM   408  C C   . SER A 1 56  ? 1.794   -11.745 9.328   1.00 20.74  ? 56  SER A C   1 
ATOM   409  O O   . SER A 1 56  ? 2.574   -10.856 9.064   1.00 23.33  ? 56  SER A O   1 
ATOM   410  C CB  . SER A 1 56  ? 0.883   -11.160 11.584  1.00 28.56  ? 56  SER A CB  1 
ATOM   411  O OG  . SER A 1 56  ? -0.355  -10.898 10.876  1.00 29.51  ? 56  SER A OG  1 
ATOM   412  N N   . LYS A 1 57  ? 1.007   -12.341 8.464   1.00 22.79  ? 57  LYS A N   1 
ATOM   413  C CA  . LYS A 1 57  ? 0.960   -11.939 7.052   1.00 23.50  ? 57  LYS A CA  1 
ATOM   414  C C   . LYS A 1 57  ? 0.080   -10.701 6.877   1.00 25.64  ? 57  LYS A C   1 
ATOM   415  O O   . LYS A 1 57  ? 0.011   -10.084 5.821   1.00 20.20  ? 57  LYS A O   1 
ATOM   416  C CB  . LYS A 1 57  ? 0.395   -13.104 6.259   1.00 22.56  ? 57  LYS A CB  1 
ATOM   417  C CG  . LYS A 1 57  ? 1.419   -14.235 6.090   1.00 29.23  ? 57  LYS A CG  1 
ATOM   418  C CD  . LYS A 1 57  ? 0.859   -15.369 5.258   1.00 34.13  ? 57  LYS A CD  1 
ATOM   419  C CE  . LYS A 1 57  ? -0.435  -15.967 5.766   1.00 41.97  ? 57  LYS A CE  1 
ATOM   420  N NZ  . LYS A 1 57  ? -0.313  -16.695 7.076   1.00 45.30  ? 57  LYS A NZ  1 
ATOM   421  N N   . GLY A 1 58  ? -0.582  -10.303 7.955   1.00 22.76  ? 58  GLY A N   1 
ATOM   422  C CA  . GLY A 1 58  ? -1.463  -9.127  7.925   1.00 21.28  ? 58  GLY A CA  1 
ATOM   423  C C   . GLY A 1 58  ? -2.668  -9.465  7.063   1.00 19.49  ? 58  GLY A C   1 
ATOM   424  O O   . GLY A 1 58  ? -3.040  -10.618 6.864   1.00 20.49  ? 58  GLY A O   1 
ATOM   425  N N   . GLU A 1 59  ? -3.322  -8.435  6.491   1.00 21.63  ? 59  GLU A N   1 
ATOM   426  C CA  . GLU A 1 59  ? -4.528  -8.638  5.711   1.00 20.32  ? 59  GLU A CA  1 
ATOM   427  C C   . GLU A 1 59  ? -4.200  -8.852  4.229   1.00 19.97  ? 59  GLU A C   1 
ATOM   428  O O   . GLU A 1 59  ? -3.360  -8.153  3.692   1.00 18.19  ? 59  GLU A O   1 
ATOM   429  C CB  . GLU A 1 59  ? -5.426  -7.382  5.859   1.00 20.16  ? 59  GLU A CB  1 
ATOM   430  C CG  . GLU A 1 59  ? -6.085  -7.288  7.232   1.00 25.40  ? 59  GLU A CG  1 
ATOM   431  C CD  . GLU A 1 59  ? -7.110  -8.399  7.393   1.00 30.12  ? 59  GLU A CD  1 
ATOM   432  O OE1 . GLU A 1 59  ? -7.840  -8.726  6.442   1.00 30.67  ? 59  GLU A OE1 1 
ATOM   433  O OE2 . GLU A 1 59  ? -7.177  -9.021  8.470   1.00 37.47  ? 59  GLU A OE2 1 
ATOM   434  N N   . PRO A 1 60  ? -5.067  -9.583  3.534   1.00 22.28  ? 60  PRO A N   1 
ATOM   435  C CA  . PRO A 1 60  ? -4.918  -9.753  2.096   1.00 20.72  ? 60  PRO A CA  1 
ATOM   436  C C   . PRO A 1 60  ? -5.275  -8.419  1.473   1.00 24.28  ? 60  PRO A C   1 
ATOM   437  O O   . PRO A 1 60  ? -6.252  -7.799  1.926   1.00 20.07  ? 60  PRO A O   1 
ATOM   438  C CB  . PRO A 1 60  ? -5.821  -10.894 1.736   1.00 25.64  ? 60  PRO A CB  1 
ATOM   439  C CG  . PRO A 1 60  ? -6.576  -11.281 2.955   1.00 28.19  ? 60  PRO A CG  1 
ATOM   440  C CD  . PRO A 1 60  ? -6.095  -10.471 4.119   1.00 24.57  ? 60  PRO A CD  1 
ATOM   441  N N   . ILE A 1 61  ? -4.477  -7.941  0.539   1.00 18.51  ? 61  ILE A N   1 
ATOM   442  C CA  . ILE A 1 61  ? -4.678  -6.632  -0.076  1.00 16.56  ? 61  ILE A CA  1 
ATOM   443  C C   . ILE A 1 61  ? -4.907  -6.831  -1.570  1.00 19.91  ? 61  ILE A C   1 
ATOM   444  O O   . ILE A 1 61  ? -4.125  -7.487  -2.269  1.00 16.34  ? 61  ILE A O   1 
ATOM   445  C CB  . ILE A 1 61  ? -3.447  -5.723  0.106   1.00 14.60  ? 61  ILE A CB  1 
ATOM   446  C CG1 . ILE A 1 61  ? -3.066  -5.507  1.574   1.00 21.17  ? 61  ILE A CG1 1 
ATOM   447  C CG2 . ILE A 1 61  ? -3.602  -4.341  -0.573  1.00 12.69  ? 61  ILE A CG2 1 
ATOM   448  C CD1 . ILE A 1 61  ? -4.223  -4.972  2.397   1.00 21.69  ? 61  ILE A CD1 1 
ATOM   449  N N   . ARG A 1 62  ? -5.962  -6.239  -2.076  1.00 16.56  ? 62  ARG A N   1 
ATOM   450  C CA  . ARG A 1 62  ? -6.250  -6.245  -3.522  1.00 17.32  ? 62  ARG A CA  1 
ATOM   451  C C   . ARG A 1 62  ? -5.420  -5.165  -4.186  1.00 17.15  ? 62  ARG A C   1 
ATOM   452  O O   . ARG A 1 62  ? -5.310  -4.029  -3.681  1.00 17.09  ? 62  ARG A O   1 
ATOM   453  C CB  . ARG A 1 62  ? -7.741  -5.867  -3.683  1.00 25.00  ? 62  ARG A CB  1 
ATOM   454  C CG  . ARG A 1 62  ? -8.443  -6.314  -4.941  1.00 39.94  ? 62  ARG A CG  1 
ATOM   455  C CD  . ARG A 1 62  ? -9.902  -5.884  -4.896  1.00 47.19  ? 62  ARG A CD  1 
ATOM   456  N NE  . ARG A 1 62  ? -10.691 -6.528  -3.850  1.00 53.64  ? 62  ARG A NE  1 
ATOM   457  C CZ  . ARG A 1 62  ? -11.008 -7.817  -3.798  1.00 54.35  ? 62  ARG A CZ  1 
ATOM   458  N NH1 . ARG A 1 62  ? -10.580 -8.669  -4.718  1.00 52.96  ? 62  ARG A NH1 1 
ATOM   459  N NH2 . ARG A 1 62  ? -11.756 -8.299  -2.804  1.00 56.68  ? 62  ARG A NH2 1 
ATOM   460  N N   . ILE A 1 63  ? -4.688  -5.546  -5.230  1.00 15.41  ? 63  ILE A N   1 
ATOM   461  C CA  . ILE A 1 63  ? -3.840  -4.589  -5.951  1.00 14.97  ? 63  ILE A CA  1 
ATOM   462  C C   . ILE A 1 63  ? -4.429  -4.411  -7.353  1.00 16.43  ? 63  ILE A C   1 
ATOM   463  O O   . ILE A 1 63  ? -4.433  -5.377  -8.136  1.00 18.31  ? 63  ILE A O   1 
ATOM   464  C CB  . ILE A 1 63  ? -2.391  -5.134  -6.087  1.00 18.93  ? 63  ILE A CB  1 
ATOM   465  C CG1 . ILE A 1 63  ? -1.786  -5.489  -4.725  1.00 17.67  ? 63  ILE A CG1 1 
ATOM   466  C CG2 . ILE A 1 63  ? -1.544  -4.100  -6.821  1.00 15.06  ? 63  ILE A CG2 1 
ATOM   467  C CD1 . ILE A 1 63  ? -0.355  -6.082  -4.790  1.00 19.62  ? 63  ILE A CD1 1 
ATOM   468  N N   . SER A 1 64  ? -4.962  -3.252  -7.663  1.00 17.45  ? 64  SER A N   1 
ATOM   469  C CA  . SER A 1 64  ? -5.622  -3.032  -8.945  1.00 19.61  ? 64  SER A CA  1 
ATOM   470  C C   . SER A 1 64  ? -5.019  -1.874  -9.711  1.00 18.67  ? 64  SER A C   1 
ATOM   471  O O   . SER A 1 64  ? -4.929  -0.736  -9.232  1.00 19.20  ? 64  SER A O   1 
ATOM   472  C CB  . SER A 1 64  ? -7.130  -2.748  -8.758  1.00 19.33  ? 64  SER A CB  1 
ATOM   473  O OG  . SER A 1 64  ? -7.766  -3.867  -8.193  1.00 25.69  ? 64  SER A OG  1 
ATOM   474  N N   . SER A 1 65  ? -4.736  -2.134  -10.990 1.00 16.85  ? 65  SER A N   1 
ATOM   475  C CA  . SER A 1 65  ? -4.173  -1.068  -11.798 1.00 21.03  ? 65  SER A CA  1 
ATOM   476  C C   . SER A 1 65  ? -5.285  -0.282  -12.453 1.00 23.05  ? 65  SER A C   1 
ATOM   477  O O   . SER A 1 65  ? -6.458  -0.646  -12.417 1.00 20.00  ? 65  SER A O   1 
ATOM   478  C CB  . SER A 1 65  ? -3.212  -1.644  -12.843 1.00 29.03  ? 65  SER A CB  1 
ATOM   479  O OG  . SER A 1 65  ? -3.872  -1.865  -14.032 1.00 30.99  ? 65  SER A OG  1 
ATOM   480  N N   . GLN A 1 66  ? -4.919  0.804   -13.097 1.00 23.42  ? 66  GLN A N   1 
ATOM   481  C CA  . GLN A 1 66  ? -5.823  1.638   -13.861 1.00 30.26  ? 66  GLN A CA  1 
ATOM   482  C C   . GLN A 1 66  ? -6.261  0.927   -15.152 1.00 33.09  ? 66  GLN A C   1 
ATOM   483  O O   . GLN A 1 66  ? -7.284  1.294   -15.721 1.00 28.86  ? 66  GLN A O   1 
ATOM   484  C CB  . GLN A 1 66  ? -5.094  2.953   -14.201 1.00 34.19  ? 66  GLN A CB  1 
ATOM   485  C CG  . GLN A 1 66  ? -3.614  2.712   -14.566 1.00 36.50  ? 66  GLN A CG  1 
ATOM   486  C CD  . GLN A 1 66  ? -2.832  3.985   -14.805 1.00 41.83  ? 66  GLN A CD  1 
ATOM   487  O OE1 . GLN A 1 66  ? -1.579  4.047   -14.728 1.00 31.68  ? 66  GLN A OE1 1 
ATOM   488  N NE2 . GLN A 1 66  ? -3.566  5.069   -15.098 1.00 42.34  ? 66  GLN A NE2 1 
ATOM   489  N N   . PHE A 1 67  ? -5.556  -0.106  -15.590 1.00 26.85  ? 67  PHE A N   1 
ATOM   490  C CA  . PHE A 1 67  ? -5.875  -0.860  -16.799 1.00 27.72  ? 67  PHE A CA  1 
ATOM   491  C C   . PHE A 1 67  ? -6.646  -2.156  -16.633 1.00 29.40  ? 67  PHE A C   1 
ATOM   492  O O   . PHE A 1 67  ? -6.790  -2.741  -15.554 1.00 29.15  ? 67  PHE A O   1 
ATOM   493  C CB  . PHE A 1 67  ? -4.501  -1.249  -17.436 1.00 28.28  ? 67  PHE A CB  1 
ATOM   494  C CG  . PHE A 1 67  ? -3.644  -0.027  -17.624 1.00 34.20  ? 67  PHE A CG  1 
ATOM   495  C CD1 . PHE A 1 67  ? -4.100  1.047   -18.374 1.00 36.50  ? 67  PHE A CD1 1 
ATOM   496  C CD2 . PHE A 1 67  ? -2.393  0.045   -17.029 1.00 37.14  ? 67  PHE A CD2 1 
ATOM   497  C CE1 . PHE A 1 67  ? -3.309  2.170   -18.529 1.00 39.23  ? 67  PHE A CE1 1 
ATOM   498  C CE2 . PHE A 1 67  ? -1.601  1.166   -17.197 1.00 40.97  ? 67  PHE A CE2 1 
ATOM   499  C CZ  . PHE A 1 67  ? -2.060  2.236   -17.951 1.00 38.78  ? 67  PHE A CZ  1 
ATOM   500  N N   . LEU A 1 68  ? -7.137  -2.696  -17.757 1.00 27.15  ? 68  LEU A N   1 
ATOM   501  C CA  . LEU A 1 68  ? -7.837  -3.965  -17.809 1.00 31.15  ? 68  LEU A CA  1 
ATOM   502  C C   . LEU A 1 68  ? -6.917  -5.185  -17.859 1.00 31.10  ? 68  LEU A C   1 
ATOM   503  O O   . LEU A 1 68  ? -7.399  -6.335  -17.817 1.00 36.57  ? 68  LEU A O   1 
ATOM   504  C CB  . LEU A 1 68  ? -8.681  -3.991  -19.099 1.00 31.88  ? 68  LEU A CB  1 
ATOM   505  C CG  . LEU A 1 68  ? -9.923  -3.122  -19.136 1.00 31.79  ? 68  LEU A CG  1 
ATOM   506  C CD1 . LEU A 1 68  ? -10.456 -3.002  -20.567 1.00 32.21  ? 68  LEU A CD1 1 
ATOM   507  C CD2 . LEU A 1 68  ? -10.990 -3.724  -18.245 1.00 28.86  ? 68  LEU A CD2 1 
ATOM   508  N N   . SER A 1 69  ? -5.650  -5.003  -18.030 1.00 28.54  ? 69  SER A N   1 
ATOM   509  C CA  . SER A 1 69  ? -4.675  -6.048  -18.257 1.00 27.59  ? 69  SER A CA  1 
ATOM   510  C C   . SER A 1 69  ? -4.684  -7.110  -17.177 1.00 28.20  ? 69  SER A C   1 
ATOM   511  O O   . SER A 1 69  ? -5.091  -6.886  -16.036 1.00 22.51  ? 69  SER A O   1 
ATOM   512  C CB  A SER A 1 69  ? -3.249  -5.469  -18.353 0.50 28.28  ? 69  SER A CB  1 
ATOM   513  C CB  B SER A 1 69  ? -3.283  -5.392  -18.380 0.50 28.47  ? 69  SER A CB  1 
ATOM   514  O OG  A SER A 1 69  ? -3.015  -4.790  -17.133 0.50 26.02  ? 69  SER A OG  1 
ATOM   515  O OG  B SER A 1 69  ? -3.499  -4.128  -19.028 0.50 25.52  ? 69  SER A OG  1 
ATOM   516  N N   . LEU A 1 70  ? -4.153  -8.298  -17.557 1.00 21.67  ? 70  LEU A N   1 
ATOM   517  C CA  . LEU A 1 70  ? -4.122  -9.368  -16.549 1.00 21.96  ? 70  LEU A CA  1 
ATOM   518  C C   . LEU A 1 70  ? -3.059  -9.126  -15.489 1.00 21.39  ? 70  LEU A C   1 
ATOM   519  O O   . LEU A 1 70  ? -3.158  -9.643  -14.371 1.00 22.78  ? 70  LEU A O   1 
ATOM   520  C CB  . LEU A 1 70  ? -3.829  -10.711 -17.235 1.00 28.23  ? 70  LEU A CB  1 
ATOM   521  C CG  . LEU A 1 70  ? -4.926  -11.204 -18.194 1.00 32.04  ? 70  LEU A CG  1 
ATOM   522  C CD1 . LEU A 1 70  ? -4.562  -12.590 -18.721 1.00 35.66  ? 70  LEU A CD1 1 
ATOM   523  C CD2 . LEU A 1 70  ? -6.296  -11.215 -17.552 1.00 34.26  ? 70  LEU A CD2 1 
ATOM   524  N N   . PHE A 1 71  ? -1.985  -8.440  -15.864 1.00 19.57  ? 71  PHE A N   1 
ATOM   525  C CA  . PHE A 1 71  ? -0.856  -8.187  -14.975 1.00 23.47  ? 71  PHE A CA  1 
ATOM   526  C C   . PHE A 1 71  ? -0.673  -6.692  -14.796 1.00 23.77  ? 71  PHE A C   1 
ATOM   527  O O   . PHE A 1 71  ? -1.495  -5.865  -15.251 1.00 21.89  ? 71  PHE A O   1 
ATOM   528  C CB  . PHE A 1 71  ? 0.448   -8.814  -15.559 1.00 24.12  ? 71  PHE A CB  1 
ATOM   529  C CG  . PHE A 1 71  ? 0.247   -10.296 -15.766 1.00 22.39  ? 71  PHE A CG  1 
ATOM   530  C CD1 . PHE A 1 71  ? 0.178   -10.829 -17.050 1.00 23.15  ? 71  PHE A CD1 1 
ATOM   531  C CD2 . PHE A 1 71  ? 0.076   -11.128 -14.679 1.00 23.83  ? 71  PHE A CD2 1 
ATOM   532  C CE1 . PHE A 1 71  ? -0.052  -12.182 -17.222 1.00 25.99  ? 71  PHE A CE1 1 
ATOM   533  C CE2 . PHE A 1 71  ? -0.169  -12.482 -14.851 1.00 28.68  ? 71  PHE A CE2 1 
ATOM   534  C CZ  . PHE A 1 71  ? -0.230  -13.003 -16.113 1.00 23.34  ? 71  PHE A CZ  1 
ATOM   535  N N   . ILE A 1 72  ? 0.402   -6.302  -14.100 1.00 17.02  ? 72  ILE A N   1 
ATOM   536  C CA  . ILE A 1 72  ? 0.529   -4.860  -13.801 1.00 18.59  ? 72  ILE A CA  1 
ATOM   537  C C   . ILE A 1 72  ? 1.884   -4.323  -14.198 1.00 21.34  ? 72  ILE A C   1 
ATOM   538  O O   . ILE A 1 72  ? 2.881   -4.600  -13.518 1.00 19.64  ? 72  ILE A O   1 
ATOM   539  C CB  . ILE A 1 72  ? 0.323   -4.663  -12.271 1.00 17.96  ? 72  ILE A CB  1 
ATOM   540  C CG1 . ILE A 1 72  ? -1.051  -5.118  -11.770 1.00 22.73  ? 72  ILE A CG1 1 
ATOM   541  C CG2 . ILE A 1 72  ? 0.566   -3.209  -11.894 1.00 17.03  ? 72  ILE A CG2 1 
ATOM   542  C CD1 . ILE A 1 72  ? -1.234  -5.072  -10.247 1.00 20.64  ? 72  ILE A CD1 1 
ATOM   543  N N   . PRO A 1 73  ? 1.966   -3.541  -15.260 1.00 23.04  ? 73  PRO A N   1 
ATOM   544  C CA  . PRO A 1 73  ? 3.235   -2.950  -15.682 1.00 26.28  ? 73  PRO A CA  1 
ATOM   545  C C   . PRO A 1 73  ? 3.789   -2.143  -14.525 1.00 29.61  ? 73  PRO A C   1 
ATOM   546  O O   . PRO A 1 73  ? 3.007   -1.393  -13.909 1.00 22.74  ? 73  PRO A O   1 
ATOM   547  C CB  . PRO A 1 73  ? 2.882   -2.072  -16.857 1.00 28.60  ? 73  PRO A CB  1 
ATOM   548  C CG  . PRO A 1 73  ? 1.628   -2.671  -17.385 1.00 31.42  ? 73  PRO A CG  1 
ATOM   549  C CD  . PRO A 1 73  ? 0.860   -3.194  -16.174 1.00 26.10  ? 73  PRO A CD  1 
ATOM   550  N N   . ARG A 1 74  ? 5.088   -2.174  -14.252 1.00 27.88  ? 74  ARG A N   1 
ATOM   551  C CA  . ARG A 1 74  ? 5.528   -1.531  -12.998 1.00 34.50  ? 74  ARG A CA  1 
ATOM   552  C C   . ARG A 1 74  ? 5.380   -0.022  -12.977 1.00 31.37  ? 74  ARG A C   1 
ATOM   553  O O   . ARG A 1 74  ? 5.441   0.533   -11.866 1.00 33.10  ? 74  ARG A O   1 
ATOM   554  C CB  . ARG A 1 74  ? 6.934   -1.954  -12.599 1.00 35.20  ? 74  ARG A CB  1 
ATOM   555  C CG  . ARG A 1 74  ? 7.992   -1.341  -13.525 1.00 39.15  ? 74  ARG A CG  1 
ATOM   556  C CD  . ARG A 1 74  ? 9.328   -2.023  -13.186 1.00 47.07  ? 74  ARG A CD  1 
ATOM   557  N NE  . ARG A 1 74  ? 10.445  -1.186  -13.647 1.00 53.61  ? 74  ARG A NE  1 
ATOM   558  C CZ  . ARG A 1 74  ? 11.712  -1.542  -13.453 1.00 55.67  ? 74  ARG A CZ  1 
ATOM   559  N NH1 . ARG A 1 74  ? 11.953  -2.694  -12.839 1.00 55.77  ? 74  ARG A NH1 1 
ATOM   560  N NH2 . ARG A 1 74  ? 12.695  -0.758  -13.874 1.00 57.88  ? 74  ARG A NH2 1 
ATOM   561  N N   . GLY A 1 75  ? 5.234   0.640   -14.129 1.00 28.04  ? 75  GLY A N   1 
ATOM   562  C CA  . GLY A 1 75  ? 5.050   2.103   -14.075 1.00 30.44  ? 75  GLY A CA  1 
ATOM   563  C C   . GLY A 1 75  ? 3.553   2.444   -13.984 1.00 28.51  ? 75  GLY A C   1 
ATOM   564  O O   . GLY A 1 75  ? 3.157   3.594   -14.125 1.00 31.68  ? 75  GLY A O   1 
ATOM   565  N N   . SER A 1 76  ? 2.698   1.443   -13.744 1.00 22.20  ? 76  SER A N   1 
ATOM   566  C CA  . SER A 1 76  ? 1.264   1.672   -13.611 1.00 21.71  ? 76  SER A CA  1 
ATOM   567  C C   . SER A 1 76  ? 0.899   2.256   -12.265 1.00 17.67  ? 76  SER A C   1 
ATOM   568  O O   . SER A 1 76  ? 1.443   1.913   -11.195 1.00 16.90  ? 76  SER A O   1 
ATOM   569  C CB  A SER A 1 76  ? 0.521   0.337   -13.837 0.50 23.85  ? 76  SER A CB  1 
ATOM   570  C CB  B SER A 1 76  ? 0.544   0.306   -13.729 0.50 24.67  ? 76  SER A CB  1 
ATOM   571  O OG  A SER A 1 76  ? -0.891  0.512   -13.727 0.50 24.23  ? 76  SER A OG  1 
ATOM   572  O OG  B SER A 1 76  ? 0.873   -0.318  -14.938 0.50 28.23  ? 76  SER A OG  1 
ATOM   573  N N   . LEU A 1 77  ? -0.113  3.129   -12.230 1.00 19.01  ? 77  LEU A N   1 
ATOM   574  C CA  . LEU A 1 77  ? -0.664  3.606   -10.971 1.00 19.98  ? 77  LEU A CA  1 
ATOM   575  C C   . LEU A 1 77  ? -1.530  2.459   -10.441 1.00 19.91  ? 77  LEU A C   1 
ATOM   576  O O   . LEU A 1 77  ? -2.058  1.688   -11.266 1.00 18.76  ? 77  LEU A O   1 
ATOM   577  C CB  . LEU A 1 77  ? -1.602  4.790   -11.201 1.00 22.33  ? 77  LEU A CB  1 
ATOM   578  C CG  . LEU A 1 77  ? -0.951  6.136   -11.478 1.00 26.74  ? 77  LEU A CG  1 
ATOM   579  C CD1 . LEU A 1 77  ? -2.027  7.133   -11.946 1.00 25.17  ? 77  LEU A CD1 1 
ATOM   580  C CD2 . LEU A 1 77  ? -0.264  6.668   -10.211 1.00 28.60  ? 77  LEU A CD2 1 
ATOM   581  N N   . VAL A 1 78  ? -1.586  2.252   -9.131  1.00 18.43  ? 78  VAL A N   1 
ATOM   582  C CA  . VAL A 1 78  ? -2.420  1.191   -8.597  1.00 18.24  ? 78  VAL A CA  1 
ATOM   583  C C   . VAL A 1 78  ? -3.240  1.720   -7.408  1.00 19.78  ? 78  VAL A C   1 
ATOM   584  O O   . VAL A 1 78  ? -2.841  2.716   -6.815  1.00 16.47  ? 78  VAL A O   1 
ATOM   585  C CB  . VAL A 1 78  ? -1.662  -0.054  -8.122  1.00 19.17  ? 78  VAL A CB  1 
ATOM   586  C CG1 . VAL A 1 78  ? -0.950  -0.796  -9.248  1.00 17.19  ? 78  VAL A CG1 1 
ATOM   587  C CG2 . VAL A 1 78  ? -0.695  0.294   -6.983  1.00 17.58  ? 78  VAL A CG2 1 
ATOM   588  N N   . ALA A 1 79  ? -4.377  1.071   -7.186  1.00 16.50  ? 79  ALA A N   1 
ATOM   589  C CA  . ALA A 1 79  ? -5.149  1.283   -5.958  1.00 18.97  ? 79  ALA A CA  1 
ATOM   590  C C   . ALA A 1 79  ? -4.885  0.051   -5.074  1.00 19.62  ? 79  ALA A C   1 
ATOM   591  O O   . ALA A 1 79  ? -4.643  -1.049  -5.607  1.00 17.56  ? 79  ALA A O   1 
ATOM   592  C CB  . ALA A 1 79  ? -6.633  1.376   -6.303  1.00 16.89  ? 79  ALA A CB  1 
ATOM   593  N N   . LEU A 1 80  ? -4.913  0.216   -3.779  1.00 14.28  ? 80  LEU A N   1 
ATOM   594  C CA  . LEU A 1 80  ? -4.660  -0.862  -2.815  1.00 16.51  ? 80  LEU A CA  1 
ATOM   595  C C   . LEU A 1 80  ? -5.833  -0.929  -1.856  1.00 17.73  ? 80  LEU A C   1 
ATOM   596  O O   . LEU A 1 80  ? -6.265  0.139   -1.368  1.00 18.57  ? 80  LEU A O   1 
ATOM   597  C CB  . LEU A 1 80  ? -3.371  -0.505  -2.024  1.00 14.30  ? 80  LEU A CB  1 
ATOM   598  C CG  . LEU A 1 80  ? -2.119  -0.438  -2.902  1.00 17.69  ? 80  LEU A CG  1 
ATOM   599  C CD1 . LEU A 1 80  ? -0.869  0.062   -2.174  1.00 20.23  ? 80  LEU A CD1 1 
ATOM   600  C CD2 . LEU A 1 80  ? -1.846  -1.844  -3.481  1.00 15.69  ? 80  LEU A CD2 1 
ATOM   601  N N   . GLY A 1 81  ? -6.439  -2.088  -1.701  1.00 15.59  ? 81  GLY A N   1 
ATOM   602  C CA  . GLY A 1 81  ? -7.627  -2.152  -0.812  1.00 18.15  ? 81  GLY A CA  1 
ATOM   603  C C   . GLY A 1 81  ? -7.648  -3.426  0.014   1.00 19.77  ? 81  GLY A C   1 
ATOM   604  O O   . GLY A 1 81  ? -7.114  -4.466  -0.391  1.00 21.00  ? 81  GLY A O   1 
ATOM   605  N N   . PHE A 1 82  ? -8.228  -3.340  1.216   1.00 18.10  ? 82  PHE A N   1 
ATOM   606  C CA  . PHE A 1 82  ? -8.359  -4.567  2.001   1.00 16.15  ? 82  PHE A CA  1 
ATOM   607  C C   . PHE A 1 82  ? -9.361  -5.481  1.330   1.00 22.28  ? 82  PHE A C   1 
ATOM   608  O O   . PHE A 1 82  ? -10.468 -5.025  1.020   1.00 23.17  ? 82  PHE A O   1 
ATOM   609  C CB  . PHE A 1 82  ? -8.786  -4.229  3.439   1.00 21.19  ? 82  PHE A CB  1 
ATOM   610  C CG  . PHE A 1 82  ? -7.651  -3.569  4.195   1.00 22.86  ? 82  PHE A CG  1 
ATOM   611  C CD1 . PHE A 1 82  ? -7.636  -2.197  4.340   1.00 21.17  ? 82  PHE A CD1 1 
ATOM   612  C CD2 . PHE A 1 82  ? -6.587  -4.297  4.687   1.00 25.08  ? 82  PHE A CD2 1 
ATOM   613  C CE1 . PHE A 1 82  ? -6.622  -1.550  5.028   1.00 26.10  ? 82  PHE A CE1 1 
ATOM   614  C CE2 . PHE A 1 82  ? -5.537  -3.646  5.333   1.00 25.97  ? 82  PHE A CE2 1 
ATOM   615  C CZ  . PHE A 1 82  ? -5.564  -2.278  5.542   1.00 25.05  ? 82  PHE A CZ  1 
ATOM   616  N N   . ALA A 1 83  ? -9.040  -6.777  1.172   1.00 21.75  ? 83  ALA A N   1 
ATOM   617  C CA  . ALA A 1 83  ? -10.036 -7.730  0.707   1.00 25.43  ? 83  ALA A CA  1 
ATOM   618  C C   . ALA A 1 83  ? -11.204 -7.757  1.699   1.00 30.45  ? 83  ALA A C   1 
ATOM   619  O O   . ALA A 1 83  ? -12.335 -8.041  1.338   1.00 29.99  ? 83  ALA A O   1 
ATOM   620  C CB  . ALA A 1 83  ? -9.433  -9.115  0.530   1.00 28.08  ? 83  ALA A CB  1 
ATOM   621  N N   . ASN A 1 84  ? -10.927 -7.645  2.989   1.00 31.04  ? 84  ASN A N   1 
ATOM   622  C CA  . ASN A 1 84  ? -11.907 -7.538  4.053   1.00 33.57  ? 84  ASN A CA  1 
ATOM   623  C C   . ASN A 1 84  ? -11.666 -6.358  4.985   1.00 26.26  ? 84  ASN A C   1 
ATOM   624  O O   . ASN A 1 84  ? -11.117 -6.466  6.084   1.00 31.62  ? 84  ASN A O   1 
ATOM   625  C CB  . ASN A 1 84  ? -11.900 -8.793  4.922   1.00 35.37  ? 84  ASN A CB  1 
ATOM   626  C CG  . ASN A 1 84  ? -12.108 -10.048 4.115   1.00 45.84  ? 84  ASN A CG  1 
ATOM   627  O OD1 . ASN A 1 84  ? -13.025 -10.202 3.308   1.00 51.93  ? 84  ASN A OD1 1 
ATOM   628  N ND2 . ASN A 1 84  ? -11.162 -10.976 4.276   1.00 51.03  ? 84  ASN A ND2 1 
ATOM   629  N N   . PRO A 1 85  ? -12.283 -5.262  4.581   1.00 29.12  ? 85  PRO A N   1 
ATOM   630  C CA  . PRO A 1 85  ? -12.114 -4.023  5.344   1.00 31.28  ? 85  PRO A CA  1 
ATOM   631  C C   . PRO A 1 85  ? -12.942 -3.987  6.627   1.00 29.61  ? 85  PRO A C   1 
ATOM   632  O O   . PRO A 1 85  ? -13.911 -4.717  6.702   1.00 34.91  ? 85  PRO A O   1 
ATOM   633  C CB  . PRO A 1 85  ? -12.578 -2.982  4.351   1.00 26.85  ? 85  PRO A CB  1 
ATOM   634  C CG  . PRO A 1 85  ? -13.620 -3.659  3.526   1.00 31.81  ? 85  PRO A CG  1 
ATOM   635  C CD  . PRO A 1 85  ? -13.075 -5.057  3.344   1.00 30.67  ? 85  PRO A CD  1 
ATOM   636  N N   . PRO A 1 86  ? -12.505 -3.156  7.557   1.00 32.59  ? 86  PRO A N   1 
ATOM   637  C CA  . PRO A 1 86  ? -13.349 -2.870  8.728   1.00 36.48  ? 86  PRO A CA  1 
ATOM   638  C C   . PRO A 1 86  ? -14.761 -2.576  8.236   1.00 35.67  ? 86  PRO A C   1 
ATOM   639  O O   . PRO A 1 86  ? -14.940 -1.937  7.194   1.00 29.99  ? 86  PRO A O   1 
ATOM   640  C CB  . PRO A 1 86  ? -12.708 -1.664  9.380   1.00 35.80  ? 86  PRO A CB  1 
ATOM   641  C CG  . PRO A 1 86  ? -11.467 -1.349  8.649   1.00 36.77  ? 86  PRO A CG  1 
ATOM   642  C CD  . PRO A 1 86  ? -11.356 -2.245  7.459   1.00 32.51  ? 86  PRO A CD  1 
ATOM   643  N N   . SER A 1 87  ? -15.792 -2.965  8.990   1.00 37.05  ? 87  SER A N   1 
ATOM   644  C CA  . SER A 1 87  ? -17.170 -2.741  8.586   1.00 38.17  ? 87  SER A CA  1 
ATOM   645  C C   . SER A 1 87  ? -17.533 -1.280  8.363   1.00 37.52  ? 87  SER A C   1 
ATOM   646  O O   . SER A 1 87  ? -18.326 -0.950  7.467   1.00 36.61  ? 87  SER A O   1 
ATOM   647  C CB  . SER A 1 87  ? -18.186 -3.336  9.585   1.00 43.50  ? 87  SER A CB  1 
ATOM   648  O OG  . SER A 1 87  ? -19.496 -3.113  8.990   1.00 45.34  ? 87  SER A OG  1 
ATOM   649  N N   . CYS A 1 88  ? -16.911 -0.392  9.122   1.00 33.09  ? 88  CYS A N   1 
ATOM   650  C CA  . CYS A 1 88  ? -17.176 1.029   9.017   1.00 39.00  ? 88  CYS A CA  1 
ATOM   651  C C   . CYS A 1 88  ? -16.600 1.741   7.811   1.00 39.00  ? 88  CYS A C   1 
ATOM   652  O O   . CYS A 1 88  ? -17.035 2.869   7.524   1.00 33.61  ? 88  CYS A O   1 
ATOM   653  C CB  . CYS A 1 88  ? -16.665 1.726   10.289  1.00 41.54  ? 88  CYS A CB  1 
ATOM   654  S SG  . CYS A 1 88  ? -14.838 1.833   10.268  1.00 43.49  ? 88  CYS A SG  1 
ATOM   655  N N   . ALA A 1 89  ? -15.597 1.167   7.124   1.00 35.31  ? 89  ALA A N   1 
ATOM   656  C CA  . ALA A 1 89  ? -15.105 1.820   5.909   1.00 29.65  ? 89  ALA A CA  1 
ATOM   657  C C   . ALA A 1 89  ? -16.175 1.625   4.830   1.00 26.54  ? 89  ALA A C   1 
ATOM   658  O O   . ALA A 1 89  ? -16.760 0.537   4.717   1.00 29.54  ? 89  ALA A O   1 
ATOM   659  C CB  . ALA A 1 89  ? -13.779 1.209   5.444   1.00 28.53  ? 89  ALA A CB  1 
ATOM   660  N N   . ALA A 1 90  ? -16.339 2.613   3.951   1.00 25.34  ? 90  ALA A N   1 
ATOM   661  C CA  . ALA A 1 90  ? -17.350 2.430   2.900   1.00 27.51  ? 90  ALA A CA  1 
ATOM   662  C C   . ALA A 1 90  ? -16.849 1.580   1.731   1.00 25.67  ? 90  ALA A C   1 
ATOM   663  O O   . ALA A 1 90  ? -17.666 1.174   0.911   1.00 27.87  ? 90  ALA A O   1 
ATOM   664  C CB  . ALA A 1 90  ? -17.896 3.740   2.401   1.00 26.50  ? 90  ALA A CB  1 
ATOM   665  N N   . SER A 1 91  ? -15.545 1.494   1.556   1.00 23.01  ? 91  SER A N   1 
ATOM   666  C CA  . SER A 1 91  ? -14.948 0.677   0.492   1.00 28.16  ? 91  SER A CA  1 
ATOM   667  C C   . SER A 1 91  ? -13.575 0.204   1.031   1.00 24.46  ? 91  SER A C   1 
ATOM   668  O O   . SER A 1 91  ? -13.022 0.753   1.983   1.00 26.15  ? 91  SER A O   1 
ATOM   669  C CB  . SER A 1 91  ? -14.741 1.461   -0.786  1.00 26.99  ? 91  SER A CB  1 
ATOM   670  O OG  . SER A 1 91  ? -13.610 2.317   -0.736  1.00 24.85  ? 91  SER A OG  1 
ATOM   671  N N   . PRO A 1 92  ? -12.964 -0.727  0.321   1.00 25.05  ? 92  PRO A N   1 
ATOM   672  C CA  . PRO A 1 92  ? -11.711 -1.278  0.821   1.00 23.20  ? 92  PRO A CA  1 
ATOM   673  C C   . PRO A 1 92  ? -10.508 -0.407  0.553   1.00 20.81  ? 92  PRO A C   1 
ATOM   674  O O   . PRO A 1 92  ? -9.425  -0.660  1.110   1.00 18.30  ? 92  PRO A O   1 
ATOM   675  C CB  . PRO A 1 92  ? -11.577 -2.592  0.070   1.00 30.54  ? 92  PRO A CB  1 
ATOM   676  C CG  . PRO A 1 92  ? -12.483 -2.537  -1.080  1.00 31.35  ? 92  PRO A CG  1 
ATOM   677  C CD  . PRO A 1 92  ? -13.572 -1.515  -0.774  1.00 25.63  ? 92  PRO A CD  1 
ATOM   678  N N   . TRP A 1 93  ? -10.619 0.584   -0.320  1.00 22.34  ? 93  TRP A N   1 
ATOM   679  C CA  . TRP A 1 93  ? -9.511  1.339   -0.853  1.00 20.99  ? 93  TRP A CA  1 
ATOM   680  C C   . TRP A 1 93  ? -8.819  2.328   0.052   1.00 23.85  ? 93  TRP A C   1 
ATOM   681  O O   . TRP A 1 93  ? -9.440  3.108   0.775   1.00 19.60  ? 93  TRP A O   1 
ATOM   682  C CB  . TRP A 1 93  ? -9.935  2.090   -2.153  1.00 19.43  ? 93  TRP A CB  1 
ATOM   683  C CG  . TRP A 1 93  ? -10.623 1.101   -3.070  1.00 21.51  ? 93  TRP A CG  1 
ATOM   684  C CD1 . TRP A 1 93  ? -11.947 1.065   -3.391  1.00 23.75  ? 93  TRP A CD1 1 
ATOM   685  C CD2 . TRP A 1 93  ? -9.991  0.041   -3.791  1.00 22.69  ? 93  TRP A CD2 1 
ATOM   686  N NE1 . TRP A 1 93  ? -12.195 -0.016  -4.215  1.00 19.65  ? 93  TRP A NE1 1 
ATOM   687  C CE2 . TRP A 1 93  ? -10.988 -0.605  -4.536  1.00 23.43  ? 93  TRP A CE2 1 
ATOM   688  C CE3 . TRP A 1 93  ? -8.670  -0.399  -3.896  1.00 18.98  ? 93  TRP A CE3 1 
ATOM   689  C CZ2 . TRP A 1 93  ? -10.731 -1.739  -5.323  1.00 22.21  ? 93  TRP A CZ2 1 
ATOM   690  C CZ3 . TRP A 1 93  ? -8.409  -1.532  -4.673  1.00 23.11  ? 93  TRP A CZ3 1 
ATOM   691  C CH2 . TRP A 1 93  ? -9.421  -2.163  -5.406  1.00 21.18  ? 93  TRP A CH2 1 
ATOM   692  N N   . TRP A 1 94  ? -7.484  2.234   0.046   1.00 18.21  ? 94  TRP A N   1 
ATOM   693  C CA  . TRP A 1 94  ? -6.660  3.164   0.782   1.00 17.20  ? 94  TRP A CA  1 
ATOM   694  C C   . TRP A 1 94  ? -6.708  4.525   0.070   1.00 18.88  ? 94  TRP A C   1 
ATOM   695  O O   . TRP A 1 94  ? -6.744  4.614   -1.158  1.00 18.59  ? 94  TRP A O   1 
ATOM   696  C CB  . TRP A 1 94  ? -5.178  2.745   0.805   1.00 16.96  ? 94  TRP A CB  1 
ATOM   697  C CG  . TRP A 1 94  ? -4.911  1.386   1.396   1.00 17.54  ? 94  TRP A CG  1 
ATOM   698  C CD1 . TRP A 1 94  ? -5.810  0.457   1.834   1.00 19.76  ? 94  TRP A CD1 1 
ATOM   699  C CD2 . TRP A 1 94  ? -3.619  0.779   1.513   1.00 18.30  ? 94  TRP A CD2 1 
ATOM   700  N NE1 . TRP A 1 94  ? -5.157  -0.687  2.243   1.00 22.05  ? 94  TRP A NE1 1 
ATOM   701  C CE2 . TRP A 1 94  ? -3.814  -0.516  2.042   1.00 19.54  ? 94  TRP A CE2 1 
ATOM   702  C CE3 . TRP A 1 94  ? -2.330  1.203   1.191   1.00 19.33  ? 94  TRP A CE3 1 
ATOM   703  C CZ2 . TRP A 1 94  ? -2.749  -1.379  2.311   1.00 18.10  ? 94  TRP A CZ2 1 
ATOM   704  C CZ3 . TRP A 1 94  ? -1.264  0.344   1.455   1.00 23.29  ? 94  TRP A CZ3 1 
ATOM   705  C CH2 . TRP A 1 94  ? -1.502  -0.918  2.017   1.00 18.14  ? 94  TRP A CH2 1 
ATOM   706  N N   . THR A 1 95  ? -6.540  5.571   0.876   1.00 21.20  ? 95  THR A N   1 
ATOM   707  C CA  . THR A 1 95  ? -6.407  6.909   0.314   1.00 21.20  ? 95  THR A CA  1 
ATOM   708  C C   . THR A 1 95  ? -5.370  7.664   1.134   1.00 22.85  ? 95  THR A C   1 
ATOM   709  O O   . THR A 1 95  ? -4.969  7.142   2.176   1.00 22.54  ? 95  THR A O   1 
ATOM   710  C CB  . THR A 1 95  ? -7.759  7.655   0.314   1.00 22.63  ? 95  THR A CB  1 
ATOM   711  O OG1 . THR A 1 95  ? -7.583  8.797   -0.566  1.00 23.48  ? 95  THR A OG1 1 
ATOM   712  C CG2 . THR A 1 95  ? -8.096  8.146   1.699   1.00 21.63  ? 95  THR A CG2 1 
ATOM   713  N N   . VAL A 1 96  ? -4.931  8.831   0.694   1.00 21.48  ? 96  VAL A N   1 
ATOM   714  C CA  . VAL A 1 96  ? -3.904  9.595   1.436   1.00 24.21  ? 96  VAL A CA  1 
ATOM   715  C C   . VAL A 1 96  ? -4.529  10.923  1.866   1.00 32.17  ? 96  VAL A C   1 
ATOM   716  O O   . VAL A 1 96  ? -5.102  11.617  1.023   1.00 27.76  ? 96  VAL A O   1 
ATOM   717  C CB  . VAL A 1 96  ? -2.683  9.819   0.561   1.00 28.77  ? 96  VAL A CB  1 
ATOM   718  C CG1 . VAL A 1 96  ? -1.615  10.726  1.168   1.00 31.62  ? 96  VAL A CG1 1 
ATOM   719  C CG2 . VAL A 1 96  ? -2.049  8.469   0.204   1.00 24.59  ? 96  VAL A CG2 1 
ATOM   720  N N   . VAL A 1 97  ? -4.462  11.224  3.160   1.00 29.22  ? 97  VAL A N   1 
ATOM   721  C CA  . VAL A 1 97  ? -5.070  12.422  3.733   1.00 33.32  ? 97  VAL A CA  1 
ATOM   722  C C   . VAL A 1 97  ? -4.028  13.372  4.302   1.00 36.69  ? 97  VAL A C   1 
ATOM   723  O O   . VAL A 1 97  ? -3.138  12.965  5.063   1.00 35.24  ? 97  VAL A O   1 
ATOM   724  C CB  . VAL A 1 97  ? -6.040  11.990  4.846   1.00 33.97  ? 97  VAL A CB  1 
ATOM   725  C CG1 . VAL A 1 97  ? -6.765  13.152  5.514   1.00 37.73  ? 97  VAL A CG1 1 
ATOM   726  C CG2 . VAL A 1 97  ? -7.094  11.011  4.306   1.00 29.71  ? 97  VAL A CG2 1 
ATOM   727  N N   . ASP A 1 98  ? -4.099  14.652  3.930   1.00 36.45  ? 98  ASP A N   1 
ATOM   728  C CA  . ASP A 1 98  ? -3.119  15.608  4.473   1.00 37.76  ? 98  ASP A CA  1 
ATOM   729  C C   . ASP A 1 98  ? -3.357  15.803  5.969   1.00 38.53  ? 98  ASP A C   1 
ATOM   730  O O   . ASP A 1 98  ? -4.415  15.462  6.510   1.00 34.14  ? 98  ASP A O   1 
ATOM   731  C CB  . ASP A 1 98  ? -3.152  16.938  3.727   1.00 40.43  ? 98  ASP A CB  1 
ATOM   732  C CG  . ASP A 1 98  ? -2.664  16.801  2.293   1.00 47.16  ? 98  ASP A CG  1 
ATOM   733  O OD1 . ASP A 1 98  ? -3.439  17.124  1.365   1.00 45.21  ? 98  ASP A OD1 1 
ATOM   734  O OD2 . ASP A 1 98  ? -1.510  16.369  2.060   1.00 46.64  ? 98  ASP A OD2 1 
ATOM   735  N N   . SER A 1 99  ? -2.322  16.300  6.656   1.00 36.35  ? 99  SER A N   1 
ATOM   736  C CA  . SER A 1 99  ? -2.424  16.489  8.105   1.00 37.45  ? 99  SER A CA  1 
ATOM   737  C C   . SER A 1 99  ? -1.343  17.471  8.536   1.00 38.21  ? 99  SER A C   1 
ATOM   738  O O   . SER A 1 99  ? -0.395  17.734  7.773   1.00 33.04  ? 99  SER A O   1 
ATOM   739  C CB  . SER A 1 99  ? -2.247  15.187  8.875   1.00 39.47  ? 99  SER A CB  1 
ATOM   740  O OG  . SER A 1 99  ? -0.838  14.933  9.007   1.00 41.37  ? 99  SER A OG  1 
ATOM   741  N N   . PRO A 1 100 ? -1.453  17.943  9.767   1.00 44.54  ? 100 PRO A N   1 
ATOM   742  C CA  . PRO A 1 100 ? -0.456  18.861  10.315  1.00 50.36  ? 100 PRO A CA  1 
ATOM   743  C C   . PRO A 1 100 ? 0.933   18.249  10.204  1.00 52.11  ? 100 PRO A C   1 
ATOM   744  O O   . PRO A 1 100 ? 1.870   18.893  9.736   1.00 54.29  ? 100 PRO A O   1 
ATOM   745  C CB  . PRO A 1 100 ? -0.899  19.082  11.750  1.00 48.20  ? 100 PRO A CB  1 
ATOM   746  C CG  . PRO A 1 100 ? -2.349  18.748  11.768  1.00 50.33  ? 100 PRO A CG  1 
ATOM   747  C CD  . PRO A 1 100 ? -2.522  17.652  10.743  1.00 45.96  ? 100 PRO A CD  1 
ATOM   748  N N   . GLN A 1 101 ? 1.052   16.965  10.521  1.00 56.26  ? 101 GLN A N   1 
ATOM   749  C CA  . GLN A 1 101 ? 2.288   16.217  10.429  1.00 57.94  ? 101 GLN A CA  1 
ATOM   750  C C   . GLN A 1 101 ? 2.648   15.693  9.046   1.00 53.11  ? 101 GLN A C   1 
ATOM   751  O O   . GLN A 1 101 ? 3.768   15.173  8.887   1.00 48.80  ? 101 GLN A O   1 
ATOM   752  C CB  . GLN A 1 101 ? 2.247   15.048  11.435  1.00 63.60  ? 101 GLN A CB  1 
ATOM   753  C CG  . GLN A 1 101 ? 1.654   15.426  12.785  1.00 69.28  ? 101 GLN A CG  1 
ATOM   754  C CD  . GLN A 1 101 ? 0.319   14.755  13.038  1.00 72.70  ? 101 GLN A CD  1 
ATOM   755  O OE1 . GLN A 1 101 ? 0.292   13.584  13.430  1.00 75.51  ? 101 GLN A OE1 1 
ATOM   756  N NE2 . GLN A 1 101 ? -0.767  15.482  12.818  1.00 73.79  ? 101 GLN A NE2 1 
ATOM   757  N N   . GLY A 1 102 ? 1.783   15.804  8.047   1.00 46.53  ? 102 GLY A N   1 
ATOM   758  C CA  . GLY A 1 102 ? 2.088   15.324  6.692   1.00 37.97  ? 102 GLY A CA  1 
ATOM   759  C C   . GLY A 1 102 ? 1.042   14.302  6.239   1.00 29.96  ? 102 GLY A C   1 
ATOM   760  O O   . GLY A 1 102 ? 0.172   13.912  7.002   1.00 28.41  ? 102 GLY A O   1 
ATOM   761  N N   . PRO A 1 103 ? 1.076   13.940  4.966   1.00 30.27  ? 103 PRO A N   1 
ATOM   762  C CA  . PRO A 1 103 ? 0.112   13.008  4.397   1.00 29.37  ? 103 PRO A CA  1 
ATOM   763  C C   . PRO A 1 103 ? 0.149   11.640  5.066   1.00 29.16  ? 103 PRO A C   1 
ATOM   764  O O   . PRO A 1 103 ? 1.232   11.106  5.302   1.00 30.59  ? 103 PRO A O   1 
ATOM   765  C CB  . PRO A 1 103 ? 0.466   12.951  2.921   1.00 29.67  ? 103 PRO A CB  1 
ATOM   766  C CG  . PRO A 1 103 ? 1.434   14.075  2.653   1.00 32.83  ? 103 PRO A CG  1 
ATOM   767  C CD  . PRO A 1 103 ? 2.094   14.374  3.977   1.00 32.02  ? 103 PRO A CD  1 
ATOM   768  N N   . ALA A 1 104 ? -1.002  11.065  5.386   1.00 27.54  ? 104 ALA A N   1 
ATOM   769  C CA  . ALA A 1 104 ? -1.123  9.759   6.012   1.00 29.51  ? 104 ALA A CA  1 
ATOM   770  C C   . ALA A 1 104 ? -2.001  8.802   5.184   1.00 26.37  ? 104 ALA A C   1 
ATOM   771  O O   . ALA A 1 104 ? -3.010  9.251   4.610   1.00 23.21  ? 104 ALA A O   1 
ATOM   772  C CB  . ALA A 1 104 ? -1.773  9.913   7.385   1.00 25.70  ? 104 ALA A CB  1 
ATOM   773  N N   . VAL A 1 105 ? -1.724  7.501   5.262   1.00 21.85  ? 105 VAL A N   1 
ATOM   774  C CA  . VAL A 1 105 ? -2.535  6.504   4.553   1.00 21.75  ? 105 VAL A CA  1 
ATOM   775  C C   . VAL A 1 105 ? -3.719  6.093   5.402   1.00 19.57  ? 105 VAL A C   1 
ATOM   776  O O   . VAL A 1 105 ? -3.562  5.630   6.525   1.00 21.88  ? 105 VAL A O   1 
ATOM   777  C CB  . VAL A 1 105 ? -1.737  5.230   4.174   1.00 22.57  ? 105 VAL A CB  1 
ATOM   778  C CG1 . VAL A 1 105 ? -2.632  4.234   3.425   1.00 17.10  ? 105 VAL A CG1 1 
ATOM   779  C CG2 . VAL A 1 105 ? -0.558  5.610   3.293   1.00 20.65  ? 105 VAL A CG2 1 
ATOM   780  N N   . LYS A 1 106 ? -4.945  6.260   4.878   1.00 19.72  ? 106 LYS A N   1 
ATOM   781  C CA  . LYS A 1 106 ? -6.174  5.977   5.585   1.00 20.13  ? 106 LYS A CA  1 
ATOM   782  C C   . LYS A 1 106 ? -7.229  5.252   4.748   1.00 22.55  ? 106 LYS A C   1 
ATOM   783  O O   . LYS A 1 106 ? -7.145  5.234   3.523   1.00 21.19  ? 106 LYS A O   1 
ATOM   784  C CB  . LYS A 1 106 ? -6.833  7.329   6.005   1.00 24.15  ? 106 LYS A CB  1 
ATOM   785  C CG  . LYS A 1 106 ? -6.020  8.259   6.879   1.00 25.23  ? 106 LYS A CG  1 
ATOM   786  C CD  . LYS A 1 106 ? -5.945  7.778   8.325   1.00 27.02  ? 106 LYS A CD  1 
ATOM   787  C CE  . LYS A 1 106 ? -5.528  8.965   9.229   1.00 27.14  ? 106 LYS A CE  1 
ATOM   788  N NZ  . LYS A 1 106 ? -5.397  8.483   10.627  1.00 33.94  ? 106 LYS A NZ  1 
ATOM   789  N N   . LEU A 1 107 ? -8.221  4.683   5.433   1.00 18.54  ? 107 LEU A N   1 
ATOM   790  C CA  . LEU A 1 107 ? -9.443  4.206   4.825   1.00 19.78  ? 107 LEU A CA  1 
ATOM   791  C C   . LEU A 1 107 ? -10.493 5.336   4.911   1.00 24.74  ? 107 LEU A C   1 
ATOM   792  O O   . LEU A 1 107 ? -10.243 6.283   5.665   1.00 20.96  ? 107 LEU A O   1 
ATOM   793  C CB  . LEU A 1 107 ? -9.989  2.946   5.482   1.00 22.55  ? 107 LEU A CB  1 
ATOM   794  C CG  . LEU A 1 107 ? -9.090  1.698   5.312   1.00 24.18  ? 107 LEU A CG  1 
ATOM   795  C CD1 . LEU A 1 107 ? -9.735  0.496   5.990   1.00 21.17  ? 107 LEU A CD1 1 
ATOM   796  C CD2 . LEU A 1 107 ? -8.873  1.375   3.834   1.00 22.11  ? 107 LEU A CD2 1 
ATOM   797  N N   . SER A 1 108 ? -11.615 5.219   4.223   1.00 25.46  ? 108 SER A N   1 
ATOM   798  C CA  . SER A 1 108 ? -12.609 6.309   4.256   1.00 25.39  ? 108 SER A CA  1 
ATOM   799  C C   . SER A 1 108 ? -13.984 5.776   4.597   1.00 24.32  ? 108 SER A C   1 
ATOM   800  O O   . SER A 1 108 ? -14.390 4.676   4.220   1.00 22.65  ? 108 SER A O   1 
ATOM   801  C CB  . SER A 1 108 ? -12.584 7.099   2.949   1.00 27.00  ? 108 SER A CB  1 
ATOM   802  O OG  . SER A 1 108 ? -13.637 8.078   2.951   1.00 26.40  ? 108 SER A OG  1 
ATOM   803  N N   . GLN A 1 109 ? -14.830 6.648   5.224   1.00 25.18  ? 109 GLN A N   1 
ATOM   804  C CA  . GLN A 1 109 ? -16.178 6.219   5.547   1.00 23.82  ? 109 GLN A CA  1 
ATOM   805  C C   . GLN A 1 109 ? -17.120 6.507   4.380   1.00 23.25  ? 109 GLN A C   1 
ATOM   806  O O   . GLN A 1 109 ? -18.332 6.247   4.527   1.00 24.10  ? 109 GLN A O   1 
ATOM   807  C CB  . GLN A 1 109 ? -16.753 6.886   6.795   1.00 22.22  ? 109 GLN A CB  1 
ATOM   808  C CG  . GLN A 1 109 ? -16.173 6.360   8.097   1.00 24.01  ? 109 GLN A CG  1 
ATOM   809  C CD  . GLN A 1 109 ? -16.933 6.935   9.299   1.00 28.35  ? 109 GLN A CD  1 
ATOM   810  O OE1 . GLN A 1 109 ? -16.775 8.124   9.558   1.00 26.89  ? 109 GLN A OE1 1 
ATOM   811  N NE2 . GLN A 1 109 ? -17.689 6.075   9.966   1.00 27.54  ? 109 GLN A NE2 1 
ATOM   812  N N   . GLN A 1 110 ? -16.611 7.007   3.287   1.00 20.83  ? 110 GLN A N   1 
ATOM   813  C CA  . GLN A 1 110 ? -17.417 7.244   2.099   1.00 24.95  ? 110 GLN A CA  1 
ATOM   814  C C   . GLN A 1 110 ? -16.673 6.658   0.881   1.00 25.18  ? 110 GLN A C   1 
ATOM   815  O O   . GLN A 1 110 ? -15.468 6.451   0.968   1.00 22.62  ? 110 GLN A O   1 
ATOM   816  C CB  . GLN A 1 110 ? -17.662 8.728   1.805   1.00 21.55  ? 110 GLN A CB  1 
ATOM   817  C CG  . GLN A 1 110 ? -16.401 9.533   1.636   1.00 21.10  ? 110 GLN A CG  1 
ATOM   818  C CD  . GLN A 1 110 ? -16.616 11.024  1.457   1.00 24.73  ? 110 GLN A CD  1 
ATOM   819  O OE1 . GLN A 1 110 ? -17.565 11.471  0.815   1.00 22.82  ? 110 GLN A OE1 1 
ATOM   820  N NE2 . GLN A 1 110 ? -15.695 11.847  1.945   1.00 21.17  ? 110 GLN A NE2 1 
ATOM   821  N N   . LYS A 1 111 ? -17.394 6.522   -0.208  1.00 23.78  ? 111 LYS A N   1 
ATOM   822  C CA  . LYS A 1 111 ? -16.795 6.059   -1.465  1.00 32.00  ? 111 LYS A CA  1 
ATOM   823  C C   . LYS A 1 111 ? -16.039 7.208   -2.094  1.00 28.21  ? 111 LYS A C   1 
ATOM   824  O O   . LYS A 1 111 ? -16.572 8.324   -2.081  1.00 28.82  ? 111 LYS A O   1 
ATOM   825  C CB  . LYS A 1 111 ? -17.946 5.657   -2.408  1.00 34.07  ? 111 LYS A CB  1 
ATOM   826  C CG  . LYS A 1 111 ? -18.788 4.514   -1.885  1.00 40.93  ? 111 LYS A CG  1 
ATOM   827  C CD  . LYS A 1 111 ? -17.983 3.221   -1.907  1.00 46.85  ? 111 LYS A CD  1 
ATOM   828  C CE  . LYS A 1 111 ? -18.907 2.010   -1.913  1.00 51.37  ? 111 LYS A CE  1 
ATOM   829  N NZ  . LYS A 1 111 ? -19.824 2.044   -3.091  1.00 54.61  ? 111 LYS A NZ  1 
ATOM   830  N N   . LEU A 1 112 ? -14.804 7.031   -2.543  1.00 23.94  ? 112 LEU A N   1 
ATOM   831  C CA  . LEU A 1 112 ? -14.056 8.141   -3.125  1.00 29.45  ? 112 LEU A CA  1 
ATOM   832  C C   . LEU A 1 112 ? -13.986 8.013   -4.637  1.00 24.14  ? 112 LEU A C   1 
ATOM   833  O O   . LEU A 1 112 ? -14.160 6.914   -5.135  1.00 24.73  ? 112 LEU A O   1 
ATOM   834  C CB  . LEU A 1 112 ? -12.646 8.176   -2.520  1.00 36.58  ? 112 LEU A CB  1 
ATOM   835  C CG  . LEU A 1 112 ? -12.624 8.451   -0.998  1.00 39.52  ? 112 LEU A CG  1 
ATOM   836  C CD1 . LEU A 1 112 ? -11.212 8.312   -0.458  1.00 43.85  ? 112 LEU A CD1 1 
ATOM   837  C CD2 . LEU A 1 112 ? -13.169 9.841   -0.708  1.00 39.38  ? 112 LEU A CD2 1 
ATOM   838  N N   . PRO A 1 113 ? -13.670 9.089   -5.335  1.00 26.23  ? 113 PRO A N   1 
ATOM   839  C CA  . PRO A 1 113 ? -13.492 9.040   -6.779  1.00 27.91  ? 113 PRO A CA  1 
ATOM   840  C C   . PRO A 1 113 ? -12.197 8.272   -7.076  1.00 26.53  ? 113 PRO A C   1 
ATOM   841  O O   . PRO A 1 113 ? -11.264 8.292   -6.251  1.00 22.41  ? 113 PRO A O   1 
ATOM   842  C CB  . PRO A 1 113 ? -13.310 10.485  -7.210  1.00 31.16  ? 113 PRO A CB  1 
ATOM   843  C CG  . PRO A 1 113 ? -13.126 11.288  -5.979  1.00 32.29  ? 113 PRO A CG  1 
ATOM   844  C CD  . PRO A 1 113 ? -13.432 10.437  -4.784  1.00 30.99  ? 113 PRO A CD  1 
ATOM   845  N N   . GLU A 1 114 ? -12.066 7.765   -8.293  1.00 23.55  ? 114 GLU A N   1 
ATOM   846  C CA  . GLU A 1 114 ? -10.868 6.990   -8.651  1.00 24.46  ? 114 GLU A CA  1 
ATOM   847  C C   . GLU A 1 114 ? -9.574  7.761   -8.508  1.00 27.20  ? 114 GLU A C   1 
ATOM   848  O O   . GLU A 1 114 ? -8.543  7.195   -8.160  1.00 22.72  ? 114 GLU A O   1 
ATOM   849  C CB  . GLU A 1 114 ? -11.004 6.511   -10.124 1.00 26.26  ? 114 GLU A CB  1 
ATOM   850  C CG  . GLU A 1 114 ? -12.191 5.573   -10.232 1.00 35.50  ? 114 GLU A CG  1 
ATOM   851  C CD  . GLU A 1 114 ? -11.987 4.407   -11.184 1.00 39.41  ? 114 GLU A CD  1 
ATOM   852  O OE1 . GLU A 1 114 ? -11.154 4.545   -12.102 1.00 39.29  ? 114 GLU A OE1 1 
ATOM   853  O OE2 . GLU A 1 114 ? -12.725 3.412   -10.996 1.00 33.28  ? 114 GLU A OE2 1 
ATOM   854  N N   . LYS A 1 115 ? -9.620  9.073   -8.768  1.00 26.05  ? 115 LYS A N   1 
ATOM   855  C CA  . LYS A 1 115 ? -8.430  9.897   -8.666  1.00 31.21  ? 115 LYS A CA  1 
ATOM   856  C C   . LYS A 1 115 ? -7.915  10.026  -7.233  1.00 29.75  ? 115 LYS A C   1 
ATOM   857  O O   . LYS A 1 115 ? -6.752  10.401  -7.049  1.00 32.37  ? 115 LYS A O   1 
ATOM   858  C CB  . LYS A 1 115 ? -8.655  11.279  -9.283  1.00 36.22  ? 115 LYS A CB  1 
ATOM   859  C CG  . LYS A 1 115 ? -9.297  12.276  -8.328  1.00 45.40  ? 115 LYS A CG  1 
ATOM   860  C CD  . LYS A 1 115 ? -9.722  13.565  -9.011  1.00 51.04  ? 115 LYS A CD  1 
ATOM   861  C CE  . LYS A 1 115 ? -10.225 14.584  -8.003  1.00 56.58  ? 115 LYS A CE  1 
ATOM   862  N NZ  . LYS A 1 115 ? -11.533 14.208  -7.399  1.00 60.21  ? 115 LYS A NZ  1 
ATOM   863  N N   . ASP A 1 116 ? -8.689  9.717   -6.212  1.00 25.37  ? 116 ASP A N   1 
ATOM   864  C CA  . ASP A 1 116 ? -8.229  9.726   -4.845  1.00 25.54  ? 116 ASP A CA  1 
ATOM   865  C C   . ASP A 1 116 ? -7.708  8.363   -4.386  1.00 26.92  ? 116 ASP A C   1 
ATOM   866  O O   . ASP A 1 116 ? -7.188  8.321   -3.265  1.00 24.68  ? 116 ASP A O   1 
ATOM   867  C CB  . ASP A 1 116 ? -9.317  10.176  -3.858  1.00 28.15  ? 116 ASP A CB  1 
ATOM   868  C CG  . ASP A 1 116 ? -9.628  11.668  -4.053  1.00 34.46  ? 116 ASP A CG  1 
ATOM   869  O OD1 . ASP A 1 116 ? -10.761 12.063  -3.718  1.00 39.26  ? 116 ASP A OD1 1 
ATOM   870  O OD2 . ASP A 1 116 ? -8.772  12.401  -4.564  1.00 33.75  ? 116 ASP A OD2 1 
ATOM   871  N N   . ILE A 1 117 ? -7.890  7.282   -5.156  1.00 21.37  ? 117 ILE A N   1 
ATOM   872  C CA  . ILE A 1 117 ? -7.431  5.974   -4.702  1.00 20.35  ? 117 ILE A CA  1 
ATOM   873  C C   . ILE A 1 117 ? -6.386  5.384   -5.643  1.00 20.50  ? 117 ILE A C   1 
ATOM   874  O O   . ILE A 1 117 ? -5.546  4.582   -5.236  1.00 20.40  ? 117 ILE A O   1 
ATOM   875  C CB  . ILE A 1 117 ? -8.563  4.984   -4.453  1.00 19.50  ? 117 ILE A CB  1 
ATOM   876  C CG1 . ILE A 1 117 ? -9.396  4.816   -5.730  1.00 23.91  ? 117 ILE A CG1 1 
ATOM   877  C CG2 . ILE A 1 117 ? -9.462  5.441   -3.280  1.00 22.16  ? 117 ILE A CG2 1 
ATOM   878  C CD1 . ILE A 1 117 ? -10.320 3.607   -5.729  1.00 21.71  ? 117 ILE A CD1 1 
ATOM   879  N N   . LEU A 1 118 ? -6.409  5.798   -6.902  1.00 17.35  ? 118 LEU A N   1 
ATOM   880  C CA  . LEU A 1 118 ? -5.412  5.330   -7.889  1.00 22.73  ? 118 LEU A CA  1 
ATOM   881  C C   . LEU A 1 118 ? -4.204  6.254   -7.733  1.00 24.54  ? 118 LEU A C   1 
ATOM   882  O O   . LEU A 1 118 ? -3.884  7.104   -8.579  1.00 22.40  ? 118 LEU A O   1 
ATOM   883  C CB  . LEU A 1 118 ? -6.079  5.467   -9.247  1.00 27.18  ? 118 LEU A CB  1 
ATOM   884  C CG  . LEU A 1 118 ? -5.667  4.588   -10.404 1.00 35.56  ? 118 LEU A CG  1 
ATOM   885  C CD1 . LEU A 1 118 ? -5.570  3.122   -9.992  1.00 25.31  ? 118 LEU A CD1 1 
ATOM   886  C CD2 . LEU A 1 118 ? -6.718  4.733   -11.528 1.00 37.36  ? 118 LEU A CD2 1 
ATOM   887  N N   . VAL A 1 119 ? -3.521  6.179   -6.585  1.00 19.67  ? 119 VAL A N   1 
ATOM   888  C CA  . VAL A 1 119 ? -2.509  7.137   -6.222  1.00 21.59  ? 119 VAL A CA  1 
ATOM   889  C C   . VAL A 1 119 ? -1.194  6.508   -5.768  1.00 24.25  ? 119 VAL A C   1 
ATOM   890  O O   . VAL A 1 119 ? -0.366  7.209   -5.200  1.00 23.24  ? 119 VAL A O   1 
ATOM   891  C CB  . VAL A 1 119 ? -2.959  8.108   -5.102  1.00 21.14  ? 119 VAL A CB  1 
ATOM   892  C CG1 . VAL A 1 119 ? -4.098  9.004   -5.566  1.00 23.17  ? 119 VAL A CG1 1 
ATOM   893  C CG2 . VAL A 1 119 ? -3.347  7.342   -3.838  1.00 25.24  ? 119 VAL A CG2 1 
ATOM   894  N N   . PHE A 1 120 ? -1.034  5.219   -6.010  1.00 20.15  ? 120 PHE A N   1 
ATOM   895  C CA  . PHE A 1 120 ? 0.156   4.512   -5.585  1.00 19.58  ? 120 PHE A CA  1 
ATOM   896  C C   . PHE A 1 120 ? 0.878   3.934   -6.798  1.00 21.38  ? 120 PHE A C   1 
ATOM   897  O O   . PHE A 1 120 ? 0.319   3.706   -7.877  1.00 20.38  ? 120 PHE A O   1 
ATOM   898  C CB  . PHE A 1 120 ? -0.139  3.378   -4.590  1.00 20.79  ? 120 PHE A CB  1 
ATOM   899  C CG  . PHE A 1 120 ? -0.808  3.851   -3.336  1.00 21.40  ? 120 PHE A CG  1 
ATOM   900  C CD1 . PHE A 1 120 ? -0.078  4.515   -2.357  1.00 19.54  ? 120 PHE A CD1 1 
ATOM   901  C CD2 . PHE A 1 120 ? -2.166  3.639   -3.130  1.00 20.09  ? 120 PHE A CD2 1 
ATOM   902  C CE1 . PHE A 1 120 ? -0.693  4.921   -1.187  1.00 21.20  ? 120 PHE A CE1 1 
ATOM   903  C CE2 . PHE A 1 120 ? -2.806  4.118   -2.005  1.00 18.28  ? 120 PHE A CE2 1 
ATOM   904  C CZ  . PHE A 1 120 ? -2.055  4.742   -1.016  1.00 22.13  ? 120 PHE A CZ  1 
ATOM   905  N N   . LYS A 1 121 ? 2.165   3.677   -6.561  1.00 22.21  ? 121 LYS A N   1 
ATOM   906  C CA  . LYS A 1 121 ? 2.981   3.025   -7.577  1.00 22.06  ? 121 LYS A CA  1 
ATOM   907  C C   . LYS A 1 121 ? 4.091   2.249   -6.882  1.00 23.17  ? 121 LYS A C   1 
ATOM   908  O O   . LYS A 1 121 ? 4.680   2.758   -5.923  1.00 22.63  ? 121 LYS A O   1 
ATOM   909  C CB  . LYS A 1 121 ? 3.538   4.072   -8.558  1.00 28.01  ? 121 LYS A CB  1 
ATOM   910  C CG  . LYS A 1 121 ? 4.208   3.461   -9.767  1.00 31.98  ? 121 LYS A CG  1 
ATOM   911  C CD  . LYS A 1 121 ? 4.760   4.498   -10.746 1.00 38.68  ? 121 LYS A CD  1 
ATOM   912  C CE  . LYS A 1 121 ? 3.657   5.273   -11.437 1.00 42.83  ? 121 LYS A CE  1 
ATOM   913  N NZ  . LYS A 1 121 ? 4.164   6.130   -12.545 1.00 46.75  ? 121 LYS A NZ  1 
ATOM   914  N N   . PHE A 1 122 ? 4.320   1.024   -7.318  1.00 17.84  ? 122 PHE A N   1 
ATOM   915  C CA  . PHE A 1 122 ? 5.419   0.221   -6.790  1.00 23.46  ? 122 PHE A CA  1 
ATOM   916  C C   . PHE A 1 122 ? 6.693   0.559   -7.568  1.00 25.95  ? 122 PHE A C   1 
ATOM   917  O O   . PHE A 1 122 ? 6.646   0.778   -8.784  1.00 30.59  ? 122 PHE A O   1 
ATOM   918  C CB  . PHE A 1 122 ? 5.055   -1.269  -6.911  1.00 19.71  ? 122 PHE A CB  1 
ATOM   919  C CG  . PHE A 1 122 ? 4.037   -1.695  -5.895  1.00 20.77  ? 122 PHE A CG  1 
ATOM   920  C CD1 . PHE A 1 122 ? 4.387   -1.822  -4.556  1.00 21.74  ? 122 PHE A CD1 1 
ATOM   921  C CD2 . PHE A 1 122 ? 2.733   -2.002  -6.286  1.00 20.53  ? 122 PHE A CD2 1 
ATOM   922  C CE1 . PHE A 1 122 ? 3.467   -2.256  -3.622  1.00 24.28  ? 122 PHE A CE1 1 
ATOM   923  C CE2 . PHE A 1 122 ? 1.822   -2.413  -5.333  1.00 19.45  ? 122 PHE A CE2 1 
ATOM   924  C CZ  . PHE A 1 122 ? 2.165   -2.536  -4.014  1.00 24.46  ? 122 PHE A CZ  1 
ATOM   925  N N   . GLU A 1 123 ? 7.820   0.685   -6.878  1.00 24.06  ? 123 GLU A N   1 
ATOM   926  C CA  . GLU A 1 123 ? 9.076   1.047   -7.522  1.00 22.44  ? 123 GLU A CA  1 
ATOM   927  C C   . GLU A 1 123 ? 10.103  -0.037  -7.178  1.00 25.75  ? 123 GLU A C   1 
ATOM   928  O O   . GLU A 1 123 ? 10.417  -0.293  -6.013  1.00 24.12  ? 123 GLU A O   1 
ATOM   929  C CB  . GLU A 1 123 ? 9.536   2.437   -7.112  1.00 25.65  ? 123 GLU A CB  1 
ATOM   930  C CG  . GLU A 1 123 ? 10.904  2.774   -7.741  1.00 31.82  ? 123 GLU A CG  1 
ATOM   931  C CD  . GLU A 1 123 ? 11.414  4.077   -7.125  1.00 34.88  ? 123 GLU A CD  1 
ATOM   932  O OE1 . GLU A 1 123 ? 11.087  5.132   -7.700  1.00 36.48  ? 123 GLU A OE1 1 
ATOM   933  O OE2 . GLU A 1 123 ? 12.104  4.014   -6.100  1.00 38.38  ? 123 GLU A OE2 1 
ATOM   934  N N   . LYS A 1 124 ? 10.559  -0.724  -8.204  1.00 26.60  ? 124 LYS A N   1 
ATOM   935  C CA  . LYS A 1 124 ? 11.496  -1.839  -8.039  1.00 33.47  ? 124 LYS A CA  1 
ATOM   936  C C   . LYS A 1 124 ? 12.758  -1.424  -7.294  1.00 31.74  ? 124 LYS A C   1 
ATOM   937  O O   . LYS A 1 124 ? 13.316  -0.364  -7.551  1.00 26.76  ? 124 LYS A O   1 
ATOM   938  C CB  . LYS A 1 124 ? 11.855  -2.427  -9.402  1.00 37.43  ? 124 LYS A CB  1 
ATOM   939  C CG  . LYS A 1 124 ? 12.854  -3.581  -9.348  1.00 47.93  ? 124 LYS A CG  1 
ATOM   940  C CD  . LYS A 1 124 ? 13.688  -3.576  -10.624 1.00 52.31  ? 124 LYS A CD  1 
ATOM   941  C CE  . LYS A 1 124 ? 14.835  -4.560  -10.621 1.00 56.69  ? 124 LYS A CE  1 
ATOM   942  N NZ  . LYS A 1 124 ? 15.542  -4.557  -11.944 1.00 60.38  ? 124 LYS A NZ  1 
ATOM   943  N N   . VAL A 1 125 ? 13.207  -2.282  -6.364  1.00 27.98  ? 125 VAL A N   1 
ATOM   944  C CA  . VAL A 1 125 ? 14.443  -1.955  -5.638  1.00 31.93  ? 125 VAL A CA  1 
ATOM   945  C C   . VAL A 1 125 ? 15.594  -2.702  -6.325  1.00 33.27  ? 125 VAL A C   1 
ATOM   946  O O   . VAL A 1 125 ? 15.486  -3.899  -6.574  1.00 29.43  ? 125 VAL A O   1 
ATOM   947  C CB  . VAL A 1 125 ? 14.359  -2.339  -4.160  1.00 33.47  ? 125 VAL A CB  1 
ATOM   948  C CG1 . VAL A 1 125 ? 15.700  -2.276  -3.462  1.00 34.75  ? 125 VAL A CG1 1 
ATOM   949  C CG2 . VAL A 1 125 ? 13.380  -1.401  -3.435  1.00 33.34  ? 125 VAL A CG2 1 
ATOM   950  N N   . SER A 1 126 ? 16.608  -1.966  -6.737  1.00 37.11  ? 126 SER A N   1 
ATOM   951  C CA  . SER A 1 126 ? 17.769  -2.621  -7.352  1.00 44.07  ? 126 SER A CA  1 
ATOM   952  C C   . SER A 1 126 ? 18.539  -3.301  -6.222  1.00 43.55  ? 126 SER A C   1 
ATOM   953  O O   . SER A 1 126 ? 18.239  -3.061  -5.046  1.00 44.81  ? 126 SER A O   1 
ATOM   954  C CB  . SER A 1 126 ? 18.631  -1.586  -8.075  1.00 44.38  ? 126 SER A CB  1 
ATOM   955  O OG  . SER A 1 126 ? 18.989  -0.559  -7.154  1.00 48.79  ? 126 SER A OG  1 
ATOM   956  N N   . HIS A 1 127 ? 19.510  -4.125  -6.556  1.00 43.09  ? 127 HIS A N   1 
ATOM   957  C CA  . HIS A 1 127 ? 20.283  -4.805  -5.526  1.00 44.53  ? 127 HIS A CA  1 
ATOM   958  C C   . HIS A 1 127 ? 19.384  -5.650  -4.630  1.00 39.39  ? 127 HIS A C   1 
ATOM   959  O O   . HIS A 1 127 ? 19.445  -5.627  -3.401  1.00 37.75  ? 127 HIS A O   1 
ATOM   960  C CB  . HIS A 1 127 ? 21.090  -3.824  -4.657  1.00 48.20  ? 127 HIS A CB  1 
ATOM   961  C CG  . HIS A 1 127 ? 22.401  -4.425  -4.232  1.00 52.42  ? 127 HIS A CG  1 
ATOM   962  N ND1 . HIS A 1 127 ? 23.480  -4.595  -5.074  1.00 54.58  ? 127 HIS A ND1 1 
ATOM   963  C CD2 . HIS A 1 127 ? 22.782  -4.900  -3.030  1.00 53.91  ? 127 HIS A CD2 1 
ATOM   964  C CE1 . HIS A 1 127 ? 24.476  -5.147  -4.411  1.00 56.85  ? 127 HIS A CE1 1 
ATOM   965  N NE2 . HIS A 1 127 ? 24.078  -5.345  -3.170  1.00 57.09  ? 127 HIS A NE2 1 
ATOM   966  N N   . SER A 1 128 ? 18.720  -6.602  -5.278  1.00 35.69  ? 128 SER A N   1 
ATOM   967  C CA  . SER A 1 128 ? 17.939  -7.572  -4.515  1.00 30.67  ? 128 SER A CA  1 
ATOM   968  C C   . SER A 1 128 ? 17.759  -8.800  -5.378  1.00 21.15  ? 128 SER A C   1 
ATOM   969  O O   . SER A 1 128 ? 17.726  -8.620  -6.603  1.00 27.40  ? 128 SER A O   1 
ATOM   970  C CB  . SER A 1 128 ? 16.571  -6.939  -4.171  1.00 34.50  ? 128 SER A CB  1 
ATOM   971  O OG  . SER A 1 128 ? 15.876  -7.873  -3.353  1.00 38.50  ? 128 SER A OG  1 
ATOM   972  N N   . ASN A 1 129 ? 17.665  -9.965  -4.758  1.00 22.09  ? 129 ASN A N   1 
ATOM   973  C CA  . ASN A 1 129 ? 17.403  -11.185 -5.546  1.00 22.98  ? 129 ASN A CA  1 
ATOM   974  C C   . ASN A 1 129 ? 15.862  -11.330 -5.634  1.00 24.41  ? 129 ASN A C   1 
ATOM   975  O O   . ASN A 1 129 ? 15.312  -11.496 -6.707  1.00 25.93  ? 129 ASN A O   1 
ATOM   976  C CB  . ASN A 1 129 ? 18.028  -12.420 -4.926  1.00 22.16  ? 129 ASN A CB  1 
ATOM   977  C CG  . ASN A 1 129 ? 19.570  -12.374 -4.992  1.00 22.30  ? 129 ASN A CG  1 
ATOM   978  O OD1 . ASN A 1 129 ? 20.135  -12.078 -6.048  1.00 21.75  ? 129 ASN A OD1 1 
ATOM   979  N ND2 . ASN A 1 129 ? 20.255  -12.639 -3.893  1.00 18.28  ? 129 ASN A ND2 1 
ATOM   980  N N   . ILE A 1 130 ? 15.214  -11.389 -4.490  1.00 25.25  ? 130 ILE A N   1 
ATOM   981  C CA  . ILE A 1 130 ? 13.722  -11.460 -4.528  1.00 27.89  ? 130 ILE A CA  1 
ATOM   982  C C   . ILE A 1 130 ? 13.217  -10.119 -5.042  1.00 29.36  ? 130 ILE A C   1 
ATOM   983  O O   . ILE A 1 130 ? 13.884  -9.088  -4.825  1.00 24.08  ? 130 ILE A O   1 
ATOM   984  C CB  . ILE A 1 130 ? 13.228  -11.803 -3.124  1.00 30.63  ? 130 ILE A CB  1 
ATOM   985  C CG1 . ILE A 1 130 ? 11.688  -11.882 -3.044  1.00 29.91  ? 130 ILE A CG1 1 
ATOM   986  C CG2 . ILE A 1 130 ? 13.723  -10.778 -2.109  1.00 31.87  ? 130 ILE A CG2 1 
ATOM   987  C CD1 . ILE A 1 130 ? 11.269  -12.676 -1.802  1.00 33.16  ? 130 ILE A CD1 1 
ATOM   988  N N   . HIS A 1 131 ? 12.055  -10.061 -5.705  1.00 25.27  ? 131 HIS A N   1 
ATOM   989  C CA  . HIS A 1 131 ? 11.531  -8.795  -6.179  1.00 25.81  ? 131 HIS A CA  1 
ATOM   990  C C   . HIS A 1 131 ? 10.974  -7.956  -5.018  1.00 21.83  ? 131 HIS A C   1 
ATOM   991  O O   . HIS A 1 131 ? 10.066  -8.430  -4.365  1.00 23.73  ? 131 HIS A O   1 
ATOM   992  C CB  . HIS A 1 131 ? 10.431  -8.969  -7.224  1.00 25.29  ? 131 HIS A CB  1 
ATOM   993  C CG  . HIS A 1 131 ? 11.009  -9.382  -8.555  1.00 29.86  ? 131 HIS A CG  1 
ATOM   994  N ND1 . HIS A 1 131 ? 11.362  -10.685 -8.840  1.00 30.45  ? 131 HIS A ND1 1 
ATOM   995  C CD2 . HIS A 1 131 ? 11.250  -8.635  -9.658  1.00 31.64  ? 131 HIS A CD2 1 
ATOM   996  C CE1 . HIS A 1 131 ? 11.807  -10.726 -10.085 1.00 28.97  ? 131 HIS A CE1 1 
ATOM   997  N NE2 . HIS A 1 131 ? 11.755  -9.511  -10.603 1.00 33.78  ? 131 HIS A NE2 1 
ATOM   998  N N   . VAL A 1 132 ? 11.647  -6.858  -4.743  1.00 23.73  ? 132 VAL A N   1 
ATOM   999  C CA  . VAL A 1 132 ? 11.311  -5.982  -3.628  1.00 23.40  ? 132 VAL A CA  1 
ATOM   1000 C C   . VAL A 1 132 ? 10.905  -4.633  -4.189  1.00 27.43  ? 132 VAL A C   1 
ATOM   1001 O O   . VAL A 1 132 ? 11.517  -4.150  -5.156  1.00 22.78  ? 132 VAL A O   1 
ATOM   1002 C CB  . VAL A 1 132 ? 12.534  -5.726  -2.719  1.00 22.46  ? 132 VAL A CB  1 
ATOM   1003 C CG1 . VAL A 1 132 ? 12.216  -4.733  -1.614  1.00 20.95  ? 132 VAL A CG1 1 
ATOM   1004 C CG2 . VAL A 1 132 ? 13.031  -7.042  -2.127  1.00 23.88  ? 132 VAL A CG2 1 
ATOM   1005 N N   . TYR A 1 133 ? 9.848   -4.046  -3.603  1.00 19.57  ? 133 TYR A N   1 
ATOM   1006 C CA  . TYR A 1 133 ? 9.413   -2.765  -4.135  1.00 19.99  ? 133 TYR A CA  1 
ATOM   1007 C C   . TYR A 1 133 ? 9.269   -1.716  -3.043  1.00 22.45  ? 133 TYR A C   1 
ATOM   1008 O O   . TYR A 1 133 ? 8.839   -2.030  -1.918  1.00 22.54  ? 133 TYR A O   1 
ATOM   1009 C CB  . TYR A 1 133 ? 8.008   -2.936  -4.784  1.00 19.06  ? 133 TYR A CB  1 
ATOM   1010 C CG  . TYR A 1 133 ? 8.070   -3.841  -5.996  1.00 18.15  ? 133 TYR A CG  1 
ATOM   1011 C CD1 . TYR A 1 133 ? 8.420   -3.381  -7.257  1.00 19.22  ? 133 TYR A CD1 1 
ATOM   1012 C CD2 . TYR A 1 133 ? 7.774   -5.192  -5.840  1.00 20.62  ? 133 TYR A CD2 1 
ATOM   1013 C CE1 . TYR A 1 133 ? 8.534   -4.266  -8.333  1.00 20.10  ? 133 TYR A CE1 1 
ATOM   1014 C CE2 . TYR A 1 133 ? 7.857   -6.071  -6.909  1.00 20.53  ? 133 TYR A CE2 1 
ATOM   1015 C CZ  . TYR A 1 133 ? 8.230   -5.586  -8.160  1.00 20.46  ? 133 TYR A CZ  1 
ATOM   1016 O OH  . TYR A 1 133 ? 8.303   -6.541  -9.155  1.00 20.48  ? 133 TYR A OH  1 
ATOM   1017 N N   . LYS A 1 134 ? 9.590   -0.494  -3.429  1.00 17.58  ? 134 LYS A N   1 
ATOM   1018 C CA  . LYS A 1 134 ? 9.219   0.632   -2.583  1.00 17.82  ? 134 LYS A CA  1 
ATOM   1019 C C   . LYS A 1 134 ? 7.792   1.035   -2.982  1.00 22.55  ? 134 LYS A C   1 
ATOM   1020 O O   . LYS A 1 134 ? 7.340   0.676   -4.080  1.00 19.96  ? 134 LYS A O   1 
ATOM   1021 C CB  . LYS A 1 134 ? 10.212  1.784   -2.765  1.00 21.79  ? 134 LYS A CB  1 
ATOM   1022 C CG  . LYS A 1 134 ? 11.470  1.563   -1.918  1.00 26.90  ? 134 LYS A CG  1 
ATOM   1023 C CD  . LYS A 1 134 ? 12.536  2.606   -2.247  1.00 32.74  ? 134 LYS A CD  1 
ATOM   1024 C CE  . LYS A 1 134 ? 13.808  2.280   -1.448  1.00 39.38  ? 134 LYS A CE  1 
ATOM   1025 N NZ  . LYS A 1 134 ? 15.000  2.982   -2.035  1.00 49.50  ? 134 LYS A NZ  1 
ATOM   1026 N N   . LEU A 1 135 ? 7.108   1.760   -2.107  1.00 24.58  ? 135 LEU A N   1 
ATOM   1027 C CA  . LEU A 1 135 ? 5.746   2.212   -2.417  1.00 24.15  ? 135 LEU A CA  1 
ATOM   1028 C C   . LEU A 1 135 ? 5.713   3.737   -2.517  1.00 24.15  ? 135 LEU A C   1 
ATOM   1029 O O   . LEU A 1 135 ? 5.967   4.432   -1.538  1.00 25.10  ? 135 LEU A O   1 
ATOM   1030 C CB  . LEU A 1 135 ? 4.792   1.673   -1.345  1.00 19.12  ? 135 LEU A CB  1 
ATOM   1031 C CG  . LEU A 1 135 ? 3.311   2.101   -1.464  1.00 20.17  ? 135 LEU A CG  1 
ATOM   1032 C CD1 . LEU A 1 135 ? 2.685   1.602   -2.739  1.00 19.44  ? 135 LEU A CD1 1 
ATOM   1033 C CD2 . LEU A 1 135 ? 2.539   1.550   -0.261  1.00 19.80  ? 135 LEU A CD2 1 
ATOM   1034 N N   . LEU A 1 136 ? 5.437   4.257   -3.707  1.00 25.71  ? 136 LEU A N   1 
ATOM   1035 C CA  . LEU A 1 136 ? 5.336   5.697   -3.922  1.00 27.88  ? 136 LEU A CA  1 
ATOM   1036 C C   . LEU A 1 136 ? 3.894   6.191   -3.763  1.00 28.38  ? 136 LEU A C   1 
ATOM   1037 O O   . LEU A 1 136 ? 2.985   5.472   -4.183  1.00 24.23  ? 136 LEU A O   1 
ATOM   1038 C CB  . LEU A 1 136 ? 5.732   6.061   -5.354  1.00 27.30  ? 136 LEU A CB  1 
ATOM   1039 C CG  . LEU A 1 136 ? 7.224   5.907   -5.702  1.00 34.35  ? 136 LEU A CG  1 
ATOM   1040 C CD1 . LEU A 1 136 ? 7.368   5.798   -7.216  1.00 31.72  ? 136 LEU A CD1 1 
ATOM   1041 C CD2 . LEU A 1 136 ? 8.024   7.088   -5.154  1.00 31.94  ? 136 LEU A CD2 1 
ATOM   1042 N N   . TYR A 1 137 ? 3.764   7.450   -3.346  1.00 26.21  ? 137 TYR A N   1 
ATOM   1043 C CA  . TYR A 1 137 ? 2.479   8.141   -3.345  1.00 22.93  ? 137 TYR A CA  1 
ATOM   1044 C C   . TYR A 1 137 ? 2.507   9.185   -4.467  1.00 27.82  ? 137 TYR A C   1 
ATOM   1045 O O   . TYR A 1 137 ? 3.498   9.892   -4.653  1.00 27.00  ? 137 TYR A O   1 
ATOM   1046 C CB  . TYR A 1 137 ? 2.171   8.747   -1.980  1.00 26.34  ? 137 TYR A CB  1 
ATOM   1047 C CG  . TYR A 1 137 ? 1.122   9.835   -2.049  1.00 27.82  ? 137 TYR A CG  1 
ATOM   1048 C CD1 . TYR A 1 137 ? -0.163  9.551   -2.520  1.00 29.36  ? 137 TYR A CD1 1 
ATOM   1049 C CD2 . TYR A 1 137 ? 1.441   11.150  -1.730  1.00 30.88  ? 137 TYR A CD2 1 
ATOM   1050 C CE1 . TYR A 1 137 ? -1.113  10.555  -2.634  1.00 31.60  ? 137 TYR A CE1 1 
ATOM   1051 C CE2 . TYR A 1 137 ? 0.488   12.144  -1.814  1.00 29.26  ? 137 TYR A CE2 1 
ATOM   1052 C CZ  . TYR A 1 137 ? -0.778  11.846  -2.273  1.00 32.69  ? 137 TYR A CZ  1 
ATOM   1053 O OH  . TYR A 1 137 ? -1.702  12.864  -2.372  1.00 37.37  ? 137 TYR A OH  1 
ATOM   1054 N N   . CYS A 1 138 ? 1.466   9.251   -5.286  1.00 26.00  ? 138 CYS A N   1 
ATOM   1055 C CA  . CYS A 1 138 ? 1.424   10.123  -6.442  1.00 30.31  ? 138 CYS A CA  1 
ATOM   1056 C C   . CYS A 1 138 ? 0.393   11.233  -6.314  1.00 33.61  ? 138 CYS A C   1 
ATOM   1057 O O   . CYS A 1 138 ? -0.821  11.006  -6.324  1.00 31.00  ? 138 CYS A O   1 
ATOM   1058 C CB  . CYS A 1 138 ? 1.175   9.295   -7.705  1.00 31.83  ? 138 CYS A CB  1 
ATOM   1059 S SG  . CYS A 1 138 ? 2.148   7.769   -7.783  1.00 29.73  ? 138 CYS A SG  1 
ATOM   1060 N N   . GLN A 1 139 ? 0.905   12.445  -6.048  1.00 31.36  ? 139 GLN A N   1 
ATOM   1061 C CA  . GLN A 1 139 ? 0.064   13.622  -5.870  1.00 36.58  ? 139 GLN A CA  1 
ATOM   1062 C C   . GLN A 1 139 ? -0.297  14.260  -7.207  1.00 37.70  ? 139 GLN A C   1 
ATOM   1063 O O   . GLN A 1 139 ? 0.359   14.007  -8.214  1.00 33.05  ? 139 GLN A O   1 
ATOM   1064 C CB  . GLN A 1 139 ? 0.813   14.676  -5.026  1.00 32.49  ? 139 GLN A CB  1 
ATOM   1065 C CG  . GLN A 1 139 ? 2.080   15.205  -5.688  1.00 32.34  ? 139 GLN A CG  1 
ATOM   1066 C CD  . GLN A 1 139 ? 2.887   16.117  -4.770  1.00 34.90  ? 139 GLN A CD  1 
ATOM   1067 O OE1 . GLN A 1 139 ? 4.097   15.966  -4.578  1.00 31.91  ? 139 GLN A OE1 1 
ATOM   1068 N NE2 . GLN A 1 139 ? 2.186   17.103  -4.211  1.00 31.93  ? 139 GLN A NE2 1 
ATOM   1069 N N   . HIS A 1 140 ? -1.328  15.096  -7.216  1.00 50.84  ? 140 HIS A N   1 
ATOM   1070 C CA  . HIS A 1 140 ? -1.707  15.773  -8.466  1.00 61.22  ? 140 HIS A CA  1 
ATOM   1071 C C   . HIS A 1 140 ? -0.608  16.759  -8.861  1.00 63.70  ? 140 HIS A C   1 
ATOM   1072 O O   . HIS A 1 140 ? 0.023   17.325  -7.970  1.00 60.97  ? 140 HIS A O   1 
ATOM   1073 C CB  . HIS A 1 140 ? -3.008  16.544  -8.278  1.00 68.53  ? 140 HIS A CB  1 
ATOM   1074 C CG  . HIS A 1 140 ? -4.156  15.728  -7.787  1.00 75.55  ? 140 HIS A CG  1 
ATOM   1075 N ND1 . HIS A 1 140 ? -4.855  14.839  -8.580  1.00 78.75  ? 140 HIS A ND1 1 
ATOM   1076 C CD2 . HIS A 1 140 ? -4.763  15.703  -6.574  1.00 78.49  ? 140 HIS A CD2 1 
ATOM   1077 C CE1 . HIS A 1 140 ? -5.828  14.296  -7.862  1.00 79.64  ? 140 HIS A CE1 1 
ATOM   1078 N NE2 . HIS A 1 140 ? -5.794  14.794  -6.638  1.00 78.59  ? 140 HIS A NE2 1 
ATOM   1079 N N   . ASP A 1 141 ? -0.375  16.922  -10.153 1.00 69.86  ? 141 ASP A N   1 
ATOM   1080 C CA  . ASP A 1 141 ? 0.623   17.883  -10.637 1.00 76.01  ? 141 ASP A CA  1 
ATOM   1081 C C   . ASP A 1 141 ? -0.121  19.114  -11.169 1.00 78.56  ? 141 ASP A C   1 
ATOM   1082 O O   . ASP A 1 141 ? 0.280   20.264  -11.063 1.00 79.55  ? 141 ASP A O   1 
ATOM   1083 C CB  . ASP A 1 141 ? 1.458   17.258  -11.745 1.00 78.13  ? 141 ASP A CB  1 
ATOM   1084 C CG  . ASP A 1 141 ? 2.825   17.891  -11.884 1.00 80.11  ? 141 ASP A CG  1 
ATOM   1085 O OD1 . ASP A 1 141 ? 3.674   17.283  -12.574 1.00 81.10  ? 141 ASP A OD1 1 
ATOM   1086 O OD2 . ASP A 1 141 ? 3.054   18.967  -11.297 1.00 81.54  ? 141 ASP A OD2 1 
ATOM   1087 N N   . GLU A 1 142 ? -1.296  18.793  -11.700 1.00 80.75  ? 142 GLU A N   1 
ATOM   1088 C CA  . GLU A 1 142 ? -2.228  19.791  -12.209 1.00 83.71  ? 142 GLU A CA  1 
ATOM   1089 C C   . GLU A 1 142 ? -3.393  19.027  -12.841 1.00 83.60  ? 142 GLU A C   1 
ATOM   1090 O O   . GLU A 1 142 ? -4.285  18.512  -12.180 1.00 82.49  ? 142 GLU A O   1 
ATOM   1091 C CB  . GLU A 1 142 ? -1.534  20.687  -13.233 1.00 86.02  ? 142 GLU A CB  1 
ATOM   1092 C CG  . GLU A 1 142 ? -2.384  21.826  -13.762 1.00 89.50  ? 142 GLU A CG  1 
ATOM   1093 C CD  . GLU A 1 142 ? -2.464  23.009  -12.814 1.00 90.96  ? 142 GLU A CD  1 
ATOM   1094 O OE1 . GLU A 1 142 ? -3.590  23.465  -12.525 1.00 91.70  ? 142 GLU A OE1 1 
ATOM   1095 O OE2 . GLU A 1 142 ? -1.401  23.497  -12.374 1.00 91.80  ? 142 GLU A OE2 1 
ATOM   1096 N N   . GLU A 1 143 ? -3.190  18.704  -14.111 1.00 85.35  ? 143 GLU A N   1 
ATOM   1097 C CA  . GLU A 1 143 ? -4.113  17.889  -14.883 1.00 87.17  ? 143 GLU A CA  1 
ATOM   1098 C C   . GLU A 1 143 ? -3.551  16.473  -15.007 1.00 84.36  ? 143 GLU A C   1 
ATOM   1099 O O   . GLU A 1 143 ? -3.814  15.766  -15.976 1.00 83.96  ? 143 GLU A O   1 
ATOM   1100 C CB  . GLU A 1 143 ? -4.313  18.502  -16.274 1.00 92.21  ? 143 GLU A CB  1 
ATOM   1101 C CG  . GLU A 1 143 ? -3.026  19.026  -16.891 1.00 97.77  ? 143 GLU A CG  1 
ATOM   1102 C CD  . GLU A 1 143 ? -2.906  18.725  -18.368 1.00 100.76 ? 143 GLU A CD  1 
ATOM   1103 O OE1 . GLU A 1 143 ? -1.766  18.746  -18.890 1.00 102.71 ? 143 GLU A OE1 1 
ATOM   1104 O OE2 . GLU A 1 143 ? -3.942  18.447  -19.012 1.00 101.61 ? 143 GLU A OE2 1 
ATOM   1105 N N   . ASP A 1 144 ? -2.734  16.090  -14.027 1.00 79.64  ? 144 ASP A N   1 
ATOM   1106 C CA  . ASP A 1 144 ? -2.104  14.780  -14.018 1.00 75.48  ? 144 ASP A CA  1 
ATOM   1107 C C   . ASP A 1 144 ? -1.675  14.369  -12.613 1.00 68.89  ? 144 ASP A C   1 
ATOM   1108 O O   . ASP A 1 144 ? -2.276  14.780  -11.615 1.00 66.65  ? 144 ASP A O   1 
ATOM   1109 C CB  . ASP A 1 144 ? -0.921  14.765  -14.990 1.00 80.91  ? 144 ASP A CB  1 
ATOM   1110 C CG  . ASP A 1 144 ? -0.880  13.508  -15.837 1.00 85.49  ? 144 ASP A CG  1 
ATOM   1111 O OD1 . ASP A 1 144 ? 0.225   13.104  -16.264 1.00 87.47  ? 144 ASP A OD1 1 
ATOM   1112 O OD2 . ASP A 1 144 ? -1.958  12.933  -16.099 1.00 88.55  ? 144 ASP A OD2 1 
ATOM   1113 N N   . VAL A 1 145 ? -0.641  13.540  -12.527 1.00 59.46  ? 145 VAL A N   1 
ATOM   1114 C CA  . VAL A 1 145 ? -0.162  13.041  -11.238 1.00 50.07  ? 145 VAL A CA  1 
ATOM   1115 C C   . VAL A 1 145 ? 1.344   12.881  -11.263 1.00 45.93  ? 145 VAL A C   1 
ATOM   1116 O O   . VAL A 1 145 ? 1.910   12.478  -12.288 1.00 43.01  ? 145 VAL A O   1 
ATOM   1117 C CB  . VAL A 1 145 ? -0.889  11.734  -10.892 1.00 51.64  ? 145 VAL A CB  1 
ATOM   1118 C CG1 . VAL A 1 145 ? -0.031  10.497  -10.830 1.00 50.57  ? 145 VAL A CG1 1 
ATOM   1119 C CG2 . VAL A 1 145 ? -1.787  11.913  -9.694  1.00 48.32  ? 145 VAL A CG2 1 
ATOM   1120 N N   . LYS A 1 146 ? 1.987   13.138  -10.131 1.00 40.90  ? 146 LYS A N   1 
ATOM   1121 C CA  . LYS A 1 146 ? 3.441   12.957  -10.043 1.00 38.74  ? 146 LYS A CA  1 
ATOM   1122 C C   . LYS A 1 146 ? 3.832   12.070  -8.868  1.00 33.17  ? 146 LYS A C   1 
ATOM   1123 O O   . LYS A 1 146 ? 3.571   12.367  -7.707  1.00 25.20  ? 146 LYS A O   1 
ATOM   1124 C CB  . LYS A 1 146 ? 4.099   14.326  -9.937  1.00 43.41  ? 146 LYS A CB  1 
ATOM   1125 C CG  . LYS A 1 146 ? 5.607   14.319  -10.029 1.00 47.65  ? 146 LYS A CG  1 
ATOM   1126 C CD  . LYS A 1 146 ? 6.068   14.347  -11.472 1.00 53.83  ? 146 LYS A CD  1 
ATOM   1127 C CE  . LYS A 1 146 ? 7.592   14.272  -11.522 1.00 56.24  ? 146 LYS A CE  1 
ATOM   1128 N NZ  . LYS A 1 146 ? 8.200   15.443  -10.818 1.00 57.47  ? 146 LYS A NZ  1 
ATOM   1129 N N   . CYS A 1 147 ? 4.502   10.961  -9.142  1.00 32.86  ? 147 CYS A N   1 
ATOM   1130 C CA  . CYS A 1 147 ? 4.910   10.004  -8.109  1.00 35.14  ? 147 CYS A CA  1 
ATOM   1131 C C   . CYS A 1 147 ? 6.260   10.351  -7.515  1.00 36.49  ? 147 CYS A C   1 
ATOM   1132 O O   . CYS A 1 147 ? 7.270   9.712   -7.832  1.00 39.48  ? 147 CYS A O   1 
ATOM   1133 C CB  . CYS A 1 147 ? 4.912   8.601   -8.745  1.00 35.03  ? 147 CYS A CB  1 
ATOM   1134 S SG  . CYS A 1 147 ? 3.312   8.083   -9.429  1.00 36.60  ? 147 CYS A SG  1 
ATOM   1135 N N   . ASP A 1 148 ? 6.326   11.346  -6.635  1.00 37.22  ? 148 ASP A N   1 
ATOM   1136 C CA  . ASP A 1 148 ? 7.605   11.824  -6.133  1.00 40.17  ? 148 ASP A CA  1 
ATOM   1137 C C   . ASP A 1 148 ? 7.701   11.822  -4.630  1.00 41.37  ? 148 ASP A C   1 
ATOM   1138 O O   . ASP A 1 148 ? 8.362   12.697  -4.055  1.00 40.51  ? 148 ASP A O   1 
ATOM   1139 C CB  . ASP A 1 148 ? 7.868   13.226  -6.716  1.00 42.19  ? 148 ASP A CB  1 
ATOM   1140 C CG  . ASP A 1 148 ? 6.739   14.202  -6.469  1.00 43.84  ? 148 ASP A CG  1 
ATOM   1141 O OD1 . ASP A 1 148 ? 6.794   15.336  -6.988  1.00 41.16  ? 148 ASP A OD1 1 
ATOM   1142 O OD2 . ASP A 1 148 ? 5.756   13.886  -5.756  1.00 41.66  ? 148 ASP A OD2 1 
ATOM   1143 N N   . GLN A 1 149 ? 6.927   10.989  -3.927  1.00 35.98  ? 149 GLN A N   1 
ATOM   1144 C CA  . GLN A 1 149 ? 6.988   10.875  -2.479  1.00 29.52  ? 149 GLN A CA  1 
ATOM   1145 C C   . GLN A 1 149 ? 6.859   9.381   -2.122  1.00 34.91  ? 149 GLN A C   1 
ATOM   1146 O O   . GLN A 1 149 ? 6.079   8.700   -2.785  1.00 33.03  ? 149 GLN A O   1 
ATOM   1147 C CB  . GLN A 1 149 ? 5.876   11.638  -1.771  1.00 29.35  ? 149 GLN A CB  1 
ATOM   1148 C CG  . GLN A 1 149 ? 5.976   13.167  -1.932  1.00 30.97  ? 149 GLN A CG  1 
ATOM   1149 C CD  . GLN A 1 149 ? 4.793   13.846  -1.316  1.00 33.14  ? 149 GLN A CD  1 
ATOM   1150 O OE1 . GLN A 1 149 ? 3.728   13.835  -1.941  1.00 34.90  ? 149 GLN A OE1 1 
ATOM   1151 N NE2 . GLN A 1 149 ? 4.949   14.372  -0.086  1.00 27.15  ? 149 GLN A NE2 1 
ATOM   1152 N N   . TYR A 1 150 ? 7.598   8.895   -1.148  1.00 31.42  ? 150 TYR A N   1 
ATOM   1153 C CA  . TYR A 1 150 ? 7.535   7.494   -0.750  1.00 32.10  ? 150 TYR A CA  1 
ATOM   1154 C C   . TYR A 1 150 ? 6.651   7.317   0.476   1.00 30.43  ? 150 TYR A C   1 
ATOM   1155 O O   . TYR A 1 150 ? 6.574   8.190   1.348   1.00 37.76  ? 150 TYR A O   1 
ATOM   1156 C CB  . TYR A 1 150 ? 8.950   6.986   -0.400  1.00 33.96  ? 150 TYR A CB  1 
ATOM   1157 C CG  . TYR A 1 150 ? 9.858   6.772   -1.582  1.00 38.85  ? 150 TYR A CG  1 
ATOM   1158 C CD1 . TYR A 1 150 ? 10.855  7.697   -1.881  1.00 41.07  ? 150 TYR A CD1 1 
ATOM   1159 C CD2 . TYR A 1 150 ? 9.719   5.670   -2.414  1.00 39.74  ? 150 TYR A CD2 1 
ATOM   1160 C CE1 . TYR A 1 150 ? 11.698  7.516   -2.960  1.00 45.57  ? 150 TYR A CE1 1 
ATOM   1161 C CE2 . TYR A 1 150 ? 10.563  5.480   -3.497  1.00 42.01  ? 150 TYR A CE2 1 
ATOM   1162 C CZ  . TYR A 1 150 ? 11.550  6.402   -3.764  1.00 44.16  ? 150 TYR A CZ  1 
ATOM   1163 O OH  . TYR A 1 150 ? 12.399  6.230   -4.833  1.00 45.18  ? 150 TYR A OH  1 
ATOM   1164 N N   . ILE A 1 151 ? 6.060   6.137   0.637   1.00 28.64  ? 151 ILE A N   1 
ATOM   1165 C CA  . ILE A 1 151 ? 5.364   5.749   1.848   1.00 22.74  ? 151 ILE A CA  1 
ATOM   1166 C C   . ILE A 1 151 ? 6.357   5.070   2.801   1.00 26.61  ? 151 ILE A C   1 
ATOM   1167 O O   . ILE A 1 151 ? 7.150   4.228   2.380   1.00 26.75  ? 151 ILE A O   1 
ATOM   1168 C CB  . ILE A 1 151 ? 4.201   4.783   1.569   1.00 22.19  ? 151 ILE A CB  1 
ATOM   1169 C CG1 . ILE A 1 151 ? 3.163   5.438   0.651   1.00 25.16  ? 151 ILE A CG1 1 
ATOM   1170 C CG2 . ILE A 1 151 ? 3.510   4.371   2.877   1.00 22.18  ? 151 ILE A CG2 1 
ATOM   1171 C CD1 . ILE A 1 151 ? 2.531   6.693   1.259   1.00 23.45  ? 151 ILE A CD1 1 
ATOM   1172 N N   . GLY A 1 152 ? 6.377   5.440   4.055   1.00 24.55  ? 152 GLY A N   1 
ATOM   1173 C CA  . GLY A 1 152 ? 7.225   4.828   5.081   1.00 28.05  ? 152 GLY A CA  1 
ATOM   1174 C C   . GLY A 1 152 ? 6.370   4.585   6.329   1.00 28.75  ? 152 GLY A C   1 
ATOM   1175 O O   . GLY A 1 152 ? 5.142   4.640   6.320   1.00 25.40  ? 152 GLY A O   1 
ATOM   1176 N N   . ILE A 1 153 ? 7.022   4.300   7.450   1.00 29.12  ? 153 ILE A N   1 
ATOM   1177 C CA  . ILE A 1 153 ? 6.401   4.021   8.723   1.00 29.00  ? 153 ILE A CA  1 
ATOM   1178 C C   . ILE A 1 153 ? 6.632   5.123   9.764   1.00 34.43  ? 153 ILE A C   1 
ATOM   1179 O O   . ILE A 1 153 ? 7.728   5.670   9.885   1.00 36.34  ? 153 ILE A O   1 
ATOM   1180 C CB  . ILE A 1 153 ? 6.871   2.676   9.315   1.00 31.93  ? 153 ILE A CB  1 
ATOM   1181 C CG1 . ILE A 1 153 ? 6.472   1.494   8.436   1.00 33.69  ? 153 ILE A CG1 1 
ATOM   1182 C CG2 . ILE A 1 153 ? 6.303   2.488   10.741  1.00 30.17  ? 153 ILE A CG2 1 
ATOM   1183 C CD1 . ILE A 1 153 ? 4.977   1.211   8.362   1.00 36.31  ? 153 ILE A CD1 1 
ATOM   1184 N N   . HIS A 1 154 ? 5.567   5.532   10.447  1.00 33.17  ? 154 HIS A N   1 
ATOM   1185 C CA  . HIS A 1 154 ? 5.731   6.384   11.628  1.00 39.03  ? 154 HIS A CA  1 
ATOM   1186 C C   . HIS A 1 154 ? 5.093   5.726   12.849  1.00 39.53  ? 154 HIS A C   1 
ATOM   1187 O O   . HIS A 1 154 ? 3.873   5.552   12.877  1.00 38.66  ? 154 HIS A O   1 
ATOM   1188 C CB  . HIS A 1 154 ? 5.194   7.788   11.401  1.00 41.13  ? 154 HIS A CB  1 
ATOM   1189 C CG  . HIS A 1 154 ? 5.293   8.628   12.649  1.00 47.69  ? 154 HIS A CG  1 
ATOM   1190 N ND1 . HIS A 1 154 ? 6.491   9.165   13.065  1.00 49.18  ? 154 HIS A ND1 1 
ATOM   1191 C CD2 . HIS A 1 154 ? 4.376   8.963   13.583  1.00 48.44  ? 154 HIS A CD2 1 
ATOM   1192 C CE1 . HIS A 1 154 ? 6.299   9.819   14.194  1.00 50.47  ? 154 HIS A CE1 1 
ATOM   1193 N NE2 . HIS A 1 154 ? 5.030   9.711   14.537  1.00 50.57  ? 154 HIS A NE2 1 
ATOM   1194 N N   . ARG A 1 155 ? 5.914   5.349   13.821  1.00 39.67  ? 155 ARG A N   1 
ATOM   1195 C CA  . ARG A 1 155 ? 5.405   4.698   15.037  1.00 45.20  ? 155 ARG A CA  1 
ATOM   1196 C C   . ARG A 1 155 ? 4.876   5.780   15.968  1.00 44.99  ? 155 ARG A C   1 
ATOM   1197 O O   . ARG A 1 155 ? 5.639   6.707   16.242  1.00 45.34  ? 155 ARG A O   1 
ATOM   1198 C CB  . ARG A 1 155 ? 6.533   3.909   15.694  1.00 49.61  ? 155 ARG A CB  1 
ATOM   1199 C CG  . ARG A 1 155 ? 6.160   2.869   16.726  1.00 57.35  ? 155 ARG A CG  1 
ATOM   1200 C CD  . ARG A 1 155 ? 7.316   2.629   17.692  1.00 63.85  ? 155 ARG A CD  1 
ATOM   1201 N NE  . ARG A 1 155 ? 7.337   3.583   18.800  1.00 68.02  ? 155 ARG A NE  1 
ATOM   1202 C CZ  . ARG A 1 155 ? 6.725   3.430   19.965  1.00 70.19  ? 155 ARG A CZ  1 
ATOM   1203 N NH1 . ARG A 1 155 ? 6.032   2.333   20.253  1.00 72.46  ? 155 ARG A NH1 1 
ATOM   1204 N NH2 . ARG A 1 155 ? 6.812   4.382   20.881  1.00 71.36  ? 155 ARG A NH2 1 
ATOM   1205 N N   . ASP A 1 156 ? 3.590   5.776   16.280  1.00 43.36  ? 156 ASP A N   1 
ATOM   1206 C CA  . ASP A 1 156 ? 3.011   6.829   17.123  1.00 43.93  ? 156 ASP A CA  1 
ATOM   1207 C C   . ASP A 1 156 ? 3.260   6.531   18.599  1.00 45.63  ? 156 ASP A C   1 
ATOM   1208 O O   . ASP A 1 156 ? 3.717   5.455   18.995  1.00 44.28  ? 156 ASP A O   1 
ATOM   1209 C CB  . ASP A 1 156 ? 1.530   7.012   16.833  1.00 38.93  ? 156 ASP A CB  1 
ATOM   1210 C CG  . ASP A 1 156 ? 0.664   5.811   17.075  1.00 34.00  ? 156 ASP A CG  1 
ATOM   1211 O OD1 . ASP A 1 156 ? 1.024   4.914   17.879  1.00 37.59  ? 156 ASP A OD1 1 
ATOM   1212 O OD2 . ASP A 1 156 ? -0.415  5.739   16.440  1.00 33.47  ? 156 ASP A OD2 1 
ATOM   1213 N N   . ARG A 1 157 ? 2.842   7.465   19.450  1.00 49.20  ? 157 ARG A N   1 
ATOM   1214 C CA  . ARG A 1 157 ? 3.008   7.396   20.898  1.00 52.85  ? 157 ARG A CA  1 
ATOM   1215 C C   . ARG A 1 157 ? 2.323   6.190   21.508  1.00 51.99  ? 157 ARG A C   1 
ATOM   1216 O O   . ARG A 1 157 ? 2.431   5.944   22.713  1.00 54.12  ? 157 ARG A O   1 
ATOM   1217 C CB  . ARG A 1 157 ? 2.548   8.694   21.573  1.00 56.74  ? 157 ARG A CB  1 
ATOM   1218 C CG  . ARG A 1 157 ? 1.046   8.945   21.589  1.00 63.18  ? 157 ARG A CG  1 
ATOM   1219 C CD  . ARG A 1 157 ? 0.694   10.243  22.310  1.00 68.46  ? 157 ARG A CD  1 
ATOM   1220 N NE  . ARG A 1 157 ? 0.671   11.404  21.414  1.00 75.19  ? 157 ARG A NE  1 
ATOM   1221 C CZ  . ARG A 1 157 ? 1.312   12.553  21.631  1.00 77.83  ? 157 ARG A CZ  1 
ATOM   1222 N NH1 . ARG A 1 157 ? 2.066   12.711  22.710  1.00 79.12  ? 157 ARG A NH1 1 
ATOM   1223 N NH2 . ARG A 1 157 ? 1.233   13.549  20.761  1.00 80.54  ? 157 ARG A NH2 1 
ATOM   1224 N N   . ASN A 1 158 ? 1.567   5.429   20.727  1.00 47.17  ? 158 ASN A N   1 
ATOM   1225 C CA  . ASN A 1 158 ? 0.892   4.225   21.174  1.00 43.67  ? 158 ASN A CA  1 
ATOM   1226 C C   . ASN A 1 158 ? 1.456   2.949   20.539  1.00 40.17  ? 158 ASN A C   1 
ATOM   1227 O O   . ASN A 1 158 ? 0.949   1.858   20.777  1.00 37.63  ? 158 ASN A O   1 
ATOM   1228 C CB  . ASN A 1 158 ? -0.606  4.336   20.899  1.00 46.35  ? 158 ASN A CB  1 
ATOM   1229 C CG  . ASN A 1 158 ? -1.250  5.455   21.717  1.00 52.16  ? 158 ASN A CG  1 
ATOM   1230 O OD1 . ASN A 1 158 ? -1.419  6.584   21.258  1.00 54.14  ? 158 ASN A OD1 1 
ATOM   1231 N ND2 . ASN A 1 158 ? -1.617  5.139   22.954  1.00 49.69  ? 158 ASN A ND2 1 
ATOM   1232 N N   . GLY A 1 159 ? 2.459   3.089   19.690  1.00 34.69  ? 159 GLY A N   1 
ATOM   1233 C CA  . GLY A 1 159 ? 3.128   1.932   19.093  1.00 36.96  ? 159 GLY A CA  1 
ATOM   1234 C C   . GLY A 1 159 ? 2.588   1.568   17.708  1.00 38.99  ? 159 GLY A C   1 
ATOM   1235 O O   . GLY A 1 159 ? 3.183   0.722   17.029  1.00 38.44  ? 159 GLY A O   1 
ATOM   1236 N N   . ASN A 1 160 ? 1.517   2.224   17.265  1.00 35.57  ? 160 ASN A N   1 
ATOM   1237 C CA  . ASN A 1 160 ? 0.990   1.894   15.936  1.00 34.42  ? 160 ASN A CA  1 
ATOM   1238 C C   . ASN A 1 160 ? 2.050   2.239   14.902  1.00 30.57  ? 160 ASN A C   1 
ATOM   1239 O O   . ASN A 1 160 ? 2.515   3.375   14.835  1.00 29.43  ? 160 ASN A O   1 
ATOM   1240 C CB  . ASN A 1 160 ? -0.294  2.649   15.614  1.00 29.91  ? 160 ASN A CB  1 
ATOM   1241 C CG  . ASN A 1 160 ? -1.410  2.354   16.583  1.00 33.55  ? 160 ASN A CG  1 
ATOM   1242 O OD1 . ASN A 1 160 ? -1.814  1.211   16.796  1.00 35.84  ? 160 ASN A OD1 1 
ATOM   1243 N ND2 . ASN A 1 160 ? -1.938  3.445   17.149  1.00 35.55  ? 160 ASN A ND2 1 
ATOM   1244 N N   . ARG A 1 161 ? 2.315   1.289   14.001  1.00 31.11  ? 161 ARG A N   1 
ATOM   1245 C CA  . ARG A 1 161 ? 3.258   1.601   12.911  1.00 28.66  ? 161 ARG A CA  1 
ATOM   1246 C C   . ARG A 1 161 ? 2.452   2.102   11.705  1.00 28.75  ? 161 ARG A C   1 
ATOM   1247 O O   . ARG A 1 161 ? 2.084   1.315   10.833  1.00 28.22  ? 161 ARG A O   1 
ATOM   1248 C CB  . ARG A 1 161 ? 4.043   0.336   12.594  1.00 26.71  ? 161 ARG A CB  1 
ATOM   1249 C CG  . ARG A 1 161 ? 4.746   -0.252  13.831  1.00 29.89  ? 161 ARG A CG  1 
ATOM   1250 C CD  . ARG A 1 161 ? 5.584   -1.460  13.399  1.00 37.21  ? 161 ARG A CD  1 
ATOM   1251 N NE  . ARG A 1 161 ? 6.117   -2.214  14.533  1.00 41.98  ? 161 ARG A NE  1 
ATOM   1252 C CZ  . ARG A 1 161 ? 6.969   -3.237  14.420  1.00 42.40  ? 161 ARG A CZ  1 
ATOM   1253 N NH1 . ARG A 1 161 ? 7.401   -3.640  13.234  1.00 38.23  ? 161 ARG A NH1 1 
ATOM   1254 N NH2 . ARG A 1 161 ? 7.399   -3.879  15.500  1.00 41.09  ? 161 ARG A NH2 1 
ATOM   1255 N N   . ARG A 1 162 ? 2.116   3.363   11.697  1.00 29.00  ? 162 ARG A N   1 
ATOM   1256 C CA  . ARG A 1 162 ? 1.339   4.015   10.672  1.00 27.54  ? 162 ARG A CA  1 
ATOM   1257 C C   . ARG A 1 162 ? 2.040   4.184   9.335   1.00 29.90  ? 162 ARG A C   1 
ATOM   1258 O O   . ARG A 1 162 ? 3.182   4.635   9.285   1.00 27.34  ? 162 ARG A O   1 
ATOM   1259 C CB  . ARG A 1 162 ? 0.976   5.436   11.163  1.00 30.02  ? 162 ARG A CB  1 
ATOM   1260 C CG  . ARG A 1 162 ? 0.122   5.421   12.434  1.00 32.42  ? 162 ARG A CG  1 
ATOM   1261 C CD  . ARG A 1 162 ? -0.418  6.831   12.664  1.00 34.37  ? 162 ARG A CD  1 
ATOM   1262 N NE  . ARG A 1 162 ? -0.935  6.986   14.007  1.00 38.44  ? 162 ARG A NE  1 
ATOM   1263 C CZ  . ARG A 1 162 ? -1.584  8.076   14.430  1.00 39.74  ? 162 ARG A CZ  1 
ATOM   1264 N NH1 . ARG A 1 162 ? -1.787  9.073   13.588  1.00 37.49  ? 162 ARG A NH1 1 
ATOM   1265 N NH2 . ARG A 1 162 ? -2.019  8.128   15.686  1.00 39.34  ? 162 ARG A NH2 1 
ATOM   1266 N N   . LEU A 1 163 ? 1.320   3.900   8.239   1.00 25.97  ? 163 LEU A N   1 
ATOM   1267 C CA  . LEU A 1 163 ? 1.837   4.176   6.905   1.00 23.42  ? 163 LEU A CA  1 
ATOM   1268 C C   . LEU A 1 163 ? 1.606   5.648   6.592   1.00 22.64  ? 163 LEU A C   1 
ATOM   1269 O O   . LEU A 1 163 ? 0.464   6.089   6.746   1.00 26.13  ? 163 LEU A O   1 
ATOM   1270 C CB  . LEU A 1 163 ? 1.146   3.329   5.812   1.00 20.95  ? 163 LEU A CB  1 
ATOM   1271 C CG  . LEU A 1 163 ? 1.813   1.934   5.625   1.00 23.25  ? 163 LEU A CG  1 
ATOM   1272 C CD1 . LEU A 1 163 ? 1.539   1.086   6.852   1.00 20.77  ? 163 LEU A CD1 1 
ATOM   1273 C CD2 . LEU A 1 163 ? 1.298   1.327   4.325   1.00 20.35  ? 163 LEU A CD2 1 
ATOM   1274 N N   . VAL A 1 164 ? 2.649   6.396   6.294   1.00 25.00  ? 164 VAL A N   1 
ATOM   1275 C CA  . VAL A 1 164 ? 2.553   7.816   6.012   1.00 25.31  ? 164 VAL A CA  1 
ATOM   1276 C C   . VAL A 1 164 ? 3.558   8.201   4.940   1.00 26.09  ? 164 VAL A C   1 
ATOM   1277 O O   . VAL A 1 164 ? 4.549   7.481   4.679   1.00 26.65  ? 164 VAL A O   1 
ATOM   1278 C CB  . VAL A 1 164 ? 2.859   8.646   7.295   1.00 28.83  ? 164 VAL A CB  1 
ATOM   1279 C CG1 . VAL A 1 164 ? 1.906   8.426   8.457   1.00 29.79  ? 164 VAL A CG1 1 
ATOM   1280 C CG2 . VAL A 1 164 ? 4.300   8.382   7.768   1.00 28.77  ? 164 VAL A CG2 1 
ATOM   1281 N N   . VAL A 1 165 ? 3.420   9.400   4.358   1.00 26.29  ? 165 VAL A N   1 
ATOM   1282 C CA  . VAL A 1 165 ? 4.415   9.863   3.396   1.00 31.86  ? 165 VAL A CA  1 
ATOM   1283 C C   . VAL A 1 165 ? 5.700   10.141  4.184   1.00 31.62  ? 165 VAL A C   1 
ATOM   1284 O O   . VAL A 1 165 ? 5.597   10.662  5.301   1.00 32.32  ? 165 VAL A O   1 
ATOM   1285 C CB  . VAL A 1 165 ? 3.996   11.117  2.625   1.00 35.25  ? 165 VAL A CB  1 
ATOM   1286 C CG1 . VAL A 1 165 ? 5.171   11.919  2.083   1.00 39.08  ? 165 VAL A CG1 1 
ATOM   1287 C CG2 . VAL A 1 165 ? 3.112   10.664  1.470   1.00 33.67  ? 165 VAL A CG2 1 
ATOM   1288 N N   . THR A 1 166 ? 6.807   9.658   3.679   1.00 34.85  ? 166 THR A N   1 
ATOM   1289 C CA  . THR A 1 166 ? 8.061   9.720   4.428   1.00 40.19  ? 166 THR A CA  1 
ATOM   1290 C C   . THR A 1 166 ? 9.097   10.476  3.607   1.00 44.03  ? 166 THR A C   1 
ATOM   1291 O O   . THR A 1 166 ? 9.020   10.595  2.385   1.00 46.46  ? 166 THR A O   1 
ATOM   1292 C CB  . THR A 1 166 ? 8.591   8.296   4.718   1.00 39.99  ? 166 THR A CB  1 
ATOM   1293 O OG1 . THR A 1 166 ? 9.696   8.355   5.616   1.00 40.15  ? 166 THR A OG1 1 
ATOM   1294 C CG2 . THR A 1 166 ? 9.058   7.623   3.435   1.00 40.06  ? 166 THR A CG2 1 
ATOM   1295 N N   . GLU A 1 167 ? 10.090  10.981  4.323   1.00 46.78  ? 167 GLU A N   1 
ATOM   1296 C CA  . GLU A 1 167 ? 11.162  11.724  3.657   1.00 51.07  ? 167 GLU A CA  1 
ATOM   1297 C C   . GLU A 1 167 ? 12.362  10.796  3.547   1.00 53.89  ? 167 GLU A C   1 
ATOM   1298 O O   . GLU A 1 167 ? 13.060  10.768  2.546   1.00 57.02  ? 167 GLU A O   1 
ATOM   1299 C CB  . GLU A 1 167 ? 11.473  12.977  4.472   1.00 51.61  ? 167 GLU A CB  1 
ATOM   1300 C CG  . GLU A 1 167 ? 11.728  14.192  3.601   1.00 51.05  ? 167 GLU A CG  1 
ATOM   1301 C CD  . GLU A 1 167 ? 12.152  15.409  4.396   1.00 47.65  ? 167 GLU A CD  1 
ATOM   1302 O OE1 . GLU A 1 167 ? 12.645  16.345  3.730   1.00 52.13  ? 167 GLU A OE1 1 
ATOM   1303 O OE2 . GLU A 1 167 ? 12.027  15.417  5.637   1.00 44.29  ? 167 GLU A OE2 1 
ATOM   1304 N N   . GLU A 1 168 ? 12.576  10.024  4.612   1.00 55.42  ? 168 GLU A N   1 
ATOM   1305 C CA  . GLU A 1 168 ? 13.668  9.072   4.682   1.00 58.70  ? 168 GLU A CA  1 
ATOM   1306 C C   . GLU A 1 168 ? 13.125  7.688   5.041   1.00 56.35  ? 168 GLU A C   1 
ATOM   1307 O O   . GLU A 1 168 ? 12.088  7.543   5.686   1.00 53.97  ? 168 GLU A O   1 
ATOM   1308 C CB  . GLU A 1 168 ? 14.733  9.484   5.701   1.00 64.10  ? 168 GLU A CB  1 
ATOM   1309 C CG  . GLU A 1 168 ? 15.489  10.762  5.435   1.00 69.68  ? 168 GLU A CG  1 
ATOM   1310 C CD  . GLU A 1 168 ? 16.116  10.872  4.061   1.00 73.22  ? 168 GLU A CD  1 
ATOM   1311 O OE1 . GLU A 1 168 ? 16.474  9.843   3.453   1.00 73.85  ? 168 GLU A OE1 1 
ATOM   1312 O OE2 . GLU A 1 168 ? 16.261  12.010  3.555   1.00 75.40  ? 168 GLU A OE2 1 
ATOM   1313 N N   . ASN A 1 169 ? 13.905  6.650   4.729   1.00 53.88  ? 169 ASN A N   1 
ATOM   1314 C CA  . ASN A 1 169 ? 13.529  5.293   5.114   1.00 52.81  ? 169 ASN A CA  1 
ATOM   1315 C C   . ASN A 1 169 ? 12.176  4.870   4.549   1.00 48.41  ? 169 ASN A C   1 
ATOM   1316 O O   . ASN A 1 169 ? 11.223  4.537   5.268   1.00 45.38  ? 169 ASN A O   1 
ATOM   1317 C CB  . ASN A 1 169 ? 13.484  5.192   6.646   1.00 58.12  ? 169 ASN A CB  1 
ATOM   1318 C CG  . ASN A 1 169 ? 14.722  5.666   7.378   1.00 60.71  ? 169 ASN A CG  1 
ATOM   1319 O OD1 . ASN A 1 169 ? 15.811  5.125   7.183   1.00 64.25  ? 169 ASN A OD1 1 
ATOM   1320 N ND2 . ASN A 1 169 ? 14.550  6.697   8.197   1.00 61.08  ? 169 ASN A ND2 1 
ATOM   1321 N N   . PRO A 1 170 ? 12.029  4.906   3.231   1.00 44.07  ? 170 PRO A N   1 
ATOM   1322 C CA  . PRO A 1 170 ? 10.802  4.400   2.616   1.00 38.02  ? 170 PRO A CA  1 
ATOM   1323 C C   . PRO A 1 170 ? 10.659  2.937   2.996   1.00 34.57  ? 170 PRO A C   1 
ATOM   1324 O O   . PRO A 1 170 ? 11.672  2.233   3.156   1.00 36.98  ? 170 PRO A O   1 
ATOM   1325 C CB  . PRO A 1 170 ? 11.025  4.562   1.129   1.00 39.78  ? 170 PRO A CB  1 
ATOM   1326 C CG  . PRO A 1 170 ? 12.483  4.721   0.934   1.00 43.63  ? 170 PRO A CG  1 
ATOM   1327 C CD  . PRO A 1 170 ? 13.087  5.185   2.234   1.00 43.77  ? 170 PRO A CD  1 
ATOM   1328 N N   . LEU A 1 171 ? 9.437   2.425   3.109   1.00 25.95  ? 171 LEU A N   1 
ATOM   1329 C CA  . LEU A 1 171 ? 9.321   0.987   3.367   1.00 27.74  ? 171 LEU A CA  1 
ATOM   1330 C C   . LEU A 1 171 ? 9.578   0.196   2.069   1.00 25.76  ? 171 LEU A C   1 
ATOM   1331 O O   . LEU A 1 171 ? 9.517   0.726   0.958   1.00 24.87  ? 171 LEU A O   1 
ATOM   1332 C CB  . LEU A 1 171 ? 8.015   0.588   3.987   1.00 31.38  ? 171 LEU A CB  1 
ATOM   1333 C CG  . LEU A 1 171 ? 6.765   0.894   3.164   1.00 25.71  ? 171 LEU A CG  1 
ATOM   1334 C CD1 . LEU A 1 171 ? 6.546   -0.205  2.147   1.00 23.79  ? 171 LEU A CD1 1 
ATOM   1335 C CD2 . LEU A 1 171 ? 5.565   0.989   4.111   1.00 26.90  ? 171 LEU A CD2 1 
ATOM   1336 N N   . GLU A 1 172 ? 9.853   -1.085  2.252   1.00 22.23  ? 172 GLU A N   1 
ATOM   1337 C CA  . GLU A 1 172 ? 10.171  -2.007  1.166   1.00 27.65  ? 172 GLU A CA  1 
ATOM   1338 C C   . GLU A 1 172 ? 9.385   -3.286  1.328   1.00 32.45  ? 172 GLU A C   1 
ATOM   1339 O O   . GLU A 1 172 ? 9.244   -3.840  2.432   1.00 40.68  ? 172 GLU A O   1 
ATOM   1340 C CB  . GLU A 1 172 ? 11.689  -2.266  1.117   1.00 29.86  ? 172 GLU A CB  1 
ATOM   1341 C CG  . GLU A 1 172 ? 12.523  -1.066  0.743   1.00 31.17  ? 172 GLU A CG  1 
ATOM   1342 C CD  . GLU A 1 172 ? 14.020  -1.359  0.633   1.00 41.02  ? 172 GLU A CD  1 
ATOM   1343 O OE1 . GLU A 1 172 ? 14.866  -0.505  0.951   1.00 40.97  ? 172 GLU A OE1 1 
ATOM   1344 O OE2 . GLU A 1 172 ? 14.349  -2.464  0.193   1.00 41.36  ? 172 GLU A OE2 1 
ATOM   1345 N N   . LEU A 1 173 ? 8.670   -3.675  0.278   1.00 23.88  ? 173 LEU A N   1 
ATOM   1346 C CA  . LEU A 1 173 ? 7.746   -4.787  0.375   1.00 19.85  ? 173 LEU A CA  1 
ATOM   1347 C C   . LEU A 1 173 ? 8.043   -5.900  -0.628  1.00 19.93  ? 173 LEU A C   1 
ATOM   1348 O O   . LEU A 1 173 ? 8.577   -5.671  -1.706  1.00 20.89  ? 173 LEU A O   1 
ATOM   1349 C CB  . LEU A 1 173 ? 6.313   -4.264  0.077   1.00 19.26  ? 173 LEU A CB  1 
ATOM   1350 C CG  . LEU A 1 173 ? 5.827   -3.143  1.010   1.00 24.45  ? 173 LEU A CG  1 
ATOM   1351 C CD1 . LEU A 1 173 ? 4.570   -2.488  0.427   1.00 21.40  ? 173 LEU A CD1 1 
ATOM   1352 C CD2 . LEU A 1 173 ? 5.536   -3.687  2.407   1.00 24.43  ? 173 LEU A CD2 1 
ATOM   1353 N N   . VAL A 1 174 ? 7.556   -7.072  -0.267  1.00 17.04  ? 174 VAL A N   1 
ATOM   1354 C CA  . VAL A 1 174 ? 7.527   -8.232  -1.144  1.00 19.85  ? 174 VAL A CA  1 
ATOM   1355 C C   . VAL A 1 174 ? 6.044   -8.607  -1.193  1.00 21.52  ? 174 VAL A C   1 
ATOM   1356 O O   . VAL A 1 174 ? 5.393   -8.293  -0.177  1.00 19.54  ? 174 VAL A O   1 
ATOM   1357 C CB  . VAL A 1 174 ? 8.367   -9.419  -0.689  1.00 20.86  ? 174 VAL A CB  1 
ATOM   1358 C CG1 . VAL A 1 174 ? 9.852   -8.992  -0.529  1.00 22.50  ? 174 VAL A CG1 1 
ATOM   1359 C CG2 . VAL A 1 174 ? 7.932   -10.073 0.606   1.00 23.48  ? 174 VAL A CG2 1 
ATOM   1360 N N   . LEU A 1 175 ? 5.528   -9.020  -2.335  1.00 17.15  ? 175 LEU A N   1 
ATOM   1361 C CA  . LEU A 1 175 ? 4.077   -9.246  -2.452  1.00 18.07  ? 175 LEU A CA  1 
ATOM   1362 C C   . LEU A 1 175 ? 3.771   -10.724 -2.516  1.00 23.02  ? 175 LEU A C   1 
ATOM   1363 O O   . LEU A 1 175 ? 4.223   -11.382 -3.463  1.00 22.09  ? 175 LEU A O   1 
ATOM   1364 C CB  . LEU A 1 175 ? 3.575   -8.556  -3.736  1.00 15.20  ? 175 LEU A CB  1 
ATOM   1365 C CG  . LEU A 1 175 ? 4.143   -7.130  -3.858  1.00 16.01  ? 175 LEU A CG  1 
ATOM   1366 C CD1 . LEU A 1 175 ? 3.797   -6.538  -5.217  1.00 20.73  ? 175 LEU A CD1 1 
ATOM   1367 C CD2 . LEU A 1 175 ? 3.576   -6.224  -2.749  1.00 23.00  ? 175 LEU A CD2 1 
ATOM   1368 N N   . LEU A 1 176 ? 3.186   -11.257 -1.460  1.00 19.83  ? 176 LEU A N   1 
ATOM   1369 C CA  . LEU A 1 176 ? 2.939   -12.694 -1.371  1.00 20.95  ? 176 LEU A CA  1 
ATOM   1370 C C   . LEU A 1 176 ? 1.493   -13.025 -1.668  1.00 24.56  ? 176 LEU A C   1 
ATOM   1371 O O   . LEU A 1 176 ? 0.592   -12.502 -1.018  1.00 20.38  ? 176 LEU A O   1 
ATOM   1372 C CB  . LEU A 1 176 ? 3.284   -13.189 0.046   1.00 20.33  ? 176 LEU A CB  1 
ATOM   1373 C CG  . LEU A 1 176 ? 3.075   -14.707 0.234   1.00 22.85  ? 176 LEU A CG  1 
ATOM   1374 C CD1 . LEU A 1 176 ? 4.106   -15.473 -0.594  1.00 23.06  ? 176 LEU A CD1 1 
ATOM   1375 C CD2 . LEU A 1 176 ? 3.206   -15.081 1.707   1.00 23.30  ? 176 LEU A CD2 1 
ATOM   1376 N N   . LYS A 1 177 ? 1.271   -13.812 -2.721  1.00 17.72  ? 177 LYS A N   1 
ATOM   1377 C CA  . LYS A 1 177 ? -0.065  -14.179 -3.119  1.00 23.03  ? 177 LYS A CA  1 
ATOM   1378 C C   . LYS A 1 177 ? -0.817  -14.820 -1.957  1.00 28.80  ? 177 LYS A C   1 
ATOM   1379 O O   . LYS A 1 177 ? -0.296  -15.670 -1.234  1.00 26.36  ? 177 LYS A O   1 
ATOM   1380 C CB  . LYS A 1 177 ? -0.046  -15.107 -4.343  1.00 27.33  ? 177 LYS A CB  1 
ATOM   1381 C CG  . LYS A 1 177 ? -1.435  -15.446 -4.858  1.00 32.16  ? 177 LYS A CG  1 
ATOM   1382 C CD  . LYS A 1 177 ? -2.111  -14.225 -5.467  1.00 35.20  ? 177 LYS A CD  1 
ATOM   1383 C CE  . LYS A 1 177 ? -3.540  -14.542 -5.891  1.00 38.69  ? 177 LYS A CE  1 
ATOM   1384 N NZ  . LYS A 1 177 ? -4.506  -14.305 -4.785  1.00 36.53  ? 177 LYS A NZ  1 
ATOM   1385 N N   . ALA A 1 178 ? -2.067  -14.393 -1.776  1.00 25.90  ? 178 ALA A N   1 
ATOM   1386 C CA  . ALA A 1 178 ? -2.908  -14.941 -0.712  1.00 34.97  ? 178 ALA A CA  1 
ATOM   1387 C C   . ALA A 1 178 ? -3.832  -16.021 -1.274  1.00 40.31  ? 178 ALA A C   1 
ATOM   1388 O O   . ALA A 1 178 ? -4.238  -15.943 -2.426  1.00 40.92  ? 178 ALA A O   1 
ATOM   1389 C CB  . ALA A 1 178 ? -3.752  -13.816 -0.124  1.00 32.61  ? 178 ALA A CB  1 
ATOM   1390 N N   . LYS A 1 179 ? -4.193  -16.980 -0.452  1.00 53.21  ? 179 LYS A N   1 
ATOM   1391 C CA  . LYS A 1 179 ? -5.151  -18.034 -0.801  1.00 65.83  ? 179 LYS A CA  1 
ATOM   1392 C C   . LYS A 1 179 ? -6.526  -17.390 -0.984  1.00 73.25  ? 179 LYS A C   1 
ATOM   1393 O O   . LYS A 1 179 ? -6.949  -16.580 -0.155  1.00 76.30  ? 179 LYS A O   1 
ATOM   1394 C CB  . LYS A 1 179 ? -5.177  -19.080 0.310   1.00 66.02  ? 179 LYS A CB  1 
ATOM   1395 C CG  . LYS A 1 179 ? -5.364  -18.526 1.708   1.00 68.09  ? 179 LYS A CG  1 
ATOM   1396 C CD  . LYS A 1 179 ? -4.203  -17.727 2.284   1.00 67.22  ? 179 LYS A CD  1 
ATOM   1397 C CE  . LYS A 1 179 ? -3.248  -18.588 3.096   1.00 67.72  ? 179 LYS A CE  1 
ATOM   1398 N NZ  . LYS A 1 179 ? -1.933  -17.935 3.282   1.00 65.60  ? 179 LYS A NZ  1 
ATOM   1399 N N   . SER A 1 180 ? -7.172  -17.674 -2.109  1.00 79.49  ? 180 SER A N   1 
ATOM   1400 C CA  . SER A 1 180 ? -8.453  -17.055 -2.440  1.00 84.69  ? 180 SER A CA  1 
ATOM   1401 C C   . SER A 1 180 ? -9.653  -17.939 -2.110  1.00 85.91  ? 180 SER A C   1 
ATOM   1402 O O   . SER A 1 180 ? -10.786 -17.530 -2.459  1.00 86.44  ? 180 SER A O   1 
ATOM   1403 C CB  . SER A 1 180 ? -8.484  -16.716 -3.940  1.00 86.13  ? 180 SER A CB  1 
ATOM   1404 O OG  . SER A 1 180 ? -7.386  -15.879 -4.291  1.00 87.01  ? 180 SER A OG  1 
HETATM 1405 S S   . SO4 B 2 .   ? 17.764  -10.989 0.164   0.50 74.16  ? 900 SO4 A S   1 
HETATM 1406 O O1  . SO4 B 2 .   ? 16.461  -11.465 0.729   0.50 73.31  ? 900 SO4 A O1  1 
HETATM 1407 O O2  . SO4 B 2 .   ? 18.499  -12.127 -0.461  0.50 73.32  ? 900 SO4 A O2  1 
HETATM 1408 O O3  . SO4 B 2 .   ? 17.507  -9.972  -0.915  0.50 72.16  ? 900 SO4 A O3  1 
HETATM 1409 O O4  . SO4 B 2 .   ? 18.571  -10.411 1.297   0.50 71.46  ? 900 SO4 A O4  1 
HETATM 1410 S S   . SO4 C 2 .   ? -3.401  -8.502  -21.115 1.00 49.93  ? 901 SO4 A S   1 
HETATM 1411 O O1  . SO4 C 2 .   ? -2.859  -7.411  -21.999 1.00 53.30  ? 901 SO4 A O1  1 
HETATM 1412 O O2  . SO4 C 2 .   ? -2.617  -8.590  -19.848 1.00 53.07  ? 901 SO4 A O2  1 
HETATM 1413 O O3  . SO4 C 2 .   ? -3.293  -9.802  -21.857 1.00 53.85  ? 901 SO4 A O3  1 
HETATM 1414 O O4  . SO4 C 2 .   ? -4.838  -8.217  -20.824 1.00 51.26  ? 901 SO4 A O4  1 
HETATM 1415 S S   A SO4 D 2 .   ? 11.645  -3.062  5.094   0.50 32.78  ? 902 SO4 A S   1 
HETATM 1416 S S   B SO4 D 2 .   ? 10.803  -2.038  5.760   0.50 35.19  ? 902 SO4 A S   1 
HETATM 1417 O O1  A SO4 D 2 .   ? 10.265  -2.530  4.727   0.50 27.36  ? 902 SO4 A O1  1 
HETATM 1418 O O1  B SO4 D 2 .   ? 9.557   -2.037  4.951   0.50 29.96  ? 902 SO4 A O1  1 
HETATM 1419 O O2  A SO4 D 2 .   ? 11.851  -2.810  6.555   0.50 33.27  ? 902 SO4 A O2  1 
HETATM 1420 O O2  B SO4 D 2 .   ? 10.562  -1.614  7.174   0.50 33.74  ? 902 SO4 A O2  1 
HETATM 1421 O O3  A SO4 D 2 .   ? 11.789  -4.480  4.720   0.50 22.92  ? 902 SO4 A O3  1 
HETATM 1422 O O3  B SO4 D 2 .   ? 11.377  -3.442  5.722   0.50 35.41  ? 902 SO4 A O3  1 
HETATM 1423 O O4  A SO4 D 2 .   ? 12.714  -2.280  4.364   0.50 27.72  ? 902 SO4 A O4  1 
HETATM 1424 O O4  B SO4 D 2 .   ? 11.793  -1.077  5.168   0.50 38.22  ? 902 SO4 A O4  1 
HETATM 1425 S S   . SO4 E 2 .   ? 2.125   10.482  18.156  1.00 72.32  ? 903 SO4 A S   1 
HETATM 1426 O O1  . SO4 E 2 .   ? 2.606   11.755  18.818  1.00 73.23  ? 903 SO4 A O1  1 
HETATM 1427 O O2  . SO4 E 2 .   ? 3.238   9.503   18.355  1.00 72.01  ? 903 SO4 A O2  1 
HETATM 1428 O O3  . SO4 E 2 .   ? 0.823   10.086  18.736  1.00 70.58  ? 903 SO4 A O3  1 
HETATM 1429 O O4  . SO4 E 2 .   ? 2.018   10.752  16.686  1.00 72.20  ? 903 SO4 A O4  1 
HETATM 1430 S S   A SO4 F 2 .   ? 18.880  -1.784  8.934   0.50 71.33  ? 904 SO4 A S   1 
HETATM 1431 S S   B SO4 F 2 .   ? 18.209  -3.212  9.265   0.50 68.34  ? 904 SO4 A S   1 
HETATM 1432 O O1  A SO4 F 2 .   ? 19.528  -2.826  9.799   0.50 71.00  ? 904 SO4 A O1  1 
HETATM 1433 O O1  B SO4 F 2 .   ? 18.037  -4.694  9.366   0.50 67.94  ? 904 SO4 A O1  1 
HETATM 1434 O O2  A SO4 F 2 .   ? 17.432  -1.647  9.302   0.50 71.85  ? 904 SO4 A O2  1 
HETATM 1435 O O2  B SO4 F 2 .   ? 17.495  -2.697  8.047   0.50 67.87  ? 904 SO4 A O2  1 
HETATM 1436 O O3  A SO4 F 2 .   ? 19.567  -0.468  9.146   0.50 71.59  ? 904 SO4 A O3  1 
HETATM 1437 O O3  B SO4 F 2 .   ? 17.642  -2.592  10.508  0.50 68.70  ? 904 SO4 A O3  1 
HETATM 1438 O O4  A SO4 F 2 .   ? 18.992  -2.177  7.492   0.50 71.10  ? 904 SO4 A O4  1 
HETATM 1439 O O4  B SO4 F 2 .   ? 19.676  -2.890  9.164   0.50 68.77  ? 904 SO4 A O4  1 
HETATM 1440 O O   . HOH G 3 .   ? -0.604  -7.771  4.320   1.00 15.71  ? 201 HOH A O   1 
HETATM 1441 O O   . HOH G 3 .   ? -5.913  2.919   -3.113  1.00 18.58  ? 202 HOH A O   1 
HETATM 1442 O O   . HOH G 3 .   ? 2.198   -8.097  -12.840 1.00 19.32  ? 203 HOH A O   1 
HETATM 1443 O O   . HOH G 3 .   ? -11.701 3.181   2.195   1.00 21.42  ? 204 HOH A O   1 
HETATM 1444 O O   . HOH G 3 .   ? 1.051   -13.622 -8.459  1.00 20.76  ? 205 HOH A O   1 
HETATM 1445 O O   . HOH G 3 .   ? 7.376   -9.164  -4.560  1.00 21.13  ? 206 HOH A O   1 
HETATM 1446 O O   . HOH G 3 .   ? 1.329   -15.179 -12.377 1.00 21.35  ? 207 HOH A O   1 
HETATM 1447 O O   . HOH G 3 .   ? 15.598  -4.087  1.249   1.00 21.37  ? 208 HOH A O   1 
HETATM 1448 O O   . HOH G 3 .   ? 3.422   -15.132 -4.090  1.00 21.92  ? 209 HOH A O   1 
HETATM 1449 O O   . HOH G 3 .   ? 3.286   0.115   -9.907  1.00 23.78  ? 210 HOH A O   1 
HETATM 1450 O O   . HOH G 3 .   ? -15.044 9.736   8.993   1.00 23.95  ? 211 HOH A O   1 
HETATM 1451 O O   . HOH G 3 .   ? 8.888   -5.704  -11.445 1.00 24.29  ? 212 HOH A O   1 
HETATM 1452 O O   . HOH G 3 .   ? -8.355  -7.737  4.059   1.00 24.74  ? 213 HOH A O   1 
HETATM 1453 O O   . HOH G 3 .   ? 8.384   2.926   0.005   1.00 25.09  ? 214 HOH A O   1 
HETATM 1454 O O   . HOH G 3 .   ? 4.362   -4.929  5.780   1.00 24.67  ? 215 HOH A O   1 
HETATM 1455 O O   . HOH G 3 .   ? 9.133   -7.591  -14.713 1.00 24.61  ? 216 HOH A O   1 
HETATM 1456 O O   . HOH G 3 .   ? 20.123  -11.583 -8.667  1.00 24.98  ? 217 HOH A O   1 
HETATM 1457 O O   . HOH G 3 .   ? -1.620  6.347   8.467   1.00 25.55  ? 218 HOH A O   1 
HETATM 1458 O O   . HOH G 3 .   ? -13.785 9.016   6.392   1.00 26.16  ? 219 HOH A O   1 
HETATM 1459 O O   . HOH G 3 .   ? 1.108   -1.225  14.198  1.00 26.54  ? 220 HOH A O   1 
HETATM 1460 O O   . HOH G 3 .   ? 5.214   -11.579 8.013   1.00 26.11  ? 221 HOH A O   1 
HETATM 1461 O O   . HOH G 3 .   ? 3.469   12.633  -4.466  1.00 27.53  ? 222 HOH A O   1 
HETATM 1462 O O   . HOH G 3 .   ? 1.993   -7.930  -19.373 1.00 28.08  ? 223 HOH A O   1 
HETATM 1463 O O   . HOH G 3 .   ? -11.774 10.442  -10.341 1.00 29.52  ? 224 HOH A O   1 
HETATM 1464 O O   . HOH G 3 .   ? 6.259   -17.677 -13.255 1.00 29.64  ? 225 HOH A O   1 
HETATM 1465 O O   . HOH G 3 .   ? 2.223   -17.013 -7.124  1.00 30.04  ? 226 HOH A O   1 
HETATM 1466 O O   . HOH G 3 .   ? 10.481  -12.358 -6.360  1.00 30.55  ? 227 HOH A O   1 
HETATM 1467 O O   . HOH G 3 .   ? 8.672   -10.599 5.838   1.00 30.82  ? 228 HOH A O   1 
HETATM 1468 O O   . HOH G 3 .   ? -13.965 4.187   0.942   1.00 31.36  ? 229 HOH A O   1 
HETATM 1469 O O   . HOH G 3 .   ? -2.485  8.159   10.326  1.00 32.04  ? 230 HOH A O   1 
HETATM 1470 O O   . HOH G 3 .   ? -0.704  -7.738  -18.423 1.00 33.74  ? 231 HOH A O   1 
HETATM 1471 O O   . HOH G 3 .   ? 11.819  -11.215 1.943   1.00 32.89  ? 232 HOH A O   1 
HETATM 1472 O O   . HOH G 3 .   ? -0.103  16.784  4.364   1.00 34.93  ? 233 HOH A O   1 
HETATM 1473 O O   . HOH G 3 .   ? 13.695  -5.913  -6.624  1.00 34.30  ? 234 HOH A O   1 
HETATM 1474 O O   . HOH G 3 .   ? -9.562  9.266   9.538   1.00 34.29  ? 235 HOH A O   1 
HETATM 1475 O O   . HOH G 3 .   ? 9.660   11.954  6.913   1.00 34.22  ? 236 HOH A O   1 
HETATM 1476 O O   . HOH G 3 .   ? -5.806  9.888   13.245  1.00 34.72  ? 237 HOH A O   1 
HETATM 1477 O O   . HOH G 3 .   ? 7.552   -19.155 -9.742  1.00 35.04  ? 238 HOH A O   1 
HETATM 1478 O O   . HOH G 3 .   ? 8.120   -10.634 8.546   1.00 35.83  ? 239 HOH A O   1 
HETATM 1479 O O   . HOH G 3 .   ? 11.947  17.890  6.730   1.00 35.63  ? 240 HOH A O   1 
HETATM 1480 O O   . HOH G 3 .   ? -2.372  -3.239  -15.510 1.00 36.52  ? 241 HOH A O   1 
HETATM 1481 O O   . HOH G 3 .   ? -20.616 5.981   3.275   1.00 35.19  ? 242 HOH A O   1 
HETATM 1482 O O   . HOH G 3 .   ? 19.020  -7.161  -1.222  1.00 36.75  ? 243 HOH A O   1 
HETATM 1483 O O   . HOH G 3 .   ? 10.261  0.362   -10.918 1.00 36.17  ? 244 HOH A O   1 
HETATM 1484 O O   . HOH G 3 .   ? -11.003 8.627   7.071   1.00 37.14  ? 245 HOH A O   1 
HETATM 1485 O O   . HOH G 3 .   ? 1.636   -17.718 -1.781  1.00 36.90  ? 246 HOH A O   1 
HETATM 1486 O O   . HOH G 3 .   ? 7.812   2.116   -10.976 1.00 37.70  ? 247 HOH A O   1 
HETATM 1487 O O   . HOH G 3 .   ? -8.954  15.111  14.910  1.00 36.59  ? 248 HOH A O   1 
HETATM 1488 O O   . HOH G 3 .   ? -6.002  -10.377 -13.321 1.00 38.05  ? 249 HOH A O   1 
HETATM 1489 O O   . HOH G 3 .   ? -1.460  -1.198  15.295  1.00 37.08  ? 250 HOH A O   1 
HETATM 1490 O O   . HOH G 3 .   ? -4.944  9.255   -10.123 1.00 38.36  ? 251 HOH A O   1 
HETATM 1491 O O   . HOH G 3 .   ? 19.643  -8.979  -9.613  1.00 37.68  ? 252 HOH A O   1 
HETATM 1492 O O   . HOH G 3 .   ? -3.197  -13.364 7.911   1.00 38.10  ? 253 HOH A O   1 
HETATM 1493 O O   . HOH G 3 .   ? 3.652   12.238  6.285   1.00 37.83  ? 254 HOH A O   1 
HETATM 1494 O O   . HOH G 3 .   ? -1.446  -2.829  -18.291 1.00 38.52  ? 255 HOH A O   1 
HETATM 1495 O O   . HOH G 3 .   ? -8.111  11.331  13.914  1.00 38.30  ? 256 HOH A O   1 
HETATM 1496 O O   . HOH G 3 .   ? -3.823  -8.731  10.359  1.00 39.54  ? 257 HOH A O   1 
HETATM 1497 O O   . HOH G 3 .   ? 3.807   12.319  8.905   1.00 38.86  ? 258 HOH A O   1 
HETATM 1498 O O   . HOH G 3 .   ? -6.657  15.346  2.790   1.00 39.80  ? 259 HOH A O   1 
HETATM 1499 O O   . HOH G 3 .   ? -7.872  -2.929  -12.788 1.00 40.96  ? 260 HOH A O   1 
HETATM 1500 O O   . HOH G 3 .   ? 6.222   -0.262  -16.604 1.00 41.33  ? 261 HOH A O   1 
HETATM 1501 O O   . HOH G 3 .   ? 9.563   -5.398  13.991  1.00 40.30  ? 262 HOH A O   1 
HETATM 1502 O O   . HOH G 3 .   ? -9.623  -4.793  8.179   1.00 41.06  ? 263 HOH A O   1 
HETATM 1503 O O   . HOH G 3 .   ? 5.201   -1.285  17.337  1.00 41.01  ? 264 HOH A O   1 
HETATM 1504 O O   . HOH G 3 .   ? 1.867   19.064  6.105   1.00 42.58  ? 265 HOH A O   1 
HETATM 1505 O O   . HOH G 3 .   ? -9.333  -0.520  -13.317 1.00 43.07  ? 266 HOH A O   1 
HETATM 1506 O O   . HOH G 3 .   ? -4.729  -6.775  -24.468 1.00 40.38  ? 267 HOH A O   1 
HETATM 1507 O O   . HOH G 3 .   ? -4.258  7.552   18.496  1.00 42.05  ? 268 HOH A O   1 
HETATM 1508 O O   . HOH G 3 .   ? -7.335  -4.679  9.433   1.00 42.12  ? 269 HOH A O   1 
HETATM 1509 O O   . HOH G 3 .   ? -7.262  -0.276  16.802  1.00 42.08  ? 270 HOH A O   1 
HETATM 1510 O O   . HOH G 3 .   ? 11.875  -14.459 -6.931  1.00 41.84  ? 271 HOH A O   1 
HETATM 1511 O O   . HOH G 3 .   ? -20.114 6.843   0.118   1.00 42.76  ? 272 HOH A O   1 
HETATM 1512 O O   . HOH G 3 .   ? -14.212 8.658   -10.105 1.00 43.51  ? 273 HOH A O   1 
HETATM 1513 O O   . HOH G 3 .   ? 0.133   -17.325 1.343   1.00 42.19  ? 274 HOH A O   1 
HETATM 1514 O O   . HOH G 3 .   ? -7.059  -13.109 -5.793  1.00 43.42  ? 275 HOH A O   1 
HETATM 1515 O O   . HOH G 3 .   ? 11.070  -9.651  -14.264 1.00 43.60  ? 276 HOH A O   1 
HETATM 1516 O O   . HOH G 3 .   ? -20.671 -0.323  9.935   1.00 43.21  ? 277 HOH A O   1 
HETATM 1517 O O   . HOH G 3 .   ? 12.565  -7.084  15.083  1.00 43.76  ? 278 HOH A O   1 
HETATM 1518 O O   . HOH G 3 .   ? 8.286   -1.539  10.701  1.00 45.48  ? 279 HOH A O   1 
HETATM 1519 O O   . HOH G 3 .   ? 15.033  -8.214  -8.065  1.00 43.98  ? 280 HOH A O   1 
HETATM 1520 O O   . HOH G 3 .   ? -7.048  16.667  5.623   1.00 44.39  ? 281 HOH A O   1 
HETATM 1521 O O   . HOH G 3 .   ? -18.810 9.624   -1.376  1.00 43.56  ? 282 HOH A O   1 
HETATM 1522 O O   . HOH G 3 .   ? 8.792   -13.189 4.823   1.00 44.31  ? 283 HOH A O   1 
HETATM 1523 O O   . HOH G 3 .   ? -8.580  -3.369  12.993  1.00 43.77  ? 284 HOH A O   1 
HETATM 1524 O O   . HOH G 3 .   ? -10.812 7.536   18.305  1.00 44.71  ? 285 HOH A O   1 
HETATM 1525 O O   . HOH G 3 .   ? 4.894   -14.901 6.477   1.00 44.41  ? 286 HOH A O   1 
HETATM 1526 O O   . HOH G 3 .   ? -2.925  15.122  -4.349  1.00 46.22  ? 287 HOH A O   1 
HETATM 1527 O O   . HOH G 3 .   ? 8.866   16.485  -8.104  1.00 45.66  ? 288 HOH A O   1 
HETATM 1528 O O   . HOH G 3 .   ? -13.421 -6.533  -0.504  1.00 45.17  ? 289 HOH A O   1 
HETATM 1529 O O   . HOH G 3 .   ? -15.377 -4.588  11.238  1.00 46.08  ? 290 HOH A O   1 
HETATM 1530 O O   . HOH G 3 .   ? -8.133  11.496  -0.172  1.00 45.10  ? 291 HOH A O   1 
HETATM 1531 O O   . HOH G 3 .   ? -10.166 12.022  1.401   1.00 45.80  ? 292 HOH A O   1 
HETATM 1532 O O   . HOH G 3 .   ? -6.290  -5.418  11.662  1.00 46.75  ? 293 HOH A O   1 
HETATM 1533 O O   . HOH G 3 .   ? -8.160  -4.739  -11.153 1.00 46.82  ? 294 HOH A O   1 
HETATM 1534 O O   . HOH G 3 .   ? 10.401  -14.840 -12.137 1.00 47.31  ? 295 HOH A O   1 
HETATM 1535 O O   . HOH G 3 .   ? -6.092  18.986  3.497   1.00 46.49  ? 296 HOH A O   1 
HETATM 1536 O O   . HOH G 3 .   ? -3.087  12.350  -5.925  1.00 46.53  ? 297 HOH A O   1 
HETATM 1537 O O   . HOH G 3 .   ? -11.123 10.351  3.276   1.00 48.70  ? 298 HOH A O   1 
HETATM 1538 O O   . HOH G 3 .   ? -22.678 1.451   8.925   1.00 48.29  ? 299 HOH A O   1 
HETATM 1539 O O   . HOH G 3 .   ? 8.844   0.798   12.799  1.00 47.69  ? 300 HOH A O   1 
HETATM 1540 O O   . HOH G 3 .   ? 5.669   9.953   -12.214 1.00 48.34  ? 301 HOH A O   1 
HETATM 1541 O O   . HOH G 3 .   ? -0.493  -16.765 -11.363 1.00 47.96  ? 302 HOH A O   1 
HETATM 1542 O O   . HOH G 3 .   ? -9.116  -4.655  -14.534 1.00 49.52  ? 303 HOH A O   1 
HETATM 1543 O O   . HOH G 3 .   ? 9.878   -12.671 -13.747 1.00 47.95  ? 304 HOH A O   1 
HETATM 1544 O O   . HOH G 3 .   ? -3.587  -2.608  14.380  1.00 49.30  ? 305 HOH A O   1 
HETATM 1545 O O   . HOH G 3 .   ? -13.595 10.673  3.862   1.00 48.30  ? 306 HOH A O   1 
HETATM 1546 O O   . HOH G 3 .   ? -16.598 -2.191  4.733   1.00 48.95  ? 307 HOH A O   1 
HETATM 1547 O O   . HOH G 3 .   ? -4.895  8.993   20.673  1.00 49.47  ? 308 HOH A O   1 
HETATM 1548 O O   . HOH G 3 .   ? 0.331   -17.415 -9.041  1.00 51.25  ? 309 HOH A O   1 
HETATM 1549 O O   . HOH G 3 .   ? -16.379 -2.244  2.044   1.00 49.03  ? 310 HOH A O   1 
HETATM 1550 O O   . HOH G 3 .   ? -0.124  -0.026  -19.562 1.00 51.16  ? 311 HOH A O   1 
HETATM 1551 O O   . HOH G 3 .   ? -3.523  -14.682 -14.813 1.00 47.70  ? 312 HOH A O   1 
HETATM 1552 O O   . HOH G 3 .   ? 1.827   8.061   -13.609 1.00 49.90  ? 313 HOH A O   1 
HETATM 1553 O O   . HOH G 3 .   ? 8.870   6.043   14.037  1.00 52.16  ? 314 HOH A O   1 
HETATM 1554 O O   . HOH G 3 .   ? -5.047  11.518  -8.699  1.00 50.50  ? 315 HOH A O   1 
HETATM 1555 O O   . HOH G 3 .   ? 15.956  -1.256  -13.597 1.00 52.08  ? 316 HOH A O   1 
HETATM 1556 O O   . HOH G 3 .   ? -9.071  -10.684 -6.052  1.00 50.78  ? 317 HOH A O   1 
HETATM 1557 O O   . HOH G 3 .   ? -6.017  17.809  1.115   1.00 50.97  ? 318 HOH A O   1 
HETATM 1558 O O   . HOH G 3 .   ? 11.152  -2.052  11.938  1.00 54.01  ? 319 HOH A O   1 
HETATM 1559 O O   . HOH G 3 .   ? 10.421  14.482  7.451   1.00 53.91  ? 320 HOH A O   1 
HETATM 1560 O O   . HOH G 3 .   ? -1.167  -11.108 -20.592 1.00 51.84  ? 321 HOH A O   1 
HETATM 1561 O O   . HOH G 3 .   ? 0.832   4.121   -16.393 1.00 52.77  ? 322 HOH A O   1 
HETATM 1562 O O   . HOH G 3 .   ? -4.534  -5.540  -21.237 1.00 54.88  ? 323 HOH A O   1 
HETATM 1563 O O   . HOH G 3 .   ? -9.497  6.309   -13.063 1.00 54.98  ? 324 HOH A O   1 
HETATM 1564 O O   . HOH G 3 .   ? 7.313   11.225  7.638   1.00 53.33  ? 325 HOH A O   1 
HETATM 1565 O O   . HOH G 3 .   ? -11.538 -6.254  10.026  1.00 52.63  ? 326 HOH A O   1 
HETATM 1566 O O   . HOH G 3 .   ? -19.390 3.815   8.347   1.00 51.76  ? 327 HOH A O   1 
HETATM 1567 O O   . HOH G 3 .   ? -21.329 0.184   -1.856  1.00 54.59  ? 328 HOH A O   1 
HETATM 1568 O O   . HOH G 3 .   ? -8.764  3.391   -14.849 1.00 53.96  ? 329 HOH A O   1 
HETATM 1569 O O   . HOH G 3 .   ? -5.820  -16.553 -8.743  1.00 55.34  ? 330 HOH A O   1 
HETATM 1570 O O   . HOH G 3 .   ? -4.023  11.261  14.436  1.00 54.94  ? 331 HOH A O   1 
HETATM 1571 O O   . HOH G 3 .   ? -14.162 -2.427  12.985  1.00 54.76  ? 332 HOH A O   1 
HETATM 1572 O O   . HOH G 3 .   ? -7.777  -8.856  -14.686 1.00 53.47  ? 333 HOH A O   1 
HETATM 1573 O O   . HOH G 3 .   ? -14.247 3.636   -5.964  1.00 57.34  ? 334 HOH A O   1 
HETATM 1574 O O   . HOH G 3 .   ? -15.080 6.916   -12.024 1.00 56.25  ? 335 HOH A O   1 
HETATM 1575 O O   . HOH G 3 .   ? 8.020   -14.217 1.836   1.00 53.34  ? 336 HOH A O   1 
HETATM 1576 O O   . HOH G 3 .   ? 15.013  -5.302  14.029  1.00 57.94  ? 337 HOH A O   1 
HETATM 1577 O O   . HOH G 3 .   ? 9.222   -0.845  15.280  1.00 54.80  ? 338 HOH A O   1 
HETATM 1578 O O   . HOH G 3 .   ? -1.227  -3.958  17.297  1.00 57.34  ? 339 HOH A O   1 
HETATM 1579 O O   . HOH G 3 .   ? 13.056  -8.576  -15.931 1.00 57.40  ? 340 HOH A O   1 
HETATM 1580 O O   . HOH G 3 .   ? 10.280  -4.078  -25.824 1.00 56.25  ? 341 HOH A O   1 
HETATM 1581 O O   . HOH G 3 .   ? 9.772   2.826   6.885   1.00 57.33  ? 342 HOH A O   1 
HETATM 1582 O O   . HOH G 3 .   ? 9.735   4.439   11.951  1.00 58.11  ? 343 HOH A O   1 
HETATM 1583 O O   . HOH G 3 .   ? 6.421   -14.006 8.384   1.00 59.89  ? 344 HOH A O   1 
HETATM 1584 O O   . HOH G 3 .   ? -14.837 4.146   -9.367  1.00 58.49  ? 345 HOH A O   1 
HETATM 1585 O O   . HOH G 3 .   ? -6.647  -16.029 -12.273 1.00 55.14  ? 346 HOH A O   1 
HETATM 1586 O O   . HOH G 3 .   ? -11.919 4.530   -15.025 1.00 56.14  ? 347 HOH A O   1 
HETATM 1587 O O   . HOH G 3 .   ? 10.109  -0.864  -18.662 1.00 61.91  ? 348 HOH A O   1 
HETATM 1588 O O   . HOH G 3 .   ? -2.842  9.463   23.178  1.00 57.81  ? 349 HOH A O   1 
HETATM 1589 O O   . HOH G 3 .   ? -20.021 3.335   5.771   1.00 62.71  ? 350 HOH A O   1 
HETATM 1590 O O   . HOH G 3 .   ? -1.109  15.900  -2.348  1.00 60.96  ? 351 HOH A O   1 
HETATM 1591 O O   . HOH G 3 .   ? 10.286  7.941   12.755  1.00 60.09  ? 352 HOH A O   1 
HETATM 1592 O O   . HOH G 3 .   ? -14.595 -7.229  5.923   1.00 57.46  ? 353 HOH A O   1 
HETATM 1593 O O   . HOH G 3 .   ? -1.686  9.722   18.433  1.00 59.71  ? 354 HOH A O   1 
HETATM 1594 O O   . HOH G 3 .   ? -2.922  11.495  16.669  1.00 60.63  ? 355 HOH A O   1 
HETATM 1595 O O   . HOH G 3 .   ? 7.728   10.931  -11.030 1.00 61.92  ? 356 HOH A O   1 
HETATM 1596 O O   . HOH G 3 .   ? -4.471  14.216  -0.685  1.00 60.51  ? 357 HOH A O   1 
HETATM 1597 O O   . HOH G 3 .   ? 8.980   0.717   -16.342 1.00 61.87  ? 358 HOH A O   1 
HETATM 1598 O O   . HOH G 3 .   ? -3.366  -18.602 -13.378 1.00 62.71  ? 359 HOH A O   1 
HETATM 1599 O O   . HOH G 3 .   ? -6.424  -5.757  14.313  1.00 58.46  ? 360 HOH A O   1 
HETATM 1600 O O   . HOH G 3 .   ? -4.309  12.197  -3.138  1.00 65.46  ? 361 HOH A O   1 
HETATM 1601 O O   . HOH G 3 .   ? -1.368  14.635  -0.036  1.00 62.32  ? 362 HOH A O   1 
HETATM 1602 O O   . HOH G 3 .   ? -4.506  6.850   23.356  1.00 62.52  ? 363 HOH A O   1 
HETATM 1603 O O   . HOH G 3 .   ? 16.569  -8.685  -10.116 1.00 62.61  ? 364 HOH A O   1 
HETATM 1604 O O   . HOH G 3 .   ? 8.666   9.152   10.996  1.00 64.08  ? 365 HOH A O   1 
HETATM 1605 O O   . HOH G 3 .   ? 7.191   7.873   -11.316 1.00 68.94  ? 366 HOH A O   1 
HETATM 1606 O O   . HOH G 3 .   ? -6.264  14.789  -2.590  1.00 66.35  ? 367 HOH A O   1 
HETATM 1607 O O   . HOH G 3 .   ? -17.540 0.025   13.572  1.00 44.96  ? 368 HOH A O   1 
HETATM 1608 O O   . HOH G 3 .   ? 1.695   10.552  11.843  1.00 50.78  ? 369 HOH A O   1 
HETATM 1609 O O   . HOH G 3 .   ? 18.454  0.242   -3.755  1.00 54.76  ? 370 HOH A O   1 
HETATM 1610 O O   . HOH G 3 .   ? 13.166  -17.515 -5.116  1.00 54.04  ? 371 HOH A O   1 
HETATM 1611 O O   . HOH G 3 .   ? 11.289  8.877   -6.802  1.00 59.83  ? 372 HOH A O   1 
HETATM 1612 O O   . HOH G 3 .   ? -0.376  -7.934  -20.875 1.00 60.29  ? 373 HOH A O   1 
HETATM 1613 O O   . HOH G 3 .   ? -4.341  11.935  7.962   1.00 56.32  ? 374 HOH A O   1 
HETATM 1614 O O   . HOH G 3 .   ? 17.318  -3.307  -0.416  1.00 69.00  ? 375 HOH A O   1 
HETATM 1615 O O   . HOH G 3 .   ? -5.911  -13.027 -13.311 1.00 58.52  ? 376 HOH A O   1 
HETATM 1616 O O   . HOH G 3 .   ? 10.599  0.010   9.435   1.00 63.61  ? 377 HOH A O   1 
HETATM 1617 O O   . HOH G 3 .   ? 7.603   -0.148  17.123  1.00 69.29  ? 378 HOH A O   1 
HETATM 1618 O O   . HOH G 3 .   ? -15.406 8.794   -14.086 1.00 67.46  ? 379 HOH A O   1 
HETATM 1619 O O   . HOH G 3 .   ? 14.583  -12.874 1.735   1.00 47.89  ? 380 HOH A O   1 
HETATM 1620 O O   . HOH G 3 .   ? -9.432  15.513  5.074   1.00 61.71  ? 381 HOH A O   1 
HETATM 1621 O O   . HOH G 3 .   ? -4.150  10.322  18.642  1.00 69.44  ? 382 HOH A O   1 
HETATM 1622 O O   . HOH G 3 .   ? -9.301  -7.035  -15.911 1.00 41.24  ? 383 HOH A O   1 
HETATM 1623 O O   . HOH G 3 .   ? -13.819 5.777   -16.358 1.00 67.59  ? 384 HOH A O   1 
HETATM 1624 O O   . HOH G 3 .   ? -10.334 -7.011  -7.503  1.00 69.60  ? 385 HOH A O   1 
HETATM 1625 O O   . HOH G 3 .   ? -5.300  10.124  -1.875  1.00 53.50  ? 386 HOH A O   1 
HETATM 1626 O O   . HOH G 3 .   ? 0.681   17.811  2.169   1.00 69.24  ? 387 HOH A O   1 
HETATM 1627 O O   . HOH G 3 .   ? 19.217  -3.199  -2.094  1.00 64.12  ? 388 HOH A O   1 
HETATM 1628 O O   . HOH G 3 .   ? -1.478  -16.318 -13.837 1.00 63.50  ? 389 HOH A O   1 
HETATM 1629 O O   . HOH G 3 .   ? -20.638 1.338   0.898   0.50 39.38  ? 501 HOH A O   1 
# 
